data_4RUT
#
_entry.id   4RUT
#
_cell.length_a   215.796
_cell.length_b   121.539
_cell.length_c   134.943
_cell.angle_alpha   90.00
_cell.angle_beta   123.60
_cell.angle_gamma   90.00
#
_symmetry.space_group_name_H-M   'C 1 2 1'
#
loop_
_entity.id
_entity.type
_entity.pdbx_description
1 polymer 'Prostaglandin G/H synthase 2'
2 branched 2-acetamido-2-deoxy-beta-D-glucopyranose-(1-4)-2-acetamido-2-deoxy-beta-D-glucopyranose
3 non-polymer 2-acetamido-2-deoxy-beta-D-glucopyranose
4 non-polymer 'PROTOPORPHYRIN IX CONTAINING CO'
5 non-polymer '(5Z,8Z,11Z,13S,14Z)-13-methylicosa-5,8,11,14-tetraenoic acid'
6 non-polymer 'octyl beta-D-glucopyranoside'
7 water water
#
_entity_poly.entity_id   1
_entity_poly.type   'polypeptide(L)'
_entity_poly.pdbx_seq_one_letter_code
;ANPCCSNPCQNRGECMSTGFDQYKCDCTRTGFYGENCTTPEFLTRIKLLLKPTPNTVHYILTHFKGVWNIVNNIPFLRSL
IMKYVLTSRSYLIDSPPTYNVHYGYKSWEAFSNLSYYTRALPPVADDCPTPMGVKGNKELPDSKEVLEKVLLRREFIPDP
QGSNMMFAFFAQHFTHQFFKTDHKRGPGFTRGLGHGVDLNHIYGETLDRQHKLRLFKDGKLKYQVIGGEVYPPTVKDTQV
EMIYPPHIPENLQFAVGQEVFGLVPGLMMYATIWLREHNRVCDILKQEHPEWGDEQLFQTSRLILIGETIKIVIEDYVQH
LSGYHFKLKFDPELLFNQQFQYQNRIASEFNTLYHWHPLLPDTFNIEDQEYSFKQFLYNNSILLEHGLTQFVESFTRQIA
GRVAGGRNVPIAVQAVAKASIDQSREMKYQSLNEYRKRFSLKPYTSFEELTGEKEMAAELKALYSDIDVMELYPALLVEK
PRPDAIFGETMVELGAPFSLKGLMGNPICSPQYWKPSTFGGEVGFKIINTASIQSLICNNVKGCPFTSFNVQDPQPTKTA
TINASASHSRLDDINPTVLIKRRSTEL
;
_entity_poly.pdbx_strand_id   A,B,C,D
#
# COMPACT_ATOMS: atom_id res chain seq x y z
N ALA A 1 -23.43 -2.95 16.97
CA ALA A 1 -22.38 -1.96 17.17
C ALA A 1 -21.12 -2.30 16.37
N ASN A 2 -20.83 -3.59 16.24
CA ASN A 2 -19.65 -4.05 15.50
C ASN A 2 -19.73 -3.56 14.07
N PRO A 3 -18.73 -2.78 13.63
CA PRO A 3 -18.73 -2.21 12.27
C PRO A 3 -18.59 -3.24 11.15
N CYS A 4 -18.27 -4.47 11.50
CA CYS A 4 -18.16 -5.52 10.50
C CYS A 4 -19.46 -6.32 10.36
N CYS A 5 -20.51 -5.86 11.04
CA CYS A 5 -21.77 -6.60 11.08
C CYS A 5 -22.46 -6.69 9.72
N SER A 6 -22.22 -5.73 8.84
CA SER A 6 -22.87 -5.72 7.53
C SER A 6 -22.12 -6.55 6.48
N ASN A 7 -21.06 -7.26 6.91
CA ASN A 7 -20.19 -8.00 5.99
C ASN A 7 -19.66 -7.16 4.84
N PRO A 8 -18.99 -6.03 5.15
CA PRO A 8 -18.65 -5.08 4.10
C PRO A 8 -17.56 -5.57 3.14
N CYS A 9 -16.63 -6.41 3.59
CA CYS A 9 -15.54 -6.89 2.73
C CYS A 9 -16.00 -7.93 1.71
N GLN A 10 -15.71 -7.68 0.43
CA GLN A 10 -16.08 -8.60 -0.65
C GLN A 10 -14.91 -9.48 -1.09
N ASN A 11 -15.21 -10.49 -1.89
CA ASN A 11 -14.18 -11.31 -2.55
C ASN A 11 -13.16 -11.96 -1.59
N ARG A 12 -13.68 -12.37 -0.43
CA ARG A 12 -12.94 -13.08 0.59
C ARG A 12 -11.94 -12.21 1.34
N GLY A 13 -12.05 -10.90 1.20
CA GLY A 13 -11.31 -9.99 2.06
C GLY A 13 -11.75 -10.20 3.50
N GLU A 14 -10.84 -9.99 4.44
CA GLU A 14 -11.21 -10.19 5.84
C GLU A 14 -11.45 -8.85 6.51
N CYS A 15 -12.55 -8.79 7.26
CA CYS A 15 -12.96 -7.56 7.92
C CYS A 15 -12.40 -7.49 9.34
N MET A 16 -11.87 -6.34 9.70
CA MET A 16 -11.31 -6.15 11.03
C MET A 16 -11.80 -4.80 11.54
N SER A 17 -12.29 -4.72 12.78
CA SER A 17 -12.63 -3.40 13.34
C SER A 17 -11.36 -2.61 13.72
N THR A 18 -11.44 -1.29 13.56
CA THR A 18 -10.30 -0.43 13.88
C THR A 18 -10.67 0.68 14.86
N GLY A 19 -11.74 0.47 15.62
CA GLY A 19 -12.29 1.45 16.54
C GLY A 19 -13.73 1.00 16.73
N PHE A 20 -14.52 1.73 17.50
CA PHE A 20 -15.87 1.27 17.80
C PHE A 20 -16.82 1.29 16.61
N ASP A 21 -16.56 2.19 15.67
CA ASP A 21 -17.44 2.38 14.53
C ASP A 21 -16.70 2.48 13.19
N GLN A 22 -15.51 1.87 13.11
CA GLN A 22 -14.74 1.84 11.88
C GLN A 22 -14.15 0.43 11.61
N TYR A 23 -13.97 0.10 10.33
CA TYR A 23 -13.37 -1.17 9.92
C TYR A 23 -12.31 -0.98 8.85
N LYS A 24 -11.57 -2.05 8.60
CA LYS A 24 -10.56 -2.09 7.55
C LYS A 24 -10.65 -3.47 6.91
N CYS A 25 -10.59 -3.52 5.59
CA CYS A 25 -10.62 -4.80 4.89
C CYS A 25 -9.22 -5.23 4.52
N ASP A 26 -8.88 -6.48 4.84
CA ASP A 26 -7.62 -7.06 4.43
C ASP A 26 -7.79 -7.77 3.09
N CYS A 27 -7.27 -7.15 2.04
CA CYS A 27 -7.44 -7.63 0.66
C CYS A 27 -6.31 -8.52 0.17
N THR A 28 -5.39 -8.87 1.08
CA THR A 28 -4.24 -9.71 0.77
C THR A 28 -4.57 -10.94 -0.07
N ARG A 29 -3.96 -11.02 -1.25
CA ARG A 29 -4.08 -12.18 -2.14
C ARG A 29 -5.52 -12.50 -2.55
N THR A 30 -6.43 -11.52 -2.51
CA THR A 30 -7.78 -11.77 -2.99
C THR A 30 -7.90 -11.60 -4.50
N GLY A 31 -6.96 -10.85 -5.07
CA GLY A 31 -7.00 -10.48 -6.48
C GLY A 31 -7.70 -9.14 -6.64
N PHE A 32 -8.12 -8.57 -5.51
CA PHE A 32 -8.84 -7.30 -5.48
C PHE A 32 -8.20 -6.32 -4.49
N TYR A 33 -8.40 -5.03 -4.71
CA TYR A 33 -7.99 -4.03 -3.73
C TYR A 33 -9.10 -2.99 -3.54
N GLY A 34 -8.81 -1.95 -2.76
CA GLY A 34 -9.80 -0.95 -2.44
C GLY A 34 -10.48 -1.23 -1.11
N GLU A 35 -11.26 -0.26 -0.64
CA GLU A 35 -11.85 -0.28 0.71
C GLU A 35 -12.60 -1.57 1.06
N ASN A 36 -13.44 -2.08 0.16
CA ASN A 36 -14.12 -3.36 0.40
C ASN A 36 -13.60 -4.51 -0.48
N CYS A 37 -12.38 -4.37 -1.01
CA CYS A 37 -11.82 -5.36 -1.95
C CYS A 37 -12.71 -5.62 -3.16
N THR A 38 -13.12 -4.56 -3.87
CA THR A 38 -13.97 -4.73 -5.05
C THR A 38 -13.30 -4.25 -6.35
N THR A 39 -12.15 -3.61 -6.24
CA THR A 39 -11.41 -3.14 -7.41
C THR A 39 -10.45 -4.25 -7.86
N PRO A 40 -10.74 -4.88 -9.01
CA PRO A 40 -9.95 -6.05 -9.44
C PRO A 40 -8.57 -5.69 -10.00
N GLU A 41 -7.56 -6.50 -9.66
CA GLU A 41 -6.24 -6.34 -10.28
C GLU A 41 -6.33 -6.72 -11.75
N PHE A 42 -5.30 -6.38 -12.52
CA PHE A 42 -5.40 -6.59 -13.96
C PHE A 42 -5.56 -8.07 -14.31
N LEU A 43 -4.82 -8.93 -13.64
CA LEU A 43 -4.88 -10.35 -13.92
C LEU A 43 -6.26 -10.89 -13.57
N THR A 44 -6.89 -10.23 -12.61
CA THR A 44 -8.20 -10.63 -12.13
C THR A 44 -9.29 -10.34 -13.16
N ARG A 45 -9.18 -9.19 -13.82
CA ARG A 45 -10.15 -8.78 -14.83
C ARG A 45 -10.18 -9.80 -15.94
N ILE A 46 -8.98 -10.27 -16.29
CA ILE A 46 -8.82 -11.30 -17.31
C ILE A 46 -9.43 -12.63 -16.91
N LYS A 47 -9.05 -13.16 -15.75
CA LYS A 47 -9.61 -14.42 -15.30
C LYS A 47 -11.13 -14.34 -15.20
N LEU A 48 -11.65 -13.19 -14.80
CA LEU A 48 -13.08 -12.99 -14.69
C LEU A 48 -13.75 -13.11 -16.06
N LEU A 49 -13.13 -12.49 -17.06
CA LEU A 49 -13.65 -12.48 -18.43
C LEU A 49 -13.65 -13.89 -19.04
N LEU A 50 -12.67 -14.69 -18.64
CA LEU A 50 -12.52 -16.02 -19.19
C LEU A 50 -13.40 -17.06 -18.49
N LYS A 51 -13.31 -17.10 -17.16
CA LYS A 51 -14.01 -18.10 -16.36
C LYS A 51 -15.52 -18.15 -16.58
N PRO A 52 -16.02 -19.30 -17.06
CA PRO A 52 -17.45 -19.54 -17.30
C PRO A 52 -18.20 -19.83 -16.00
N THR A 53 -19.50 -19.56 -16.00
CA THR A 53 -20.36 -19.80 -14.84
C THR A 53 -20.54 -21.30 -14.56
N PRO A 54 -20.84 -21.66 -13.32
CA PRO A 54 -21.07 -23.06 -12.98
C PRO A 54 -22.24 -23.71 -13.71
N ASN A 55 -23.30 -22.97 -14.01
CA ASN A 55 -24.41 -23.54 -14.75
C ASN A 55 -23.98 -23.83 -16.19
N THR A 56 -23.07 -23.01 -16.71
CA THR A 56 -22.55 -23.23 -18.06
C THR A 56 -21.70 -24.49 -18.13
N VAL A 57 -20.74 -24.62 -17.21
CA VAL A 57 -19.89 -25.81 -17.15
C VAL A 57 -20.75 -27.06 -16.93
N HIS A 58 -21.75 -26.97 -16.08
CA HIS A 58 -22.64 -28.11 -15.85
C HIS A 58 -23.35 -28.54 -17.13
N TYR A 59 -23.79 -27.57 -17.93
CA TYR A 59 -24.43 -27.90 -19.20
C TYR A 59 -23.51 -28.73 -20.05
N ILE A 60 -22.26 -28.31 -20.15
CA ILE A 60 -21.28 -28.99 -20.98
C ILE A 60 -21.02 -30.40 -20.48
N LEU A 61 -21.01 -30.59 -19.17
CA LEU A 61 -20.71 -31.89 -18.60
C LEU A 61 -21.88 -32.87 -18.71
N THR A 62 -23.08 -32.36 -18.92
CA THR A 62 -24.26 -33.24 -18.95
C THR A 62 -24.86 -33.33 -20.37
N HIS A 63 -24.18 -32.75 -21.33
CA HIS A 63 -24.57 -32.88 -22.73
C HIS A 63 -23.38 -33.36 -23.54
N PHE A 64 -23.54 -33.40 -24.85
CA PHE A 64 -22.50 -33.86 -25.75
C PHE A 64 -22.06 -35.26 -25.36
N LYS A 65 -23.04 -36.11 -25.05
CA LYS A 65 -22.75 -37.45 -24.55
C LYS A 65 -21.82 -38.23 -25.49
N GLY A 66 -22.02 -38.05 -26.79
CA GLY A 66 -21.17 -38.67 -27.79
C GLY A 66 -19.72 -38.24 -27.64
N VAL A 67 -19.49 -36.96 -27.41
CA VAL A 67 -18.14 -36.42 -27.25
C VAL A 67 -17.48 -36.95 -25.97
N TRP A 68 -18.23 -36.99 -24.88
CA TRP A 68 -17.73 -37.52 -23.64
C TRP A 68 -17.40 -38.99 -23.77
N ASN A 69 -18.06 -39.67 -24.70
CA ASN A 69 -17.84 -41.10 -24.81
C ASN A 69 -16.51 -41.36 -25.50
N ILE A 70 -16.09 -40.41 -26.33
CA ILE A 70 -14.74 -40.44 -26.90
C ILE A 70 -13.68 -40.14 -25.86
N VAL A 71 -13.90 -39.05 -25.12
CA VAL A 71 -12.97 -38.61 -24.09
C VAL A 71 -12.76 -39.67 -23.02
N ASN A 72 -13.84 -40.32 -22.59
CA ASN A 72 -13.74 -41.32 -21.53
C ASN A 72 -12.83 -42.49 -21.90
N ASN A 73 -12.73 -42.77 -23.20
CA ASN A 73 -11.93 -43.88 -23.69
C ASN A 73 -10.51 -43.51 -24.11
N ILE A 74 -10.10 -42.27 -23.83
CA ILE A 74 -8.72 -41.84 -24.04
C ILE A 74 -8.09 -41.55 -22.69
N PRO A 75 -7.35 -42.54 -22.16
CA PRO A 75 -6.78 -42.51 -20.81
C PRO A 75 -6.07 -41.20 -20.50
N PHE A 76 -5.18 -40.77 -21.40
CA PHE A 76 -4.46 -39.53 -21.20
C PHE A 76 -5.42 -38.36 -21.04
N LEU A 77 -6.44 -38.31 -21.89
CA LEU A 77 -7.38 -37.20 -21.88
C LEU A 77 -8.28 -37.26 -20.64
N ARG A 78 -8.84 -38.42 -20.36
CA ARG A 78 -9.68 -38.60 -19.18
C ARG A 78 -8.97 -38.19 -17.90
N SER A 79 -7.68 -38.55 -17.81
CA SER A 79 -6.85 -38.21 -16.65
C SER A 79 -6.70 -36.70 -16.53
N LEU A 80 -6.41 -36.07 -17.65
CA LEU A 80 -6.17 -34.64 -17.72
C LEU A 80 -7.41 -33.86 -17.23
N ILE A 81 -8.57 -34.29 -17.69
CA ILE A 81 -9.80 -33.60 -17.35
C ILE A 81 -10.15 -33.81 -15.85
N MET A 82 -10.00 -35.03 -15.35
CA MET A 82 -10.21 -35.27 -13.93
C MET A 82 -9.28 -34.40 -13.07
N LYS A 83 -8.06 -34.19 -13.56
CA LYS A 83 -7.10 -33.35 -12.88
C LYS A 83 -7.65 -31.93 -12.74
N TYR A 84 -8.26 -31.40 -13.81
CA TYR A 84 -8.87 -30.07 -13.74
C TYR A 84 -10.05 -30.06 -12.77
N VAL A 85 -10.88 -31.11 -12.81
CA VAL A 85 -12.01 -31.25 -11.90
C VAL A 85 -11.56 -31.13 -10.47
N LEU A 86 -10.48 -31.86 -10.14
CA LEU A 86 -9.90 -31.85 -8.80
C LEU A 86 -9.31 -30.51 -8.39
N THR A 87 -8.62 -29.83 -9.32
CA THR A 87 -7.89 -28.63 -8.93
C THR A 87 -8.76 -27.39 -8.99
N SER A 88 -9.74 -27.38 -9.90
CA SER A 88 -10.66 -26.26 -9.99
C SER A 88 -11.48 -26.11 -8.72
N ARG A 89 -11.62 -27.19 -7.95
CA ARG A 89 -12.33 -27.13 -6.67
C ARG A 89 -11.43 -26.66 -5.50
N SER A 90 -10.11 -26.79 -5.63
CA SER A 90 -9.18 -26.53 -4.51
C SER A 90 -9.25 -25.15 -3.85
N TYR A 91 -9.25 -24.09 -4.64
CA TYR A 91 -9.12 -22.74 -4.09
C TYR A 91 -10.26 -22.26 -3.16
N LEU A 92 -11.28 -23.07 -2.98
CA LEU A 92 -12.45 -22.63 -2.21
C LEU A 92 -12.40 -22.91 -0.73
N ILE A 93 -11.63 -23.91 -0.32
CA ILE A 93 -11.62 -24.33 1.09
C ILE A 93 -10.40 -23.83 1.87
N ASP A 94 -10.66 -23.27 3.05
CA ASP A 94 -9.59 -22.88 3.97
C ASP A 94 -8.94 -24.12 4.56
N SER A 95 -7.65 -24.26 4.32
CA SER A 95 -6.89 -25.38 4.82
C SER A 95 -5.42 -25.00 5.01
N PRO A 96 -4.93 -24.95 6.26
CA PRO A 96 -5.54 -25.20 7.58
C PRO A 96 -6.83 -24.41 7.85
N PRO A 97 -7.72 -24.96 8.66
CA PRO A 97 -9.03 -24.33 8.85
C PRO A 97 -8.94 -23.05 9.69
N THR A 98 -9.99 -22.23 9.61
CA THR A 98 -10.04 -20.94 10.26
C THR A 98 -11.15 -20.85 11.29
N TYR A 99 -12.33 -20.43 10.88
CA TYR A 99 -13.35 -20.07 11.86
C TYR A 99 -14.12 -21.26 12.45
N ASN A 100 -14.85 -21.01 13.52
CA ASN A 100 -15.81 -21.97 14.02
C ASN A 100 -16.91 -21.18 14.71
N VAL A 101 -17.82 -21.88 15.39
CA VAL A 101 -19.03 -21.21 15.86
C VAL A 101 -18.72 -20.11 16.88
N HIS A 102 -17.61 -20.26 17.60
CA HIS A 102 -17.24 -19.30 18.63
C HIS A 102 -16.20 -18.29 18.17
N TYR A 103 -15.54 -18.53 17.04
CA TYR A 103 -14.51 -17.59 16.63
C TYR A 103 -14.71 -17.06 15.22
N GLY A 104 -15.06 -15.76 15.15
CA GLY A 104 -15.20 -15.04 13.90
C GLY A 104 -13.91 -14.34 13.47
N TYR A 105 -12.84 -14.60 14.22
CA TYR A 105 -11.48 -14.18 13.86
C TYR A 105 -10.60 -15.40 14.01
N LYS A 106 -9.48 -15.44 13.30
CA LYS A 106 -8.58 -16.58 13.42
C LYS A 106 -7.97 -16.60 14.80
N SER A 107 -7.87 -17.78 15.39
CA SER A 107 -7.25 -17.94 16.70
C SER A 107 -6.69 -19.33 16.92
N TRP A 108 -5.76 -19.48 17.85
CA TRP A 108 -5.16 -20.77 18.09
C TRP A 108 -6.19 -21.77 18.61
N GLU A 109 -7.14 -21.26 19.38
CA GLU A 109 -8.20 -22.10 19.89
C GLU A 109 -9.01 -22.68 18.75
N ALA A 110 -9.40 -21.84 17.80
CA ALA A 110 -10.19 -22.32 16.65
C ALA A 110 -9.39 -23.31 15.80
N PHE A 111 -8.11 -23.02 15.57
CA PHE A 111 -7.33 -23.95 14.78
C PHE A 111 -7.15 -25.31 15.47
N SER A 112 -6.88 -25.28 16.77
CA SER A 112 -6.37 -26.45 17.46
C SER A 112 -7.44 -27.35 18.08
N ASN A 113 -8.60 -26.80 18.41
CA ASN A 113 -9.62 -27.59 19.09
C ASN A 113 -10.48 -28.42 18.09
N LEU A 114 -10.20 -29.71 18.05
CA LEU A 114 -10.80 -30.63 17.08
C LEU A 114 -12.27 -30.98 17.39
N SER A 115 -12.77 -30.54 18.55
CA SER A 115 -14.15 -30.81 18.93
C SER A 115 -15.14 -29.90 18.19
N TYR A 116 -14.67 -28.83 17.57
CA TYR A 116 -15.51 -27.96 16.76
C TYR A 116 -15.65 -28.46 15.33
N TYR A 117 -16.85 -28.36 14.75
CA TYR A 117 -16.94 -28.25 13.30
C TYR A 117 -16.26 -26.94 12.88
N THR A 118 -15.56 -26.89 11.75
CA THR A 118 -15.03 -25.60 11.31
C THR A 118 -16.14 -24.85 10.52
N ARG A 119 -15.87 -23.61 10.14
CA ARG A 119 -16.89 -22.80 9.46
C ARG A 119 -16.33 -22.16 8.20
N ALA A 120 -16.99 -22.40 7.06
CA ALA A 120 -16.57 -21.75 5.81
C ALA A 120 -16.76 -20.24 5.84
N LEU A 121 -17.79 -19.78 6.56
CA LEU A 121 -17.99 -18.36 6.80
C LEU A 121 -18.10 -18.18 8.30
N PRO A 122 -17.42 -17.13 8.81
CA PRO A 122 -17.49 -16.78 10.23
C PRO A 122 -18.93 -16.53 10.66
N PRO A 123 -19.23 -16.73 11.94
CA PRO A 123 -20.57 -16.45 12.43
C PRO A 123 -20.85 -14.95 12.45
N VAL A 124 -22.13 -14.60 12.35
CA VAL A 124 -22.55 -13.23 12.58
C VAL A 124 -22.30 -12.88 14.06
N ALA A 125 -21.62 -11.75 14.30
CA ALA A 125 -21.28 -11.34 15.66
C ALA A 125 -22.52 -11.19 16.56
N ASP A 126 -22.36 -11.52 17.83
CA ASP A 126 -23.46 -11.48 18.78
C ASP A 126 -24.14 -10.12 18.85
N ASP A 127 -23.38 -9.05 18.73
CA ASP A 127 -23.95 -7.73 18.94
C ASP A 127 -24.37 -7.05 17.64
N CYS A 128 -24.54 -7.81 16.57
CA CYS A 128 -25.11 -7.25 15.35
C CYS A 128 -26.59 -7.02 15.63
N PRO A 129 -27.17 -5.93 15.08
CA PRO A 129 -28.60 -5.59 15.31
C PRO A 129 -29.60 -6.60 14.73
N THR A 130 -29.22 -7.35 13.70
CA THR A 130 -30.13 -8.33 13.10
C THR A 130 -29.44 -9.69 12.94
N PRO A 131 -30.24 -10.77 12.87
CA PRO A 131 -29.67 -12.13 12.76
C PRO A 131 -28.70 -12.30 11.59
N MET A 132 -28.96 -11.62 10.47
CA MET A 132 -28.09 -11.71 9.31
C MET A 132 -26.98 -10.64 9.31
N GLY A 133 -27.02 -9.74 10.30
CA GLY A 133 -26.04 -8.68 10.41
C GLY A 133 -26.72 -7.35 10.62
N VAL A 134 -27.06 -6.67 9.53
CA VAL A 134 -27.80 -5.39 9.61
C VAL A 134 -29.08 -5.41 8.76
N LYS A 135 -29.16 -6.32 7.79
CA LYS A 135 -30.34 -6.41 6.92
C LYS A 135 -31.46 -7.19 7.60
N GLY A 136 -32.69 -6.99 7.12
CA GLY A 136 -33.83 -7.72 7.61
C GLY A 136 -34.42 -7.17 8.89
N ASN A 137 -35.33 -7.92 9.48
CA ASN A 137 -36.00 -7.49 10.71
C ASN A 137 -35.25 -8.00 11.92
N LYS A 138 -35.63 -7.50 13.09
CA LYS A 138 -35.00 -7.86 14.35
C LYS A 138 -35.01 -9.38 14.59
N GLU A 139 -36.03 -10.07 14.09
CA GLU A 139 -36.07 -11.52 14.14
C GLU A 139 -36.39 -12.13 12.78
N LEU A 140 -35.84 -13.32 12.54
CA LEU A 140 -36.11 -14.09 11.33
C LEU A 140 -37.52 -14.66 11.43
N PRO A 141 -38.13 -15.01 10.27
CA PRO A 141 -39.51 -15.50 10.30
C PRO A 141 -39.62 -16.83 11.06
N ASP A 142 -40.79 -17.10 11.64
CA ASP A 142 -41.05 -18.33 12.38
C ASP A 142 -40.60 -19.57 11.60
N SER A 143 -39.79 -20.43 12.23
CA SER A 143 -39.27 -21.61 11.53
C SER A 143 -40.39 -22.60 11.21
N LYS A 144 -41.40 -22.69 12.08
CA LYS A 144 -42.57 -23.51 11.80
C LYS A 144 -43.32 -23.10 10.52
N GLU A 145 -43.42 -21.79 10.30
CA GLU A 145 -44.08 -21.27 9.09
C GLU A 145 -43.25 -21.59 7.85
N VAL A 146 -41.94 -21.38 7.91
CA VAL A 146 -41.09 -21.73 6.78
C VAL A 146 -41.20 -23.22 6.47
N LEU A 147 -41.03 -24.03 7.51
CA LEU A 147 -41.16 -25.48 7.40
C LEU A 147 -42.47 -25.87 6.70
N GLU A 148 -43.59 -25.41 7.25
CA GLU A 148 -44.87 -25.85 6.76
C GLU A 148 -45.18 -25.32 5.37
N LYS A 149 -44.84 -24.08 5.07
CA LYS A 149 -45.28 -23.48 3.81
C LYS A 149 -44.43 -23.94 2.59
N VAL A 150 -43.13 -24.14 2.77
CA VAL A 150 -42.30 -24.51 1.60
C VAL A 150 -41.41 -25.76 1.71
N LEU A 151 -41.37 -26.41 2.86
CA LEU A 151 -40.51 -27.59 2.99
C LEU A 151 -41.29 -28.90 3.10
N LEU A 152 -42.42 -28.89 3.79
CA LEU A 152 -43.12 -30.13 4.05
C LEU A 152 -43.69 -30.75 2.76
N ARG A 153 -43.61 -32.08 2.69
CA ARG A 153 -44.06 -32.83 1.53
C ARG A 153 -45.59 -32.91 1.49
N ARG A 154 -46.17 -32.62 0.33
CA ARG A 154 -47.60 -32.87 0.11
C ARG A 154 -47.69 -34.21 -0.59
N GLU A 155 -47.46 -34.21 -1.90
CA GLU A 155 -47.28 -35.47 -2.62
C GLU A 155 -45.80 -35.79 -2.70
N PHE A 156 -45.46 -37.08 -2.65
CA PHE A 156 -44.07 -37.51 -2.82
C PHE A 156 -43.58 -37.09 -4.19
N ILE A 157 -42.46 -36.38 -4.24
CA ILE A 157 -41.89 -35.97 -5.52
C ILE A 157 -40.64 -36.82 -5.79
N PRO A 158 -40.73 -37.74 -6.75
CA PRO A 158 -39.60 -38.63 -7.02
C PRO A 158 -38.42 -37.87 -7.62
N ASP A 159 -37.21 -38.33 -7.30
CA ASP A 159 -36.00 -37.79 -7.90
C ASP A 159 -35.96 -38.13 -9.38
N PRO A 160 -35.86 -37.12 -10.25
CA PRO A 160 -35.78 -37.35 -11.70
C PRO A 160 -34.47 -37.98 -12.18
N GLN A 161 -33.40 -37.89 -11.39
CA GLN A 161 -32.15 -38.58 -11.73
C GLN A 161 -32.20 -40.05 -11.38
N GLY A 162 -33.30 -40.48 -10.79
CA GLY A 162 -33.50 -41.89 -10.52
C GLY A 162 -32.77 -42.43 -9.30
N SER A 163 -32.34 -41.58 -8.36
CA SER A 163 -31.67 -42.07 -7.15
C SER A 163 -32.58 -43.05 -6.44
N ASN A 164 -32.00 -44.15 -5.93
CA ASN A 164 -32.80 -45.17 -5.27
C ASN A 164 -32.46 -45.24 -3.76
N MET A 165 -32.99 -46.25 -3.09
CA MET A 165 -32.80 -46.36 -1.65
C MET A 165 -31.42 -46.92 -1.27
N MET A 166 -30.77 -47.66 -2.18
CA MET A 166 -29.36 -48.02 -2.00
C MET A 166 -28.55 -46.75 -1.88
N PHE A 167 -28.84 -45.79 -2.75
CA PHE A 167 -28.15 -44.51 -2.72
C PHE A 167 -28.45 -43.76 -1.42
N ALA A 168 -29.73 -43.63 -1.08
CA ALA A 168 -30.09 -42.84 0.10
C ALA A 168 -29.41 -43.38 1.38
N PHE A 169 -29.45 -44.70 1.60
CA PHE A 169 -28.88 -45.28 2.81
C PHE A 169 -27.35 -45.29 2.75
N PHE A 170 -26.79 -45.37 1.54
CA PHE A 170 -25.36 -45.23 1.41
C PHE A 170 -24.93 -43.84 1.85
N ALA A 171 -25.65 -42.84 1.38
CA ALA A 171 -25.40 -41.45 1.76
C ALA A 171 -25.45 -41.29 3.29
N GLN A 172 -26.50 -41.80 3.89
CA GLN A 172 -26.64 -41.69 5.34
C GLN A 172 -25.50 -42.39 6.09
N HIS A 173 -25.20 -43.62 5.66
CA HIS A 173 -24.21 -44.46 6.31
C HIS A 173 -22.82 -43.85 6.21
N PHE A 174 -22.42 -43.53 4.98
CA PHE A 174 -21.12 -42.91 4.72
C PHE A 174 -20.91 -41.57 5.47
N THR A 175 -21.88 -40.67 5.38
CA THR A 175 -21.68 -39.35 5.97
C THR A 175 -21.70 -39.41 7.47
N HIS A 176 -22.32 -40.45 8.04
CA HIS A 176 -22.46 -40.44 9.48
C HIS A 176 -21.18 -40.90 10.20
N GLN A 177 -20.09 -41.08 9.46
CA GLN A 177 -18.81 -41.23 10.14
C GLN A 177 -18.20 -39.87 10.43
N PHE A 178 -18.55 -38.84 9.66
CA PHE A 178 -17.97 -37.53 9.98
C PHE A 178 -18.99 -36.43 10.34
N PHE A 179 -20.29 -36.68 10.14
CA PHE A 179 -21.31 -35.84 10.75
C PHE A 179 -21.80 -36.54 11.99
N LYS A 180 -21.25 -36.17 13.14
CA LYS A 180 -21.57 -36.84 14.40
C LYS A 180 -21.69 -35.80 15.51
N THR A 181 -22.76 -35.02 15.47
CA THR A 181 -22.86 -33.87 16.35
C THR A 181 -22.88 -34.25 17.82
N ASP A 182 -22.04 -33.57 18.61
CA ASP A 182 -21.96 -33.73 20.05
C ASP A 182 -23.00 -32.83 20.74
N HIS A 183 -24.22 -33.35 20.90
CA HIS A 183 -25.34 -32.57 21.44
C HIS A 183 -25.12 -32.15 22.89
N LYS A 184 -24.20 -32.81 23.60
CA LYS A 184 -23.89 -32.36 24.95
C LYS A 184 -23.23 -30.99 24.92
N ARG A 185 -22.52 -30.67 23.84
CA ARG A 185 -21.79 -29.40 23.75
C ARG A 185 -22.57 -28.37 22.94
N GLY A 186 -23.23 -28.81 21.88
CA GLY A 186 -24.03 -27.93 21.05
C GLY A 186 -23.88 -28.30 19.58
N PRO A 187 -24.68 -27.67 18.72
CA PRO A 187 -24.74 -28.06 17.30
C PRO A 187 -23.43 -27.80 16.54
N GLY A 188 -22.60 -26.88 17.03
CA GLY A 188 -21.35 -26.56 16.37
C GLY A 188 -20.19 -27.46 16.76
N PHE A 189 -20.49 -28.56 17.46
CA PHE A 189 -19.43 -29.47 17.95
C PHE A 189 -19.62 -30.85 17.37
N THR A 190 -18.52 -31.57 17.18
CA THR A 190 -18.56 -32.91 16.59
C THR A 190 -17.88 -33.94 17.50
N ARG A 191 -18.29 -35.21 17.39
CA ARG A 191 -17.58 -36.29 18.08
C ARG A 191 -16.62 -37.00 17.13
N GLY A 192 -16.64 -36.61 15.86
CA GLY A 192 -15.80 -37.26 14.87
C GLY A 192 -14.44 -36.60 14.77
N LEU A 193 -13.57 -36.92 15.72
CA LEU A 193 -12.32 -36.17 15.85
C LEU A 193 -11.32 -36.41 14.72
N GLY A 194 -11.55 -37.46 13.94
CA GLY A 194 -10.76 -37.69 12.73
C GLY A 194 -11.15 -36.77 11.59
N HIS A 195 -12.33 -36.19 11.69
CA HIS A 195 -12.78 -35.17 10.73
C HIS A 195 -12.70 -35.64 9.26
N GLY A 196 -13.10 -36.88 9.01
CA GLY A 196 -13.11 -37.38 7.66
C GLY A 196 -13.40 -38.86 7.54
N VAL A 197 -12.92 -39.44 6.45
CA VAL A 197 -13.20 -40.85 6.13
C VAL A 197 -12.22 -41.77 6.84
N ASP A 198 -12.47 -42.05 8.11
CA ASP A 198 -11.56 -42.95 8.84
C ASP A 198 -12.25 -44.28 9.14
N LEU A 199 -13.51 -44.38 8.74
CA LEU A 199 -14.35 -45.57 8.93
C LEU A 199 -14.51 -45.90 10.40
N ASN A 200 -14.53 -44.85 11.22
CA ASN A 200 -14.85 -45.05 12.61
C ASN A 200 -16.28 -45.59 12.76
N HIS A 201 -17.11 -45.43 11.73
CA HIS A 201 -18.48 -45.93 11.83
C HIS A 201 -18.53 -47.43 11.72
N ILE A 202 -17.39 -48.04 11.34
CA ILE A 202 -17.22 -49.49 11.33
C ILE A 202 -16.35 -49.95 12.49
N TYR A 203 -15.27 -49.22 12.73
CA TYR A 203 -14.24 -49.68 13.65
C TYR A 203 -14.33 -49.05 15.03
N GLY A 204 -15.18 -48.04 15.19
CA GLY A 204 -15.28 -47.33 16.45
C GLY A 204 -14.40 -46.10 16.47
N GLU A 205 -14.83 -45.06 17.19
CA GLU A 205 -14.10 -43.81 17.28
C GLU A 205 -12.89 -43.94 18.22
N THR A 206 -13.04 -44.72 19.30
CA THR A 206 -12.00 -44.88 20.29
C THR A 206 -11.42 -46.29 20.22
N LEU A 207 -10.19 -46.42 20.72
CA LEU A 207 -9.46 -47.69 20.72
C LEU A 207 -10.17 -48.77 21.52
N ASP A 208 -10.69 -48.39 22.68
CA ASP A 208 -11.43 -49.34 23.54
C ASP A 208 -12.64 -49.91 22.85
N ARG A 209 -13.35 -49.07 22.12
CA ARG A 209 -14.52 -49.53 21.38
C ARG A 209 -14.06 -50.45 20.24
N GLN A 210 -12.96 -50.07 19.56
CA GLN A 210 -12.41 -50.91 18.49
C GLN A 210 -12.05 -52.32 18.97
N HIS A 211 -11.43 -52.40 20.15
CA HIS A 211 -10.98 -53.67 20.69
C HIS A 211 -12.17 -54.54 21.08
N LYS A 212 -13.25 -53.93 21.55
CA LYS A 212 -14.46 -54.67 21.85
C LYS A 212 -15.08 -55.24 20.58
N LEU A 213 -14.88 -54.59 19.44
CA LEU A 213 -15.46 -55.05 18.15
C LEU A 213 -14.60 -56.09 17.42
N ARG A 214 -13.34 -56.19 17.83
CA ARG A 214 -12.40 -57.09 17.14
C ARG A 214 -12.38 -58.51 17.68
N LEU A 215 -12.16 -59.45 16.78
CA LEU A 215 -12.02 -60.86 17.17
C LEU A 215 -10.62 -61.17 17.75
N PHE A 216 -9.62 -60.38 17.35
CA PHE A 216 -8.20 -60.63 17.65
C PHE A 216 -7.70 -61.99 17.16
N LYS A 217 -8.37 -62.51 16.14
CA LYS A 217 -7.83 -63.59 15.32
C LYS A 217 -7.95 -63.20 13.86
N ASP A 218 -6.86 -63.39 13.11
CA ASP A 218 -6.85 -63.16 11.67
C ASP A 218 -7.22 -61.76 11.22
N GLY A 219 -7.09 -60.79 12.12
CA GLY A 219 -7.36 -59.40 11.79
C GLY A 219 -8.85 -59.05 11.79
N LYS A 220 -9.69 -60.03 12.11
CA LYS A 220 -11.13 -59.92 11.86
C LYS A 220 -11.92 -59.16 12.93
N LEU A 221 -13.12 -58.71 12.55
CA LEU A 221 -14.09 -58.14 13.47
C LEU A 221 -14.99 -59.28 13.95
N LYS A 222 -15.49 -59.17 15.19
CA LYS A 222 -16.43 -60.15 15.74
C LYS A 222 -17.72 -60.13 14.91
N TYR A 223 -18.38 -61.27 14.82
CA TYR A 223 -19.62 -61.37 14.08
C TYR A 223 -20.43 -62.52 14.67
N GLN A 224 -21.69 -62.63 14.27
CA GLN A 224 -22.47 -63.80 14.61
C GLN A 224 -23.05 -64.39 13.32
N VAL A 225 -23.44 -65.66 13.39
CA VAL A 225 -24.05 -66.32 12.27
C VAL A 225 -25.51 -66.64 12.61
N ILE A 226 -26.43 -66.05 11.85
CA ILE A 226 -27.85 -66.27 12.06
C ILE A 226 -28.45 -66.87 10.79
N GLY A 227 -28.97 -68.09 10.91
CA GLY A 227 -29.50 -68.82 9.76
C GLY A 227 -28.48 -68.94 8.63
N GLY A 228 -27.24 -69.25 8.97
CA GLY A 228 -26.18 -69.39 7.97
C GLY A 228 -25.65 -68.08 7.40
N GLU A 229 -26.11 -66.95 7.94
CA GLU A 229 -25.73 -65.63 7.43
C GLU A 229 -24.95 -64.84 8.47
N VAL A 230 -23.96 -64.08 8.00
CA VAL A 230 -23.12 -63.27 8.88
C VAL A 230 -23.69 -61.90 9.22
N TYR A 231 -23.90 -61.66 10.51
CA TYR A 231 -24.35 -60.35 10.98
C TYR A 231 -23.44 -59.79 12.07
N PRO A 232 -23.62 -58.50 12.41
CA PRO A 232 -22.81 -57.97 13.51
C PRO A 232 -23.09 -58.69 14.80
N PRO A 233 -22.14 -58.62 15.75
CA PRO A 233 -22.35 -59.25 17.05
C PRO A 233 -23.35 -58.44 17.88
N THR A 234 -23.72 -58.97 19.04
CA THR A 234 -24.70 -58.28 19.88
C THR A 234 -24.05 -57.41 20.96
N VAL A 235 -24.85 -56.49 21.49
CA VAL A 235 -24.41 -55.65 22.59
C VAL A 235 -24.13 -56.50 23.82
N LYS A 236 -24.94 -57.53 24.02
CA LYS A 236 -24.79 -58.41 25.17
C LYS A 236 -23.44 -59.13 25.12
N ASP A 237 -23.01 -59.53 23.92
CA ASP A 237 -21.77 -60.28 23.77
C ASP A 237 -20.50 -59.43 23.82
N THR A 238 -20.59 -58.18 23.37
CA THR A 238 -19.39 -57.34 23.17
C THR A 238 -19.20 -56.23 24.21
N GLN A 239 -20.28 -55.85 24.89
CA GLN A 239 -20.33 -54.70 25.81
C GLN A 239 -20.09 -53.35 25.11
N VAL A 240 -20.22 -53.35 23.78
CA VAL A 240 -20.19 -52.13 23.00
C VAL A 240 -21.49 -51.36 23.15
N GLU A 241 -21.38 -50.08 23.49
CA GLU A 241 -22.58 -49.27 23.72
C GLU A 241 -23.27 -48.82 22.41
N MET A 242 -24.59 -49.01 22.39
CA MET A 242 -25.41 -48.65 21.23
C MET A 242 -26.68 -47.91 21.66
N ILE A 243 -27.28 -47.15 20.76
CA ILE A 243 -28.52 -46.47 21.09
C ILE A 243 -29.72 -47.26 20.59
N TYR A 244 -30.47 -47.82 21.53
CA TYR A 244 -31.69 -48.58 21.27
C TYR A 244 -32.76 -48.20 22.27
N PRO A 245 -34.03 -48.20 21.82
CA PRO A 245 -35.17 -48.04 22.72
C PRO A 245 -35.23 -49.24 23.67
N PRO A 246 -35.76 -49.07 24.89
CA PRO A 246 -35.75 -50.12 25.91
C PRO A 246 -36.50 -51.41 25.53
N HIS A 247 -37.42 -51.30 24.57
CA HIS A 247 -38.24 -52.45 24.20
C HIS A 247 -37.54 -53.37 23.20
N ILE A 248 -36.37 -52.96 22.71
CA ILE A 248 -35.65 -53.78 21.77
C ILE A 248 -34.99 -54.97 22.48
N PRO A 249 -35.35 -56.19 22.05
CA PRO A 249 -34.82 -57.42 22.63
C PRO A 249 -33.30 -57.57 22.43
N GLU A 250 -32.65 -58.27 23.35
CA GLU A 250 -31.20 -58.46 23.32
C GLU A 250 -30.69 -59.13 22.04
N ASN A 251 -31.49 -60.04 21.47
CA ASN A 251 -31.07 -60.72 20.25
C ASN A 251 -31.04 -59.81 19.03
N LEU A 252 -31.61 -58.62 19.17
CA LEU A 252 -31.70 -57.71 18.04
C LEU A 252 -30.86 -56.46 18.21
N GLN A 253 -30.19 -56.32 19.35
CA GLN A 253 -29.29 -55.18 19.54
C GLN A 253 -27.91 -55.41 18.93
N PHE A 254 -27.79 -55.17 17.63
CA PHE A 254 -26.53 -55.32 16.92
C PHE A 254 -25.55 -54.25 17.33
N ALA A 255 -24.28 -54.63 17.46
CA ALA A 255 -23.25 -53.70 17.88
C ALA A 255 -22.32 -53.39 16.70
N VAL A 256 -22.26 -52.12 16.29
CA VAL A 256 -21.37 -51.74 15.21
C VAL A 256 -20.61 -50.47 15.58
N GLY A 257 -19.73 -50.02 14.69
CA GLY A 257 -18.84 -48.92 15.03
C GLY A 257 -19.54 -47.66 15.51
N GLN A 258 -20.62 -47.31 14.83
CA GLN A 258 -21.37 -46.09 15.06
C GLN A 258 -22.54 -46.37 15.99
N GLU A 259 -22.66 -45.62 17.08
CA GLU A 259 -23.66 -45.95 18.09
C GLU A 259 -25.12 -45.74 17.65
N VAL A 260 -25.36 -44.98 16.58
CA VAL A 260 -26.75 -44.70 16.16
C VAL A 260 -27.24 -45.60 15.00
N PHE A 261 -26.42 -46.54 14.54
CA PHE A 261 -26.77 -47.31 13.33
C PHE A 261 -27.84 -48.37 13.58
N GLY A 262 -28.27 -48.53 14.83
CA GLY A 262 -29.44 -49.36 15.06
C GLY A 262 -30.73 -48.62 14.71
N LEU A 263 -30.62 -47.33 14.44
CA LEU A 263 -31.76 -46.46 14.11
C LEU A 263 -32.67 -47.03 13.00
N VAL A 264 -32.06 -47.44 11.89
CA VAL A 264 -32.83 -47.98 10.77
C VAL A 264 -32.15 -49.18 10.13
N PRO A 265 -32.95 -50.17 9.71
CA PRO A 265 -32.40 -51.36 9.07
C PRO A 265 -31.55 -51.02 7.84
N GLY A 266 -31.80 -49.88 7.20
CA GLY A 266 -30.99 -49.45 6.06
C GLY A 266 -29.53 -49.21 6.42
N LEU A 267 -29.31 -48.60 7.58
CA LEU A 267 -27.95 -48.38 8.06
C LEU A 267 -27.31 -49.70 8.45
N MET A 268 -28.09 -50.56 9.11
CA MET A 268 -27.57 -51.85 9.55
C MET A 268 -27.21 -52.75 8.35
N MET A 269 -27.94 -52.58 7.25
CA MET A 269 -27.64 -53.31 6.01
C MET A 269 -26.22 -53.02 5.56
N TYR A 270 -25.87 -51.73 5.52
CA TYR A 270 -24.54 -51.33 5.08
C TYR A 270 -23.48 -51.66 6.10
N ALA A 271 -23.81 -51.55 7.39
CA ALA A 271 -22.87 -51.95 8.43
C ALA A 271 -22.54 -53.43 8.30
N THR A 272 -23.52 -54.24 7.93
CA THR A 272 -23.31 -55.66 7.78
C THR A 272 -22.43 -55.93 6.56
N ILE A 273 -22.70 -55.24 5.45
CA ILE A 273 -21.90 -55.42 4.24
C ILE A 273 -20.41 -55.10 4.47
N TRP A 274 -20.11 -53.99 5.12
CA TRP A 274 -18.75 -53.53 5.37
C TRP A 274 -18.08 -54.44 6.41
N LEU A 275 -18.85 -54.90 7.40
CA LEU A 275 -18.32 -55.91 8.30
C LEU A 275 -17.87 -57.13 7.46
N ARG A 276 -18.75 -57.60 6.58
CA ARG A 276 -18.40 -58.71 5.70
C ARG A 276 -17.18 -58.40 4.81
N GLU A 277 -17.10 -57.17 4.33
CA GLU A 277 -15.98 -56.79 3.49
C GLU A 277 -14.66 -56.81 4.27
N HIS A 278 -14.66 -56.28 5.49
CA HIS A 278 -13.44 -56.29 6.29
C HIS A 278 -12.93 -57.71 6.50
N ASN A 279 -13.79 -58.62 6.94
CA ASN A 279 -13.34 -59.99 7.20
C ASN A 279 -12.97 -60.73 5.91
N ARG A 280 -13.60 -60.35 4.80
CA ARG A 280 -13.24 -60.93 3.49
C ARG A 280 -11.82 -60.52 3.11
N VAL A 281 -11.51 -59.23 3.28
CA VAL A 281 -10.19 -58.71 2.96
C VAL A 281 -9.13 -59.32 3.90
N CYS A 282 -9.51 -59.61 5.14
CA CYS A 282 -8.65 -60.36 6.08
C CYS A 282 -8.28 -61.72 5.54
N ASP A 283 -9.25 -62.39 4.91
CA ASP A 283 -8.98 -63.71 4.34
C ASP A 283 -8.00 -63.63 3.19
N ILE A 284 -8.16 -62.63 2.34
CA ILE A 284 -7.27 -62.41 1.20
C ILE A 284 -5.86 -62.09 1.70
N LEU A 285 -5.76 -61.19 2.66
CA LEU A 285 -4.46 -60.81 3.18
C LEU A 285 -3.74 -61.95 3.89
N LYS A 286 -4.49 -62.78 4.62
CA LYS A 286 -3.91 -63.92 5.32
C LYS A 286 -3.33 -64.93 4.32
N GLN A 287 -4.05 -65.13 3.22
CA GLN A 287 -3.55 -65.94 2.11
C GLN A 287 -2.25 -65.39 1.54
N GLU A 288 -2.18 -64.08 1.36
CA GLU A 288 -0.96 -63.49 0.82
C GLU A 288 0.17 -63.45 1.87
N HIS A 289 -0.19 -63.34 3.15
CA HIS A 289 0.81 -63.21 4.20
C HIS A 289 0.52 -64.16 5.36
N PRO A 290 0.82 -65.45 5.18
CA PRO A 290 0.64 -66.36 6.32
C PRO A 290 1.50 -65.96 7.53
N GLU A 291 2.56 -65.18 7.30
CA GLU A 291 3.48 -64.80 8.37
C GLU A 291 2.99 -63.59 9.18
N TRP A 292 1.89 -62.98 8.74
CA TRP A 292 1.38 -61.79 9.42
C TRP A 292 0.57 -62.15 10.64
N GLY A 293 0.62 -61.27 11.63
CA GLY A 293 -0.20 -61.41 12.83
C GLY A 293 -1.53 -60.69 12.70
N ASP A 294 -2.35 -60.88 13.72
CA ASP A 294 -3.69 -60.32 13.79
C ASP A 294 -3.68 -58.81 13.66
N GLU A 295 -2.73 -58.15 14.32
CA GLU A 295 -2.72 -56.70 14.35
C GLU A 295 -2.49 -56.13 12.96
N GLN A 296 -1.46 -56.62 12.26
CA GLN A 296 -1.19 -56.10 10.93
C GLN A 296 -2.30 -56.44 9.90
N LEU A 297 -2.94 -57.59 10.05
CA LEU A 297 -4.04 -57.99 9.15
C LEU A 297 -5.20 -57.03 9.34
N PHE A 298 -5.50 -56.74 10.59
CA PHE A 298 -6.56 -55.80 10.90
C PHE A 298 -6.26 -54.41 10.35
N GLN A 299 -5.05 -53.90 10.61
CA GLN A 299 -4.72 -52.52 10.24
C GLN A 299 -4.68 -52.35 8.70
N THR A 300 -4.16 -53.36 8.02
CA THR A 300 -4.03 -53.29 6.57
C THR A 300 -5.42 -53.39 5.91
N SER A 301 -6.29 -54.22 6.47
CA SER A 301 -7.67 -54.32 5.96
C SER A 301 -8.40 -52.98 6.12
N ARG A 302 -8.23 -52.35 7.27
CA ARG A 302 -8.83 -51.05 7.50
C ARG A 302 -8.37 -50.01 6.45
N LEU A 303 -7.08 -49.98 6.16
CA LEU A 303 -6.54 -49.06 5.16
C LEU A 303 -7.15 -49.36 3.79
N ILE A 304 -7.32 -50.64 3.49
CA ILE A 304 -7.90 -51.05 2.21
C ILE A 304 -9.39 -50.63 2.11
N LEU A 305 -10.13 -50.79 3.21
CA LEU A 305 -11.53 -50.44 3.21
C LEU A 305 -11.69 -48.93 3.12
N ILE A 306 -10.78 -48.19 3.73
CA ILE A 306 -10.76 -46.74 3.56
C ILE A 306 -10.59 -46.45 2.07
N GLY A 307 -9.64 -47.14 1.44
CA GLY A 307 -9.43 -47.05 0.01
C GLY A 307 -10.67 -47.34 -0.83
N GLU A 308 -11.32 -48.45 -0.56
CA GLU A 308 -12.52 -48.84 -1.31
C GLU A 308 -13.65 -47.81 -1.21
N THR A 309 -13.87 -47.32 0.01
CA THR A 309 -14.87 -46.31 0.28
C THR A 309 -14.69 -45.08 -0.59
N ILE A 310 -13.48 -44.52 -0.59
CA ILE A 310 -13.22 -43.32 -1.35
C ILE A 310 -13.40 -43.59 -2.86
N LYS A 311 -12.94 -44.76 -3.30
CA LYS A 311 -13.12 -45.22 -4.67
C LYS A 311 -14.62 -45.25 -5.07
N ILE A 312 -15.42 -45.92 -4.25
CA ILE A 312 -16.85 -46.08 -4.54
C ILE A 312 -17.54 -44.72 -4.45
N VAL A 313 -17.17 -43.92 -3.44
CA VAL A 313 -17.79 -42.61 -3.29
C VAL A 313 -17.55 -41.74 -4.52
N ILE A 314 -16.33 -41.72 -5.04
CA ILE A 314 -16.05 -40.93 -6.24
C ILE A 314 -16.67 -41.52 -7.53
N GLU A 315 -16.42 -42.80 -7.81
CA GLU A 315 -16.72 -43.33 -9.13
C GLU A 315 -18.13 -43.92 -9.26
N ASP A 316 -18.84 -44.10 -8.16
CA ASP A 316 -20.23 -44.56 -8.24
C ASP A 316 -21.17 -43.47 -7.68
N TYR A 317 -20.91 -43.08 -6.44
CA TYR A 317 -21.79 -42.20 -5.68
C TYR A 317 -21.78 -40.78 -6.25
N VAL A 318 -20.64 -40.10 -6.20
CA VAL A 318 -20.51 -38.77 -6.80
C VAL A 318 -20.77 -38.83 -8.30
N GLN A 319 -20.40 -39.94 -8.93
CA GLN A 319 -20.64 -40.11 -10.36
C GLN A 319 -22.14 -40.06 -10.66
N HIS A 320 -22.93 -40.73 -9.83
CA HIS A 320 -24.36 -40.75 -10.00
C HIS A 320 -24.95 -39.38 -9.69
N LEU A 321 -24.56 -38.78 -8.57
CA LEU A 321 -25.13 -37.50 -8.16
C LEU A 321 -24.87 -36.36 -9.14
N SER A 322 -23.67 -36.36 -9.71
CA SER A 322 -23.25 -35.31 -10.63
C SER A 322 -24.12 -35.25 -11.87
N GLY A 323 -24.49 -36.41 -12.40
CA GLY A 323 -25.22 -36.48 -13.66
C GLY A 323 -24.34 -36.33 -14.88
N TYR A 324 -23.03 -36.31 -14.67
CA TYR A 324 -22.06 -36.05 -15.73
C TYR A 324 -21.92 -37.23 -16.68
N HIS A 325 -21.63 -36.93 -17.94
CA HIS A 325 -21.31 -37.97 -18.93
C HIS A 325 -19.82 -38.35 -18.83
N PHE A 326 -19.00 -37.41 -18.38
CA PHE A 326 -17.61 -37.68 -18.10
C PHE A 326 -17.47 -38.67 -16.93
N LYS A 327 -16.60 -39.66 -17.10
CA LYS A 327 -16.40 -40.68 -16.09
C LYS A 327 -15.34 -40.27 -15.07
N LEU A 328 -15.79 -39.90 -13.87
CA LEU A 328 -14.89 -39.50 -12.81
C LEU A 328 -13.91 -40.62 -12.47
N LYS A 329 -12.79 -40.26 -11.87
CA LYS A 329 -11.71 -41.20 -11.61
C LYS A 329 -11.08 -40.98 -10.23
N PHE A 330 -10.99 -42.05 -9.44
CA PHE A 330 -10.23 -41.98 -8.19
C PHE A 330 -8.77 -42.30 -8.50
N ASP A 331 -7.94 -41.26 -8.47
CA ASP A 331 -6.52 -41.43 -8.73
C ASP A 331 -5.68 -40.35 -8.03
N PRO A 332 -5.19 -40.68 -6.82
CA PRO A 332 -4.37 -39.78 -6.00
C PRO A 332 -3.18 -39.15 -6.73
N GLU A 333 -2.60 -39.87 -7.68
CA GLU A 333 -1.41 -39.43 -8.38
C GLU A 333 -1.62 -38.13 -9.14
N LEU A 334 -2.89 -37.86 -9.48
CA LEU A 334 -3.25 -36.67 -10.22
C LEU A 334 -2.92 -35.37 -9.48
N LEU A 335 -2.79 -35.44 -8.16
CA LEU A 335 -2.49 -34.25 -7.36
C LEU A 335 -1.01 -34.15 -6.94
N PHE A 336 -0.22 -35.18 -7.23
CA PHE A 336 1.15 -35.26 -6.71
C PHE A 336 2.08 -34.14 -7.21
N ASN A 337 1.76 -33.55 -8.36
CA ASN A 337 2.53 -32.41 -8.88
C ASN A 337 1.74 -31.09 -8.74
N GLN A 338 0.74 -31.11 -7.87
CA GLN A 338 -0.09 -29.95 -7.59
C GLN A 338 0.06 -29.50 -6.15
N GLN A 339 -0.20 -28.24 -5.89
CA GLN A 339 -0.32 -27.81 -4.51
C GLN A 339 -1.63 -28.31 -3.93
N PHE A 340 -1.55 -29.02 -2.81
CA PHE A 340 -2.73 -29.59 -2.18
C PHE A 340 -2.38 -30.01 -0.75
N GLN A 341 -3.22 -29.66 0.22
CA GLN A 341 -3.00 -30.03 1.63
C GLN A 341 -3.70 -31.33 1.97
N TYR A 342 -2.93 -32.34 2.38
CA TYR A 342 -3.52 -33.60 2.82
C TYR A 342 -3.99 -33.51 4.27
N GLN A 343 -5.07 -32.78 4.46
CA GLN A 343 -5.73 -32.67 5.73
C GLN A 343 -7.14 -32.16 5.49
N ASN A 344 -7.96 -32.26 6.51
CA ASN A 344 -9.34 -31.82 6.41
C ASN A 344 -9.89 -31.56 7.80
N ARG A 345 -10.75 -30.56 7.88
CA ARG A 345 -11.53 -30.28 9.05
C ARG A 345 -12.97 -30.17 8.57
N ILE A 346 -13.88 -30.93 9.19
CA ILE A 346 -15.27 -31.00 8.73
C ILE A 346 -15.99 -29.69 9.01
N ALA A 347 -16.60 -29.13 7.96
CA ALA A 347 -17.27 -27.84 8.10
C ALA A 347 -18.72 -27.98 8.57
N SER A 348 -19.15 -27.05 9.39
CA SER A 348 -20.53 -27.02 9.84
C SER A 348 -21.53 -26.90 8.68
N GLU A 349 -21.22 -26.03 7.71
CA GLU A 349 -22.11 -25.82 6.57
C GLU A 349 -22.19 -27.08 5.70
N PHE A 350 -21.13 -27.88 5.69
CA PHE A 350 -21.14 -29.14 4.96
C PHE A 350 -22.16 -30.07 5.60
N ASN A 351 -22.12 -30.14 6.93
CA ASN A 351 -23.11 -30.89 7.68
C ASN A 351 -24.52 -30.40 7.35
N THR A 352 -24.70 -29.09 7.41
CA THR A 352 -26.01 -28.48 7.17
C THR A 352 -26.57 -28.77 5.78
N LEU A 353 -25.74 -28.63 4.75
CA LEU A 353 -26.25 -28.85 3.39
C LEU A 353 -26.57 -30.32 3.11
N TYR A 354 -26.04 -31.23 3.92
CA TYR A 354 -26.14 -32.63 3.59
C TYR A 354 -27.34 -33.22 4.30
N HIS A 355 -28.21 -32.39 4.84
CA HIS A 355 -29.45 -32.92 5.39
C HIS A 355 -30.45 -33.26 4.28
N TRP A 356 -30.22 -34.38 3.59
CA TRP A 356 -30.98 -34.73 2.40
C TRP A 356 -32.23 -35.56 2.67
N HIS A 357 -32.98 -35.15 3.69
CA HIS A 357 -34.16 -35.90 4.09
C HIS A 357 -35.26 -36.02 3.02
N PRO A 358 -35.37 -35.06 2.05
CA PRO A 358 -36.38 -35.37 1.00
C PRO A 358 -36.12 -36.68 0.25
N LEU A 359 -34.91 -37.23 0.35
CA LEU A 359 -34.58 -38.51 -0.27
C LEU A 359 -35.53 -39.60 0.22
N LEU A 360 -35.95 -39.49 1.47
CA LEU A 360 -36.72 -40.58 2.09
C LEU A 360 -38.14 -40.69 1.54
N PRO A 361 -38.58 -41.93 1.28
CA PRO A 361 -39.93 -42.24 0.81
C PRO A 361 -40.89 -42.15 1.98
N ASP A 362 -42.18 -42.31 1.71
CA ASP A 362 -43.19 -42.29 2.76
C ASP A 362 -43.30 -43.65 3.42
N THR A 363 -42.99 -44.70 2.66
CA THR A 363 -42.91 -46.05 3.20
C THR A 363 -41.69 -46.74 2.65
N PHE A 364 -41.18 -47.72 3.40
CA PHE A 364 -40.02 -48.49 2.97
C PHE A 364 -40.49 -49.85 2.47
N ASN A 365 -40.25 -50.11 1.18
CA ASN A 365 -40.84 -51.26 0.50
C ASN A 365 -39.86 -52.41 0.29
N ILE A 366 -40.00 -53.44 1.11
CA ILE A 366 -39.13 -54.59 1.05
C ILE A 366 -39.92 -55.84 0.64
N GLU A 367 -39.47 -56.46 -0.45
CA GLU A 367 -40.20 -57.51 -1.14
C GLU A 367 -41.65 -57.05 -1.38
N ASP A 368 -42.62 -57.73 -0.79
CA ASP A 368 -44.01 -57.35 -1.01
C ASP A 368 -44.59 -56.52 0.14
N GLN A 369 -43.78 -56.27 1.17
CA GLN A 369 -44.21 -55.51 2.34
C GLN A 369 -43.95 -54.01 2.21
N GLU A 370 -44.72 -53.22 2.95
CA GLU A 370 -44.51 -51.76 3.02
C GLU A 370 -44.51 -51.26 4.45
N TYR A 371 -43.31 -50.92 4.95
CA TYR A 371 -43.15 -50.51 6.33
C TYR A 371 -43.26 -49.00 6.50
N SER A 372 -44.07 -48.58 7.46
CA SER A 372 -44.10 -47.20 7.89
C SER A 372 -42.82 -46.86 8.66
N PHE A 373 -42.61 -45.57 8.87
CA PHE A 373 -41.51 -45.11 9.66
C PHE A 373 -41.49 -45.74 11.06
N LYS A 374 -42.65 -45.76 11.71
CA LYS A 374 -42.78 -46.36 13.04
C LYS A 374 -42.40 -47.84 13.00
N GLN A 375 -42.82 -48.55 11.96
CA GLN A 375 -42.49 -49.97 11.84
C GLN A 375 -41.01 -50.20 11.51
N PHE A 376 -40.42 -49.23 10.81
CA PHE A 376 -39.10 -49.39 10.26
C PHE A 376 -38.02 -49.03 11.29
N LEU A 377 -38.20 -47.93 12.00
CA LEU A 377 -37.18 -47.45 12.94
C LEU A 377 -36.82 -48.44 14.04
N TYR A 378 -35.52 -48.61 14.26
CA TYR A 378 -35.01 -49.42 15.35
C TYR A 378 -35.53 -50.84 15.30
N ASN A 379 -35.74 -51.34 14.09
CA ASN A 379 -36.33 -52.66 13.94
C ASN A 379 -35.48 -53.56 13.07
N ASN A 380 -34.43 -54.12 13.65
CA ASN A 380 -33.52 -54.99 12.92
C ASN A 380 -34.08 -56.38 12.63
N SER A 381 -35.23 -56.70 13.22
CA SER A 381 -35.87 -57.97 12.92
C SER A 381 -36.30 -58.01 11.45
N ILE A 382 -36.55 -56.82 10.88
CA ILE A 382 -36.86 -56.70 9.47
C ILE A 382 -35.67 -57.15 8.61
N LEU A 383 -34.47 -56.76 9.02
CA LEU A 383 -33.28 -57.20 8.30
C LEU A 383 -33.14 -58.73 8.39
N LEU A 384 -33.37 -59.29 9.57
CA LEU A 384 -33.26 -60.74 9.75
C LEU A 384 -34.34 -61.52 9.01
N GLU A 385 -35.52 -60.93 8.94
CA GLU A 385 -36.65 -61.59 8.30
C GLU A 385 -36.39 -61.76 6.81
N HIS A 386 -35.93 -60.69 6.18
CA HIS A 386 -35.79 -60.68 4.73
C HIS A 386 -34.39 -61.05 4.27
N GLY A 387 -33.37 -60.69 5.04
CA GLY A 387 -32.00 -60.96 4.64
C GLY A 387 -31.43 -59.87 3.76
N LEU A 388 -30.11 -59.85 3.62
CA LEU A 388 -29.43 -58.80 2.88
C LEU A 388 -29.74 -58.79 1.41
N THR A 389 -29.85 -59.97 0.80
CA THR A 389 -30.09 -60.06 -0.63
C THR A 389 -31.40 -59.37 -1.01
N GLN A 390 -32.46 -59.71 -0.28
CA GLN A 390 -33.76 -59.11 -0.52
C GLN A 390 -33.73 -57.59 -0.23
N PHE A 391 -32.96 -57.19 0.79
CA PHE A 391 -32.83 -55.77 1.06
C PHE A 391 -32.24 -55.02 -0.14
N VAL A 392 -31.11 -55.51 -0.63
CA VAL A 392 -30.47 -54.93 -1.80
C VAL A 392 -31.38 -54.85 -3.02
N GLU A 393 -31.99 -55.97 -3.38
CA GLU A 393 -32.91 -56.04 -4.50
C GLU A 393 -34.06 -55.03 -4.33
N SER A 394 -34.59 -54.92 -3.12
CA SER A 394 -35.69 -54.00 -2.86
C SER A 394 -35.24 -52.55 -2.89
N PHE A 395 -34.11 -52.25 -2.25
CA PHE A 395 -33.66 -50.87 -2.17
C PHE A 395 -33.14 -50.38 -3.52
N THR A 396 -32.74 -51.32 -4.37
CA THR A 396 -32.31 -50.97 -5.71
C THR A 396 -33.52 -50.59 -6.57
N ARG A 397 -34.68 -51.16 -6.26
CA ARG A 397 -35.90 -50.87 -7.04
C ARG A 397 -36.66 -49.63 -6.59
N GLN A 398 -36.54 -49.23 -5.32
CA GLN A 398 -37.38 -48.15 -4.82
C GLN A 398 -36.77 -46.76 -5.05
N ILE A 399 -37.57 -45.89 -5.68
CA ILE A 399 -37.15 -44.54 -6.03
C ILE A 399 -37.07 -43.66 -4.79
N ALA A 400 -36.05 -42.80 -4.76
CA ALA A 400 -35.87 -41.82 -3.68
C ALA A 400 -36.47 -40.47 -4.10
N GLY A 401 -36.66 -39.58 -3.14
CA GLY A 401 -37.25 -38.28 -3.42
C GLY A 401 -36.31 -37.20 -3.93
N ARG A 402 -36.84 -36.21 -4.62
CA ARG A 402 -36.05 -35.09 -5.07
C ARG A 402 -35.77 -34.09 -3.95
N VAL A 403 -34.54 -33.62 -3.83
CA VAL A 403 -34.13 -32.79 -2.71
C VAL A 403 -34.33 -31.29 -2.91
N ALA A 404 -33.87 -30.74 -4.02
CA ALA A 404 -34.17 -29.35 -4.32
C ALA A 404 -35.61 -29.28 -4.85
N GLY A 405 -36.11 -28.08 -5.16
CA GLY A 405 -37.42 -27.95 -5.80
C GLY A 405 -38.60 -27.73 -4.86
N GLY A 406 -38.34 -27.85 -3.56
CA GLY A 406 -39.33 -27.53 -2.55
C GLY A 406 -40.30 -28.64 -2.17
N ARG A 407 -40.89 -28.48 -0.99
CA ARG A 407 -42.02 -29.28 -0.52
C ARG A 407 -41.84 -30.80 -0.66
N ASN A 408 -40.71 -31.31 -0.23
CA ASN A 408 -40.52 -32.73 -0.31
C ASN A 408 -39.82 -33.34 0.90
N VAL A 409 -39.81 -32.59 1.99
CA VAL A 409 -39.39 -33.12 3.29
C VAL A 409 -40.50 -34.01 3.85
N PRO A 410 -40.21 -35.31 4.07
CA PRO A 410 -41.28 -36.18 4.62
C PRO A 410 -41.72 -35.71 6.01
N ILE A 411 -43.00 -35.73 6.26
CA ILE A 411 -43.57 -35.20 7.48
C ILE A 411 -43.13 -35.95 8.72
N ALA A 412 -42.86 -37.21 8.54
CA ALA A 412 -42.39 -38.03 9.66
C ALA A 412 -41.09 -37.45 10.29
N VAL A 413 -40.33 -36.68 9.53
CA VAL A 413 -39.09 -36.11 10.07
C VAL A 413 -39.13 -34.60 10.10
N GLN A 414 -40.31 -34.04 10.30
CA GLN A 414 -40.46 -32.57 10.30
C GLN A 414 -39.74 -31.93 11.49
N ALA A 415 -39.63 -32.66 12.61
CA ALA A 415 -38.94 -32.11 13.77
C ALA A 415 -37.47 -31.90 13.45
N VAL A 416 -36.90 -32.76 12.62
CA VAL A 416 -35.49 -32.68 12.21
C VAL A 416 -35.25 -31.50 11.26
N ALA A 417 -36.17 -31.31 10.32
CA ALA A 417 -36.05 -30.19 9.39
C ALA A 417 -36.21 -28.85 10.11
N LYS A 418 -37.08 -28.81 11.11
CA LYS A 418 -37.26 -27.58 11.88
C LYS A 418 -36.00 -27.29 12.73
N ALA A 419 -35.34 -28.33 13.22
CA ALA A 419 -34.11 -28.16 13.98
C ALA A 419 -32.95 -27.70 13.11
N SER A 420 -32.89 -28.17 11.86
CA SER A 420 -31.87 -27.69 10.93
C SER A 420 -31.95 -26.19 10.82
N ILE A 421 -33.17 -25.69 10.75
CA ILE A 421 -33.38 -24.26 10.68
C ILE A 421 -32.97 -23.53 11.97
N ASP A 422 -33.51 -23.99 13.09
CA ASP A 422 -33.32 -23.34 14.38
C ASP A 422 -31.83 -23.36 14.78
N GLN A 423 -31.15 -24.44 14.46
CA GLN A 423 -29.73 -24.58 14.82
C GLN A 423 -28.80 -23.79 13.90
N SER A 424 -29.16 -23.65 12.63
CA SER A 424 -28.45 -22.72 11.73
C SER A 424 -28.48 -21.31 12.28
N ARG A 425 -29.61 -20.93 12.88
CA ARG A 425 -29.78 -19.61 13.47
C ARG A 425 -29.01 -19.51 14.79
N GLU A 426 -29.11 -20.55 15.61
CA GLU A 426 -28.39 -20.57 16.86
C GLU A 426 -26.88 -20.48 16.61
N MET A 427 -26.41 -21.11 15.54
CA MET A 427 -25.00 -21.04 15.18
C MET A 427 -24.66 -19.76 14.42
N LYS A 428 -25.65 -18.88 14.29
CA LYS A 428 -25.46 -17.57 13.67
C LYS A 428 -24.91 -17.64 12.25
N TYR A 429 -25.48 -18.53 11.43
CA TYR A 429 -25.07 -18.62 10.03
C TYR A 429 -25.33 -17.30 9.30
N GLN A 430 -24.45 -16.92 8.37
CA GLN A 430 -24.75 -15.81 7.46
C GLN A 430 -25.80 -16.18 6.40
N SER A 431 -26.20 -15.20 5.60
CA SER A 431 -27.32 -15.38 4.68
C SER A 431 -26.95 -16.25 3.50
N LEU A 432 -27.98 -16.73 2.81
CA LEU A 432 -27.81 -17.49 1.58
C LEU A 432 -26.90 -16.77 0.59
N ASN A 433 -27.13 -15.49 0.38
CA ASN A 433 -26.39 -14.79 -0.65
C ASN A 433 -24.96 -14.58 -0.21
N GLU A 434 -24.71 -14.55 1.09
CA GLU A 434 -23.33 -14.45 1.58
C GLU A 434 -22.57 -15.72 1.25
N TYR A 435 -23.20 -16.86 1.49
CA TYR A 435 -22.59 -18.15 1.15
C TYR A 435 -22.41 -18.35 -0.36
N ARG A 436 -23.30 -17.76 -1.14
CA ARG A 436 -23.15 -17.83 -2.57
C ARG A 436 -21.92 -17.06 -3.02
N LYS A 437 -21.77 -15.84 -2.51
CA LYS A 437 -20.60 -15.02 -2.82
C LYS A 437 -19.32 -15.73 -2.35
N ARG A 438 -19.39 -16.38 -1.21
CA ARG A 438 -18.26 -17.10 -0.67
C ARG A 438 -17.80 -18.20 -1.61
N PHE A 439 -18.73 -18.79 -2.35
CA PHE A 439 -18.35 -19.87 -3.25
C PHE A 439 -18.41 -19.48 -4.72
N SER A 440 -18.22 -18.17 -4.96
CA SER A 440 -18.13 -17.59 -6.30
C SER A 440 -19.40 -17.73 -7.14
N LEU A 441 -20.55 -17.68 -6.48
CA LEU A 441 -21.83 -17.70 -7.17
C LEU A 441 -22.44 -16.31 -7.08
N LYS A 442 -23.17 -15.94 -8.12
CA LYS A 442 -23.84 -14.66 -8.16
C LYS A 442 -24.98 -14.69 -7.16
N PRO A 443 -25.13 -13.63 -6.35
CA PRO A 443 -26.28 -13.58 -5.42
C PRO A 443 -27.64 -13.54 -6.14
N TYR A 444 -28.65 -14.22 -5.59
CA TYR A 444 -30.02 -14.12 -6.11
C TYR A 444 -30.59 -12.73 -5.87
N THR A 445 -31.42 -12.24 -6.80
CA THR A 445 -31.96 -10.89 -6.66
C THR A 445 -33.45 -10.88 -6.35
N SER A 446 -34.04 -12.07 -6.30
CA SER A 446 -35.44 -12.21 -5.92
C SER A 446 -35.73 -13.65 -5.52
N PHE A 447 -36.89 -13.89 -4.90
CA PHE A 447 -37.22 -15.25 -4.47
C PHE A 447 -37.61 -16.11 -5.66
N GLU A 448 -38.11 -15.46 -6.70
CA GLU A 448 -38.51 -16.17 -7.92
C GLU A 448 -37.30 -16.68 -8.67
N GLU A 449 -36.20 -15.93 -8.63
CA GLU A 449 -34.96 -16.39 -9.21
C GLU A 449 -34.42 -17.60 -8.43
N LEU A 450 -34.56 -17.56 -7.11
CA LEU A 450 -34.17 -18.70 -6.26
C LEU A 450 -34.97 -19.97 -6.58
N THR A 451 -36.30 -19.86 -6.61
CA THR A 451 -37.16 -21.03 -6.78
C THR A 451 -37.46 -21.44 -8.24
N GLY A 452 -37.44 -20.46 -9.14
CA GLY A 452 -37.75 -20.67 -10.55
C GLY A 452 -39.24 -20.75 -10.80
N GLU A 453 -40.00 -20.48 -9.75
CA GLU A 453 -41.45 -20.56 -9.76
C GLU A 453 -42.05 -19.32 -9.09
N LYS A 454 -43.37 -19.33 -8.90
CA LYS A 454 -44.06 -18.18 -8.34
C LYS A 454 -44.76 -18.39 -6.99
N GLU A 455 -45.25 -19.58 -6.72
CA GLU A 455 -46.01 -19.80 -5.49
C GLU A 455 -45.14 -19.79 -4.23
N MET A 456 -44.16 -20.68 -4.16
CA MET A 456 -43.28 -20.75 -3.00
C MET A 456 -42.51 -19.44 -2.84
N ALA A 457 -42.12 -18.86 -3.98
CA ALA A 457 -41.41 -17.58 -3.97
C ALA A 457 -42.21 -16.48 -3.28
N ALA A 458 -43.51 -16.40 -3.59
CA ALA A 458 -44.39 -15.40 -2.97
C ALA A 458 -44.53 -15.66 -1.47
N GLU A 459 -44.69 -16.92 -1.10
CA GLU A 459 -44.67 -17.34 0.30
C GLU A 459 -43.37 -16.92 1.03
N LEU A 460 -42.23 -17.13 0.37
CA LEU A 460 -40.95 -16.78 0.99
C LEU A 460 -40.81 -15.27 1.11
N LYS A 461 -41.35 -14.53 0.13
CA LYS A 461 -41.21 -13.09 0.13
C LYS A 461 -42.01 -12.46 1.26
N ALA A 462 -43.19 -13.02 1.54
CA ALA A 462 -44.02 -12.52 2.63
C ALA A 462 -43.32 -12.79 3.97
N LEU A 463 -42.53 -13.86 4.03
CA LEU A 463 -41.85 -14.22 5.27
C LEU A 463 -40.56 -13.43 5.50
N TYR A 464 -39.72 -13.34 4.48
CA TYR A 464 -38.38 -12.78 4.61
C TYR A 464 -38.24 -11.32 4.16
N SER A 465 -39.20 -10.86 3.35
CA SER A 465 -39.21 -9.52 2.74
C SER A 465 -38.05 -9.30 1.74
N ASP A 466 -36.82 -9.45 2.23
CA ASP A 466 -35.61 -9.22 1.48
C ASP A 466 -34.94 -10.56 1.13
N ILE A 467 -34.56 -10.75 -0.13
CA ILE A 467 -33.86 -11.95 -0.57
C ILE A 467 -32.50 -12.07 0.15
N ASP A 468 -31.93 -10.92 0.52
CA ASP A 468 -30.63 -10.92 1.20
C ASP A 468 -30.75 -11.41 2.63
N VAL A 469 -31.98 -11.71 3.05
CA VAL A 469 -32.21 -12.22 4.39
C VAL A 469 -32.56 -13.72 4.34
N MET A 470 -32.79 -14.24 3.12
CA MET A 470 -33.03 -15.68 2.96
C MET A 470 -31.88 -16.52 3.55
N GLU A 471 -32.24 -17.59 4.25
CA GLU A 471 -31.27 -18.46 4.93
C GLU A 471 -30.83 -19.60 4.03
N LEU A 472 -29.66 -20.16 4.36
CA LEU A 472 -29.02 -21.20 3.57
C LEU A 472 -29.80 -22.51 3.52
N TYR A 473 -30.10 -23.07 4.69
CA TYR A 473 -30.73 -24.39 4.71
C TYR A 473 -32.08 -24.45 3.93
N PRO A 474 -33.04 -23.57 4.27
CA PRO A 474 -34.30 -23.65 3.52
C PRO A 474 -34.09 -23.39 2.03
N ALA A 475 -33.15 -22.52 1.69
CA ALA A 475 -32.90 -22.17 0.29
C ALA A 475 -32.47 -23.39 -0.51
N LEU A 476 -31.66 -24.24 0.13
CA LEU A 476 -31.16 -25.45 -0.53
C LEU A 476 -32.30 -26.39 -0.94
N LEU A 477 -33.32 -26.48 -0.10
CA LEU A 477 -34.40 -27.43 -0.32
C LEU A 477 -35.53 -26.84 -1.19
N VAL A 478 -35.58 -25.53 -1.37
CA VAL A 478 -36.59 -24.93 -2.24
C VAL A 478 -35.98 -24.44 -3.55
N GLU A 479 -34.66 -24.49 -3.67
CA GLU A 479 -33.98 -23.97 -4.86
C GLU A 479 -34.44 -24.62 -6.16
N LYS A 480 -34.48 -23.82 -7.22
CA LYS A 480 -34.67 -24.34 -8.57
C LYS A 480 -33.64 -25.40 -8.90
N PRO A 481 -34.10 -26.61 -9.21
CA PRO A 481 -33.18 -27.69 -9.58
C PRO A 481 -32.56 -27.43 -10.94
N ARG A 482 -31.40 -28.03 -11.21
CA ARG A 482 -30.90 -28.17 -12.57
C ARG A 482 -31.92 -29.00 -13.36
N PRO A 483 -31.94 -28.88 -14.71
CA PRO A 483 -32.92 -29.60 -15.53
C PRO A 483 -32.96 -31.11 -15.25
N ASP A 484 -34.08 -31.58 -14.72
CA ASP A 484 -34.26 -32.98 -14.32
C ASP A 484 -33.17 -33.46 -13.37
N ALA A 485 -32.66 -32.57 -12.53
CA ALA A 485 -31.61 -32.95 -11.58
C ALA A 485 -32.14 -33.00 -10.15
N ILE A 486 -31.40 -33.63 -9.25
CA ILE A 486 -31.86 -33.74 -7.88
C ILE A 486 -31.59 -32.47 -7.04
N PHE A 487 -30.56 -31.71 -7.42
CA PHE A 487 -30.06 -30.57 -6.66
C PHE A 487 -30.08 -29.32 -7.48
N GLY A 488 -30.13 -28.18 -6.79
CA GLY A 488 -29.89 -26.89 -7.42
C GLY A 488 -28.43 -26.52 -7.42
N GLU A 489 -28.12 -25.37 -7.99
CA GLU A 489 -26.75 -24.88 -8.14
C GLU A 489 -26.00 -24.76 -6.81
N THR A 490 -26.63 -24.16 -5.81
CA THR A 490 -25.97 -23.90 -4.54
C THR A 490 -25.54 -25.19 -3.84
N MET A 491 -26.41 -26.19 -3.81
CA MET A 491 -26.06 -27.48 -3.20
C MET A 491 -24.79 -28.06 -3.79
N VAL A 492 -24.67 -28.03 -5.11
CA VAL A 492 -23.50 -28.60 -5.78
C VAL A 492 -22.24 -27.78 -5.58
N GLU A 493 -22.36 -26.46 -5.72
CA GLU A 493 -21.17 -25.64 -5.68
C GLU A 493 -20.60 -25.51 -4.28
N LEU A 494 -21.44 -25.72 -3.26
CA LEU A 494 -20.93 -25.79 -1.90
C LEU A 494 -20.45 -27.19 -1.53
N GLY A 495 -21.19 -28.20 -1.97
CA GLY A 495 -20.87 -29.55 -1.56
C GLY A 495 -19.58 -30.10 -2.15
N ALA A 496 -19.32 -29.78 -3.41
CA ALA A 496 -18.18 -30.33 -4.13
C ALA A 496 -16.81 -29.98 -3.48
N PRO A 497 -16.56 -28.69 -3.17
CA PRO A 497 -15.25 -28.40 -2.53
C PRO A 497 -15.08 -29.07 -1.15
N PHE A 498 -16.16 -29.14 -0.35
CA PHE A 498 -16.10 -29.81 0.96
C PHE A 498 -15.81 -31.29 0.79
N SER A 499 -16.49 -31.89 -0.18
CA SER A 499 -16.40 -33.30 -0.45
C SER A 499 -15.00 -33.66 -0.93
N LEU A 500 -14.48 -32.84 -1.84
CA LEU A 500 -13.14 -33.00 -2.40
C LEU A 500 -12.07 -33.12 -1.31
N LYS A 501 -12.09 -32.19 -0.36
CA LYS A 501 -11.12 -32.18 0.72
C LYS A 501 -11.29 -33.38 1.65
N GLY A 502 -12.54 -33.77 1.91
CA GLY A 502 -12.78 -34.95 2.72
C GLY A 502 -12.24 -36.23 2.08
N LEU A 503 -12.27 -36.31 0.76
CA LEU A 503 -11.91 -37.56 0.09
C LEU A 503 -10.43 -37.59 -0.31
N MET A 504 -9.96 -36.57 -1.02
CA MET A 504 -8.58 -36.54 -1.50
C MET A 504 -7.63 -36.09 -0.39
N GLY A 505 -8.16 -35.45 0.66
CA GLY A 505 -7.36 -34.96 1.76
C GLY A 505 -6.88 -36.06 2.68
N ASN A 506 -7.46 -37.24 2.56
CA ASN A 506 -7.08 -38.41 3.36
C ASN A 506 -5.58 -38.78 3.18
N PRO A 507 -4.89 -39.14 4.28
CA PRO A 507 -3.48 -39.51 4.19
C PRO A 507 -3.18 -40.65 3.21
N ILE A 508 -4.11 -41.58 3.00
CA ILE A 508 -3.79 -42.71 2.12
C ILE A 508 -3.65 -42.25 0.68
N CYS A 509 -4.10 -41.02 0.40
CA CYS A 509 -3.96 -40.43 -0.91
C CYS A 509 -2.66 -39.67 -1.06
N SER A 510 -1.91 -39.51 0.03
CA SER A 510 -0.64 -38.79 -0.03
C SER A 510 0.42 -39.67 -0.69
N PRO A 511 1.46 -39.05 -1.26
CA PRO A 511 2.53 -39.79 -1.94
C PRO A 511 3.16 -40.89 -1.06
N GLN A 512 3.37 -40.64 0.23
CA GLN A 512 4.07 -41.68 0.99
C GLN A 512 3.17 -42.84 1.34
N TYR A 513 1.86 -42.64 1.29
CA TYR A 513 0.94 -43.74 1.54
C TYR A 513 0.47 -44.46 0.26
N TRP A 514 0.38 -43.75 -0.86
CA TRP A 514 -0.27 -44.32 -2.04
C TRP A 514 0.68 -45.19 -2.85
N LYS A 515 0.93 -46.38 -2.33
CA LYS A 515 1.78 -47.35 -2.99
C LYS A 515 1.35 -48.71 -2.45
N PRO A 516 1.57 -49.78 -3.24
CA PRO A 516 1.09 -51.12 -2.91
C PRO A 516 1.50 -51.67 -1.55
N SER A 517 2.68 -51.32 -1.05
CA SER A 517 3.11 -51.92 0.21
C SER A 517 2.29 -51.40 1.40
N THR A 518 1.71 -50.22 1.28
CA THR A 518 0.79 -49.72 2.31
C THR A 518 -0.41 -50.68 2.50
N PHE A 519 -0.80 -51.34 1.41
CA PHE A 519 -2.01 -52.15 1.39
C PHE A 519 -1.74 -53.66 1.29
N GLY A 520 -0.55 -54.06 1.71
CA GLY A 520 -0.19 -55.46 1.76
C GLY A 520 0.33 -55.98 0.43
N GLY A 521 0.68 -55.09 -0.47
CA GLY A 521 1.15 -55.52 -1.78
C GLY A 521 0.13 -55.28 -2.87
N GLU A 522 0.46 -55.73 -4.08
CA GLU A 522 -0.32 -55.49 -5.28
C GLU A 522 -1.75 -56.06 -5.21
N VAL A 523 -1.94 -57.12 -4.43
CA VAL A 523 -3.26 -57.73 -4.29
C VAL A 523 -4.21 -56.81 -3.51
N GLY A 524 -3.72 -56.27 -2.39
CA GLY A 524 -4.48 -55.31 -1.61
C GLY A 524 -4.71 -54.02 -2.39
N PHE A 525 -3.68 -53.56 -3.08
CA PHE A 525 -3.77 -52.35 -3.85
C PHE A 525 -4.87 -52.48 -4.91
N LYS A 526 -4.95 -53.66 -5.51
CA LYS A 526 -5.90 -53.92 -6.58
C LYS A 526 -7.35 -53.89 -6.08
N ILE A 527 -7.55 -54.35 -4.85
CA ILE A 527 -8.87 -54.32 -4.22
C ILE A 527 -9.40 -52.89 -4.15
N ILE A 528 -8.53 -51.95 -3.79
CA ILE A 528 -8.92 -50.56 -3.78
C ILE A 528 -9.22 -50.06 -5.19
N ASN A 529 -8.31 -50.32 -6.11
CA ASN A 529 -8.42 -49.71 -7.44
C ASN A 529 -9.45 -50.36 -8.34
N THR A 530 -10.06 -51.47 -7.91
CA THR A 530 -11.14 -52.09 -8.67
C THR A 530 -12.48 -52.06 -7.94
N ALA A 531 -12.55 -51.38 -6.80
CA ALA A 531 -13.78 -51.35 -6.01
C ALA A 531 -14.92 -50.63 -6.75
N SER A 532 -16.14 -51.08 -6.44
CA SER A 532 -17.35 -50.48 -6.98
C SER A 532 -18.49 -50.80 -6.03
N ILE A 533 -19.60 -50.05 -6.11
CA ILE A 533 -20.75 -50.42 -5.28
C ILE A 533 -21.23 -51.83 -5.70
N GLN A 534 -21.10 -52.16 -6.98
CA GLN A 534 -21.54 -53.49 -7.40
C GLN A 534 -20.60 -54.59 -6.88
N SER A 535 -19.28 -54.36 -6.88
CA SER A 535 -18.38 -55.42 -6.42
C SER A 535 -18.50 -55.62 -4.90
N LEU A 536 -18.70 -54.52 -4.17
CA LEU A 536 -18.99 -54.57 -2.73
C LEU A 536 -20.17 -55.50 -2.44
N ILE A 537 -21.25 -55.33 -3.20
CA ILE A 537 -22.42 -56.17 -2.99
C ILE A 537 -22.14 -57.59 -3.46
N CYS A 538 -21.54 -57.74 -4.64
CA CYS A 538 -21.33 -59.06 -5.24
C CYS A 538 -20.39 -59.96 -4.39
N ASN A 539 -19.33 -59.40 -3.82
CA ASN A 539 -18.42 -60.17 -2.97
C ASN A 539 -19.02 -60.57 -1.62
N ASN A 540 -20.05 -59.86 -1.15
CA ASN A 540 -20.50 -60.05 0.21
C ASN A 540 -21.96 -60.41 0.44
N VAL A 541 -22.76 -60.39 -0.63
CA VAL A 541 -24.19 -60.68 -0.50
C VAL A 541 -24.52 -61.91 -1.33
N LYS A 542 -25.16 -62.90 -0.70
CA LYS A 542 -25.49 -64.14 -1.36
C LYS A 542 -26.28 -63.92 -2.65
N GLY A 543 -25.87 -64.60 -3.71
CA GLY A 543 -26.50 -64.50 -5.01
C GLY A 543 -25.91 -63.43 -5.93
N CYS A 544 -25.06 -62.57 -5.39
CA CYS A 544 -24.54 -61.41 -6.13
C CYS A 544 -25.68 -60.68 -6.86
N PRO A 545 -26.65 -60.15 -6.10
CA PRO A 545 -27.76 -59.47 -6.77
C PRO A 545 -27.28 -58.18 -7.40
N PHE A 546 -27.85 -57.85 -8.55
CA PHE A 546 -27.57 -56.59 -9.20
C PHE A 546 -27.88 -55.42 -8.26
N THR A 547 -27.01 -54.43 -8.24
CA THR A 547 -27.32 -53.22 -7.49
C THR A 547 -26.78 -52.02 -8.23
N SER A 548 -27.22 -50.85 -7.81
CA SER A 548 -26.93 -49.61 -8.50
C SER A 548 -27.40 -48.49 -7.58
N PHE A 549 -26.96 -47.25 -7.82
CA PHE A 549 -27.46 -46.13 -7.05
C PHE A 549 -28.67 -45.49 -7.76
N ASN A 550 -29.04 -46.02 -8.92
CA ASN A 550 -30.23 -45.54 -9.64
C ASN A 550 -31.16 -46.67 -10.03
N VAL A 551 -32.46 -46.37 -10.19
CA VAL A 551 -33.43 -47.38 -10.58
C VAL A 551 -33.19 -47.75 -12.06
N GLN A 552 -33.60 -48.96 -12.44
CA GLN A 552 -33.40 -49.46 -13.80
C GLN A 552 -34.71 -49.60 -14.54
N ALA B 1 12.94 -63.84 13.00
CA ALA B 1 12.27 -64.56 11.92
C ALA B 1 11.93 -63.62 10.78
N ASN B 2 11.61 -62.37 11.10
CA ASN B 2 11.18 -61.41 10.09
C ASN B 2 12.22 -61.21 9.00
N PRO B 3 11.86 -61.53 7.75
CA PRO B 3 12.74 -61.43 6.58
C PRO B 3 13.09 -60.00 6.24
N CYS B 4 12.43 -59.03 6.86
CA CYS B 4 12.81 -57.63 6.64
C CYS B 4 13.80 -57.15 7.71
N CYS B 5 14.26 -58.07 8.56
CA CYS B 5 15.13 -57.70 9.69
C CYS B 5 16.48 -57.10 9.31
N SER B 6 17.01 -57.44 8.14
CA SER B 6 18.33 -56.93 7.76
C SER B 6 18.26 -55.56 7.07
N ASN B 7 17.07 -54.94 7.04
CA ASN B 7 16.85 -53.68 6.34
C ASN B 7 17.31 -53.72 4.88
N PRO B 8 16.82 -54.69 4.10
CA PRO B 8 17.37 -54.90 2.76
C PRO B 8 17.07 -53.80 1.74
N CYS B 9 15.93 -53.13 1.87
CA CYS B 9 15.52 -52.11 0.91
C CYS B 9 16.29 -50.81 1.06
N GLN B 10 16.92 -50.35 -0.01
CA GLN B 10 17.68 -49.12 0.03
C GLN B 10 16.91 -47.94 -0.53
N ASN B 11 17.43 -46.74 -0.31
CA ASN B 11 16.92 -45.53 -0.95
C ASN B 11 15.42 -45.26 -0.71
N ARG B 12 14.98 -45.56 0.50
CA ARG B 12 13.64 -45.29 1.01
C ARG B 12 12.56 -46.17 0.38
N GLY B 13 12.99 -47.25 -0.27
CA GLY B 13 12.09 -48.30 -0.64
C GLY B 13 11.54 -48.94 0.62
N GLU B 14 10.31 -49.44 0.56
CA GLU B 14 9.72 -50.07 1.72
C GLU B 14 9.75 -51.59 1.63
N CYS B 15 10.14 -52.22 2.74
CA CYS B 15 10.23 -53.66 2.81
C CYS B 15 8.96 -54.26 3.36
N MET B 16 8.51 -55.32 2.69
CA MET B 16 7.34 -56.05 3.11
C MET B 16 7.65 -57.53 3.02
N SER B 17 7.30 -58.29 4.05
CA SER B 17 7.46 -59.73 3.98
C SER B 17 6.40 -60.32 3.02
N THR B 18 6.77 -61.37 2.29
CA THR B 18 5.83 -62.01 1.37
C THR B 18 5.70 -63.51 1.64
N GLY B 19 6.01 -63.90 2.87
CA GLY B 19 6.04 -65.30 3.26
C GLY B 19 6.95 -65.37 4.46
N PHE B 20 7.20 -66.56 4.99
CA PHE B 20 8.02 -66.67 6.18
C PHE B 20 9.50 -66.37 5.89
N ASP B 21 9.92 -66.56 4.64
CA ASP B 21 11.34 -66.46 4.31
C ASP B 21 11.62 -65.59 3.09
N GLN B 22 10.69 -64.71 2.75
CA GLN B 22 10.88 -63.88 1.57
C GLN B 22 10.38 -62.47 1.82
N TYR B 23 10.95 -61.50 1.12
CA TYR B 23 10.51 -60.10 1.21
C TYR B 23 10.38 -59.48 -0.18
N LYS B 24 9.77 -58.31 -0.23
CA LYS B 24 9.63 -57.54 -1.47
C LYS B 24 9.86 -56.07 -1.19
N CYS B 25 10.62 -55.40 -2.06
CA CYS B 25 10.83 -53.96 -1.90
C CYS B 25 9.90 -53.19 -2.80
N ASP B 26 9.22 -52.21 -2.21
CA ASP B 26 8.37 -51.29 -2.95
C ASP B 26 9.20 -50.06 -3.30
N CYS B 27 9.57 -49.94 -4.58
CA CYS B 27 10.49 -48.91 -5.03
C CYS B 27 9.78 -47.69 -5.58
N THR B 28 8.47 -47.66 -5.43
CA THR B 28 7.62 -46.56 -5.92
C THR B 28 8.18 -45.18 -5.60
N ARG B 29 8.45 -44.41 -6.65
CA ARG B 29 8.88 -43.02 -6.53
C ARG B 29 10.20 -42.82 -5.75
N THR B 30 11.03 -43.85 -5.67
CA THR B 30 12.34 -43.70 -5.04
C THR B 30 13.39 -43.19 -6.02
N GLY B 31 13.16 -43.42 -7.30
CA GLY B 31 14.15 -43.12 -8.32
C GLY B 31 15.03 -44.33 -8.60
N PHE B 32 14.74 -45.43 -7.92
CA PHE B 32 15.52 -46.66 -8.05
C PHE B 32 14.59 -47.86 -8.31
N TYR B 33 15.12 -48.90 -8.95
CA TYR B 33 14.39 -50.15 -9.09
C TYR B 33 15.31 -51.31 -8.75
N GLY B 34 14.84 -52.53 -8.98
CA GLY B 34 15.59 -53.72 -8.62
C GLY B 34 15.16 -54.27 -7.28
N GLU B 35 15.65 -55.46 -6.94
CA GLU B 35 15.21 -56.19 -5.75
C GLU B 35 15.28 -55.39 -4.46
N ASN B 36 16.39 -54.67 -4.26
CA ASN B 36 16.56 -53.82 -3.08
C ASN B 36 16.51 -52.33 -3.40
N CYS B 37 15.96 -51.97 -4.57
CA CYS B 37 15.93 -50.58 -5.02
C CYS B 37 17.33 -49.96 -5.01
N THR B 38 18.30 -50.60 -5.65
CA THR B 38 19.66 -50.05 -5.67
C THR B 38 20.09 -49.67 -7.08
N THR B 39 19.27 -50.03 -8.07
CA THR B 39 19.53 -49.68 -9.46
C THR B 39 18.86 -48.36 -9.82
N PRO B 40 19.66 -47.31 -10.05
CA PRO B 40 19.16 -45.96 -10.30
C PRO B 40 18.59 -45.78 -11.71
N GLU B 41 17.47 -45.07 -11.81
CA GLU B 41 16.94 -44.66 -13.11
C GLU B 41 17.86 -43.61 -13.72
N PHE B 42 17.71 -43.33 -15.02
CA PHE B 42 18.69 -42.50 -15.71
C PHE B 42 18.82 -41.09 -15.13
N LEU B 43 17.69 -40.45 -14.87
CA LEU B 43 17.70 -39.10 -14.31
C LEU B 43 18.21 -39.12 -12.87
N THR B 44 18.07 -40.25 -12.22
CA THR B 44 18.57 -40.36 -10.85
C THR B 44 20.09 -40.33 -10.84
N ARG B 45 20.71 -41.03 -11.80
CA ARG B 45 22.16 -41.05 -11.85
C ARG B 45 22.69 -39.64 -12.13
N ILE B 46 22.01 -38.87 -12.95
CA ILE B 46 22.41 -37.49 -13.19
C ILE B 46 22.36 -36.65 -11.91
N LYS B 47 21.20 -36.66 -11.26
CA LYS B 47 21.00 -35.90 -10.04
C LYS B 47 21.99 -36.28 -8.93
N LEU B 48 22.35 -37.56 -8.83
CA LEU B 48 23.35 -37.98 -7.85
C LEU B 48 24.72 -37.38 -8.11
N LEU B 49 25.14 -37.43 -9.37
CA LEU B 49 26.44 -36.90 -9.77
C LEU B 49 26.54 -35.38 -9.57
N LEU B 50 25.42 -34.68 -9.70
CA LEU B 50 25.42 -33.23 -9.56
C LEU B 50 25.36 -32.83 -8.09
N LYS B 51 24.49 -33.47 -7.31
CA LYS B 51 24.30 -33.10 -5.90
C LYS B 51 25.60 -33.09 -5.09
N PRO B 52 25.96 -31.92 -4.56
CA PRO B 52 27.14 -31.80 -3.70
C PRO B 52 26.88 -32.34 -2.29
N THR B 53 27.92 -32.81 -1.61
CA THR B 53 27.76 -33.35 -0.26
C THR B 53 27.46 -32.26 0.77
N PRO B 54 26.80 -32.63 1.88
CA PRO B 54 26.51 -31.65 2.94
C PRO B 54 27.76 -30.96 3.49
N ASN B 55 28.89 -31.67 3.52
CA ASN B 55 30.13 -31.05 3.99
C ASN B 55 30.65 -30.02 2.99
N THR B 56 30.38 -30.23 1.71
CA THR B 56 30.79 -29.27 0.68
C THR B 56 29.97 -27.98 0.82
N VAL B 57 28.66 -28.16 0.91
CA VAL B 57 27.73 -27.05 1.10
C VAL B 57 28.03 -26.28 2.38
N HIS B 58 28.32 -27.01 3.46
CA HIS B 58 28.59 -26.36 4.72
C HIS B 58 29.83 -25.47 4.61
N TYR B 59 30.83 -25.95 3.86
CA TYR B 59 32.03 -25.16 3.65
C TYR B 59 31.68 -23.83 2.95
N ILE B 60 30.87 -23.91 1.90
CA ILE B 60 30.53 -22.72 1.13
C ILE B 60 29.73 -21.70 1.95
N LEU B 61 28.85 -22.19 2.80
CA LEU B 61 27.99 -21.32 3.58
C LEU B 61 28.75 -20.65 4.72
N THR B 62 29.90 -21.23 5.07
CA THR B 62 30.67 -20.76 6.21
C THR B 62 32.00 -20.14 5.79
N HIS B 63 32.19 -20.01 4.49
CA HIS B 63 33.36 -19.30 3.98
C HIS B 63 32.91 -18.23 3.00
N PHE B 64 33.86 -17.52 2.40
CA PHE B 64 33.57 -16.45 1.44
C PHE B 64 32.68 -15.38 2.07
N LYS B 65 33.03 -14.97 3.29
CA LYS B 65 32.24 -14.01 4.04
C LYS B 65 31.98 -12.74 3.25
N GLY B 66 32.97 -12.31 2.48
CA GLY B 66 32.86 -11.14 1.65
C GLY B 66 31.71 -11.24 0.67
N VAL B 67 31.58 -12.41 0.05
CA VAL B 67 30.50 -12.66 -0.90
C VAL B 67 29.14 -12.69 -0.20
N TRP B 68 29.04 -13.33 0.96
CA TRP B 68 27.75 -13.41 1.63
C TRP B 68 27.25 -12.05 2.06
N ASN B 69 28.14 -11.11 2.36
CA ASN B 69 27.68 -9.82 2.82
C ASN B 69 27.19 -8.98 1.66
N ILE B 70 27.67 -9.31 0.45
CA ILE B 70 27.10 -8.73 -0.76
C ILE B 70 25.70 -9.29 -1.00
N VAL B 71 25.59 -10.61 -0.91
CA VAL B 71 24.33 -11.32 -1.14
C VAL B 71 23.25 -10.88 -0.15
N ASN B 72 23.62 -10.77 1.12
CA ASN B 72 22.68 -10.41 2.18
C ASN B 72 22.09 -9.03 1.95
N ASN B 73 22.81 -8.16 1.27
CA ASN B 73 22.34 -6.80 1.06
C ASN B 73 21.52 -6.64 -0.20
N ILE B 74 21.29 -7.75 -0.89
CA ILE B 74 20.44 -7.78 -2.07
C ILE B 74 19.19 -8.62 -1.79
N PRO B 75 18.06 -7.95 -1.47
CA PRO B 75 16.79 -8.56 -1.06
C PRO B 75 16.32 -9.69 -1.97
N PHE B 76 16.29 -9.41 -3.26
CA PHE B 76 15.85 -10.40 -4.25
C PHE B 76 16.69 -11.68 -4.18
N LEU B 77 18.00 -11.50 -4.07
CA LEU B 77 18.93 -12.61 -4.06
C LEU B 77 18.85 -13.39 -2.76
N ARG B 78 18.87 -12.68 -1.64
CA ARG B 78 18.74 -13.31 -0.34
C ARG B 78 17.44 -14.13 -0.25
N SER B 79 16.36 -13.59 -0.80
CA SER B 79 15.10 -14.30 -0.80
C SER B 79 15.21 -15.58 -1.61
N LEU B 80 15.85 -15.48 -2.77
CA LEU B 80 16.00 -16.63 -3.65
C LEU B 80 16.75 -17.76 -2.96
N ILE B 81 17.84 -17.41 -2.27
CA ILE B 81 18.69 -18.39 -1.63
C ILE B 81 17.95 -19.01 -0.44
N MET B 82 17.25 -18.18 0.34
CA MET B 82 16.44 -18.70 1.44
C MET B 82 15.34 -19.66 0.98
N LYS B 83 14.75 -19.37 -0.17
CA LYS B 83 13.76 -20.24 -0.77
C LYS B 83 14.39 -21.59 -1.04
N TYR B 84 15.62 -21.58 -1.53
CA TYR B 84 16.37 -22.82 -1.75
C TYR B 84 16.62 -23.57 -0.45
N VAL B 85 17.04 -22.86 0.59
CA VAL B 85 17.27 -23.48 1.89
C VAL B 85 16.00 -24.19 2.36
N LEU B 86 14.87 -23.50 2.26
CA LEU B 86 13.60 -24.06 2.69
C LEU B 86 13.21 -25.33 1.92
N THR B 87 13.40 -25.30 0.60
CA THR B 87 12.92 -26.39 -0.23
C THR B 87 13.93 -27.53 -0.40
N SER B 88 15.22 -27.25 -0.29
CA SER B 88 16.19 -28.32 -0.39
C SER B 88 16.03 -29.32 0.77
N ARG B 89 15.52 -28.83 1.89
CA ARG B 89 15.30 -29.68 3.07
C ARG B 89 14.00 -30.46 3.01
N SER B 90 13.06 -30.00 2.20
CA SER B 90 11.69 -30.50 2.20
C SER B 90 11.49 -32.00 2.03
N TYR B 91 12.16 -32.60 1.06
CA TYR B 91 11.82 -33.97 0.67
C TYR B 91 12.08 -35.06 1.73
N LEU B 92 12.70 -34.72 2.86
CA LEU B 92 13.17 -35.74 3.78
C LEU B 92 12.14 -36.24 4.78
N ILE B 93 11.16 -35.41 5.10
CA ILE B 93 10.20 -35.75 6.15
C ILE B 93 8.89 -36.29 5.58
N ASP B 94 8.43 -37.41 6.14
CA ASP B 94 7.12 -37.94 5.78
C ASP B 94 6.04 -37.06 6.41
N SER B 95 5.18 -36.49 5.58
CA SER B 95 4.10 -35.64 6.03
C SER B 95 2.97 -35.77 5.00
N PRO B 96 1.83 -36.36 5.36
CA PRO B 96 1.41 -36.97 6.63
C PRO B 96 2.40 -38.00 7.17
N PRO B 97 2.46 -38.14 8.50
CA PRO B 97 3.44 -39.00 9.17
C PRO B 97 3.11 -40.49 8.99
N THR B 98 4.11 -41.33 9.22
CA THR B 98 3.98 -42.77 8.99
C THR B 98 4.19 -43.58 10.27
N TYR B 99 5.42 -43.98 10.55
CA TYR B 99 5.68 -44.97 11.59
C TYR B 99 5.68 -44.40 13.01
N ASN B 100 5.64 -45.30 14.00
CA ASN B 100 5.91 -44.90 15.39
C ASN B 100 6.48 -46.11 16.13
N VAL B 101 6.67 -46.01 17.44
CA VAL B 101 7.39 -47.08 18.17
C VAL B 101 6.69 -48.43 18.08
N HIS B 102 5.37 -48.43 17.89
CA HIS B 102 4.64 -49.69 17.82
C HIS B 102 4.34 -50.15 16.41
N TYR B 103 4.51 -49.27 15.43
CA TYR B 103 4.16 -49.61 14.05
C TYR B 103 5.28 -49.43 13.03
N GLY B 104 5.79 -50.56 12.54
CA GLY B 104 6.82 -50.57 11.50
C GLY B 104 6.25 -50.66 10.09
N TYR B 105 4.92 -50.64 10.01
CA TYR B 105 4.21 -50.56 8.75
C TYR B 105 3.17 -49.43 8.92
N LYS B 106 2.72 -48.85 7.81
CA LYS B 106 1.73 -47.77 7.89
C LYS B 106 0.39 -48.29 8.39
N SER B 107 -0.27 -47.55 9.28
CA SER B 107 -1.60 -47.93 9.74
C SER B 107 -2.40 -46.71 10.23
N TRP B 108 -3.72 -46.87 10.30
CA TRP B 108 -4.56 -45.79 10.73
C TRP B 108 -4.32 -45.42 12.18
N GLU B 109 -3.98 -46.42 12.99
CA GLU B 109 -3.61 -46.18 14.37
C GLU B 109 -2.37 -45.30 14.44
N ALA B 110 -1.34 -45.60 13.65
CA ALA B 110 -0.13 -44.79 13.69
C ALA B 110 -0.42 -43.38 13.17
N PHE B 111 -1.21 -43.25 12.10
CA PHE B 111 -1.52 -41.91 11.61
C PHE B 111 -2.37 -41.07 12.61
N SER B 112 -3.38 -41.69 13.21
CA SER B 112 -4.44 -40.92 13.87
C SER B 112 -4.22 -40.65 15.36
N ASN B 113 -3.42 -41.49 16.01
CA ASN B 113 -3.18 -41.37 17.44
C ASN B 113 -2.05 -40.36 17.73
N LEU B 114 -2.45 -39.18 18.15
CA LEU B 114 -1.54 -38.08 18.34
C LEU B 114 -0.66 -38.19 19.61
N SER B 115 -0.90 -39.19 20.43
CA SER B 115 -0.13 -39.40 21.67
C SER B 115 1.25 -39.99 21.41
N TYR B 116 1.47 -40.52 20.21
CA TYR B 116 2.77 -41.05 19.81
C TYR B 116 3.68 -39.97 19.23
N TYR B 117 4.97 -40.01 19.57
CA TYR B 117 5.96 -39.42 18.69
C TYR B 117 5.95 -40.24 17.40
N THR B 118 6.11 -39.59 16.25
CA THR B 118 6.24 -40.38 15.02
C THR B 118 7.72 -40.80 14.84
N ARG B 119 7.99 -41.61 13.83
CA ARG B 119 9.33 -42.14 13.62
C ARG B 119 9.79 -41.95 12.19
N ALA B 120 10.95 -41.36 12.00
CA ALA B 120 11.53 -41.21 10.67
C ALA B 120 11.97 -42.57 10.09
N LEU B 121 12.39 -43.47 10.96
CA LEU B 121 12.64 -44.84 10.56
C LEU B 121 11.85 -45.76 11.48
N PRO B 122 11.19 -46.76 10.88
CA PRO B 122 10.41 -47.75 11.61
C PRO B 122 11.30 -48.49 12.63
N PRO B 123 10.71 -48.99 13.71
CA PRO B 123 11.48 -49.75 14.69
C PRO B 123 11.92 -51.10 14.15
N VAL B 124 13.03 -51.62 14.70
CA VAL B 124 13.50 -52.98 14.44
C VAL B 124 12.43 -53.92 14.99
N ALA B 125 12.00 -54.90 14.19
CA ALA B 125 10.96 -55.85 14.61
C ALA B 125 11.34 -56.62 15.87
N ASP B 126 10.33 -56.93 16.69
CA ASP B 126 10.56 -57.59 17.99
C ASP B 126 11.30 -58.91 17.87
N ASP B 127 11.03 -59.65 16.81
CA ASP B 127 11.60 -60.98 16.65
C ASP B 127 12.89 -60.98 15.83
N CYS B 128 13.50 -59.82 15.64
CA CYS B 128 14.81 -59.80 14.99
C CYS B 128 15.85 -60.41 15.92
N PRO B 129 16.82 -61.15 15.37
CA PRO B 129 17.86 -61.85 16.14
C PRO B 129 18.81 -60.94 16.94
N THR B 130 19.01 -59.72 16.46
CA THR B 130 19.88 -58.76 17.13
C THR B 130 19.16 -57.43 17.28
N PRO B 131 19.59 -56.60 18.23
CA PRO B 131 18.94 -55.30 18.43
C PRO B 131 18.88 -54.43 17.17
N MET B 132 19.92 -54.47 16.33
CA MET B 132 19.92 -53.66 15.12
C MET B 132 19.30 -54.38 13.92
N GLY B 133 18.90 -55.63 14.11
CA GLY B 133 18.33 -56.41 13.04
C GLY B 133 18.96 -57.78 12.95
N VAL B 134 20.06 -57.90 12.21
CA VAL B 134 20.81 -59.17 12.10
C VAL B 134 22.30 -58.98 12.40
N LYS B 135 22.79 -57.75 12.31
CA LYS B 135 24.19 -57.46 12.58
C LYS B 135 24.45 -57.36 14.07
N GLY B 136 25.72 -57.54 14.45
CA GLY B 136 26.14 -57.36 15.82
C GLY B 136 25.93 -58.58 16.68
N ASN B 137 26.13 -58.42 17.99
CA ASN B 137 25.96 -59.50 18.93
C ASN B 137 24.51 -59.48 19.42
N LYS B 138 24.12 -60.54 20.11
CA LYS B 138 22.77 -60.67 20.64
C LYS B 138 22.38 -59.50 21.54
N GLU B 139 23.37 -58.92 22.21
CA GLU B 139 23.08 -57.73 23.01
C GLU B 139 24.07 -56.59 22.74
N LEU B 140 23.56 -55.37 22.83
CA LEU B 140 24.35 -54.16 22.68
C LEU B 140 25.26 -53.99 23.88
N PRO B 141 26.35 -53.21 23.72
CA PRO B 141 27.28 -53.03 24.84
C PRO B 141 26.62 -52.31 26.01
N ASP B 142 27.11 -52.60 27.22
CA ASP B 142 26.61 -51.96 28.43
C ASP B 142 26.52 -50.43 28.27
N SER B 143 25.35 -49.89 28.57
CA SER B 143 25.14 -48.46 28.37
C SER B 143 25.97 -47.61 29.35
N LYS B 144 26.16 -48.10 30.56
CA LYS B 144 27.01 -47.40 31.51
C LYS B 144 28.46 -47.34 31.00
N GLU B 145 28.90 -48.40 30.33
CA GLU B 145 30.24 -48.47 29.74
C GLU B 145 30.41 -47.45 28.63
N VAL B 146 29.41 -47.37 27.75
CA VAL B 146 29.45 -46.42 26.63
C VAL B 146 29.54 -45.00 27.17
N LEU B 147 28.62 -44.69 28.07
CA LEU B 147 28.55 -43.42 28.77
C LEU B 147 29.89 -42.99 29.41
N GLU B 148 30.46 -43.87 30.23
CA GLU B 148 31.68 -43.54 30.97
C GLU B 148 32.91 -43.40 30.08
N LYS B 149 33.03 -44.27 29.08
CA LYS B 149 34.21 -44.25 28.23
C LYS B 149 34.19 -43.11 27.21
N VAL B 150 33.03 -42.75 26.67
CA VAL B 150 33.06 -41.72 25.62
C VAL B 150 32.09 -40.54 25.77
N LEU B 151 31.22 -40.54 26.77
CA LEU B 151 30.28 -39.43 26.89
C LEU B 151 30.54 -38.49 28.08
N LEU B 152 30.88 -39.05 29.24
CA LEU B 152 31.04 -38.21 30.43
C LEU B 152 32.18 -37.21 30.29
N ARG B 153 31.97 -36.02 30.84
CA ARG B 153 32.92 -34.93 30.75
C ARG B 153 34.13 -35.18 31.64
N ARG B 154 35.33 -34.95 31.12
CA ARG B 154 36.54 -34.91 31.95
C ARG B 154 36.82 -33.46 32.30
N GLU B 155 37.42 -32.74 31.36
CA GLU B 155 37.53 -31.31 31.47
C GLU B 155 36.37 -30.70 30.67
N PHE B 156 35.86 -29.55 31.12
CA PHE B 156 34.82 -28.84 30.38
C PHE B 156 35.32 -28.45 29.00
N ILE B 157 34.60 -28.83 27.94
CA ILE B 157 35.02 -28.44 26.61
C ILE B 157 34.10 -27.32 26.10
N PRO B 158 34.62 -26.09 26.06
CA PRO B 158 33.79 -24.95 25.66
C PRO B 158 33.42 -25.03 24.19
N ASP B 159 32.23 -24.54 23.82
CA ASP B 159 31.83 -24.47 22.43
C ASP B 159 32.64 -23.42 21.70
N PRO B 160 33.35 -23.82 20.63
CA PRO B 160 34.15 -22.92 19.78
C PRO B 160 33.31 -21.94 18.96
N GLN B 161 32.02 -22.22 18.74
CA GLN B 161 31.14 -21.24 18.09
C GLN B 161 30.68 -20.15 19.05
N GLY B 162 31.04 -20.31 20.32
CA GLY B 162 30.77 -19.30 21.31
C GLY B 162 29.36 -19.27 21.87
N SER B 163 28.60 -20.35 21.74
CA SER B 163 27.25 -20.39 22.31
C SER B 163 27.32 -20.12 23.81
N ASN B 164 26.35 -19.34 24.31
CA ASN B 164 26.34 -18.94 25.70
C ASN B 164 25.15 -19.55 26.42
N MET B 165 24.93 -19.15 27.67
CA MET B 165 23.84 -19.74 28.44
C MET B 165 22.47 -19.16 28.07
N MET B 166 22.41 -17.96 27.49
CA MET B 166 21.14 -17.46 26.92
C MET B 166 20.68 -18.45 25.87
N PHE B 167 21.63 -18.89 25.04
CA PHE B 167 21.33 -19.86 24.01
C PHE B 167 20.90 -21.19 24.61
N ALA B 168 21.68 -21.73 25.54
CA ALA B 168 21.39 -23.06 26.08
C ALA B 168 20.00 -23.09 26.73
N PHE B 169 19.68 -22.08 27.52
CA PHE B 169 18.40 -22.09 28.19
C PHE B 169 17.28 -21.77 27.22
N PHE B 170 17.56 -20.99 26.17
CA PHE B 170 16.56 -20.76 25.12
C PHE B 170 16.24 -22.09 24.44
N ALA B 171 17.29 -22.85 24.08
CA ALA B 171 17.10 -24.18 23.51
C ALA B 171 16.22 -25.04 24.42
N GLN B 172 16.54 -25.09 25.71
CA GLN B 172 15.76 -25.92 26.63
C GLN B 172 14.31 -25.47 26.72
N HIS B 173 14.12 -24.15 26.84
CA HIS B 173 12.82 -23.56 27.01
C HIS B 173 11.95 -23.74 25.75
N PHE B 174 12.48 -23.34 24.61
CA PHE B 174 11.77 -23.47 23.34
C PHE B 174 11.38 -24.92 23.02
N THR B 175 12.33 -25.85 23.13
CA THR B 175 12.06 -27.23 22.74
C THR B 175 11.14 -27.96 23.70
N HIS B 176 11.02 -27.49 24.96
CA HIS B 176 10.21 -28.27 25.90
C HIS B 176 8.69 -28.05 25.74
N GLN B 177 8.32 -27.30 24.70
CA GLN B 177 6.89 -27.24 24.36
C GLN B 177 6.52 -28.42 23.47
N PHE B 178 7.47 -29.00 22.74
CA PHE B 178 7.05 -30.13 21.91
C PHE B 178 7.77 -31.44 22.23
N PHE B 179 8.80 -31.38 23.08
CA PHE B 179 9.37 -32.57 23.71
C PHE B 179 8.83 -32.67 25.13
N LYS B 180 7.78 -33.46 25.28
CA LYS B 180 7.09 -33.61 26.54
C LYS B 180 6.69 -35.06 26.71
N THR B 181 7.68 -35.90 26.98
CA THR B 181 7.48 -37.33 27.00
C THR B 181 6.50 -37.72 28.10
N ASP B 182 5.51 -38.52 27.72
CA ASP B 182 4.51 -39.05 28.65
C ASP B 182 5.05 -40.33 29.30
N HIS B 183 5.76 -40.18 30.40
CA HIS B 183 6.45 -41.32 31.02
C HIS B 183 5.50 -42.39 31.54
N LYS B 184 4.23 -42.06 31.74
CA LYS B 184 3.23 -43.07 32.14
C LYS B 184 2.95 -44.08 31.03
N ARG B 185 3.16 -43.68 29.79
CA ARG B 185 2.94 -44.55 28.64
C ARG B 185 4.25 -45.16 28.17
N GLY B 186 5.30 -44.35 28.17
CA GLY B 186 6.62 -44.81 27.76
C GLY B 186 7.27 -43.74 26.91
N PRO B 187 8.55 -43.94 26.55
CA PRO B 187 9.39 -42.96 25.87
C PRO B 187 8.92 -42.59 24.44
N GLY B 188 8.14 -43.44 23.80
CA GLY B 188 7.67 -43.14 22.46
C GLY B 188 6.39 -42.33 22.44
N PHE B 189 5.98 -41.82 23.60
CA PHE B 189 4.71 -41.09 23.73
C PHE B 189 4.92 -39.67 24.22
N THR B 190 4.06 -38.77 23.77
CA THR B 190 4.16 -37.36 24.15
C THR B 190 2.83 -36.82 24.71
N ARG B 191 2.93 -35.78 25.53
CA ARG B 191 1.78 -34.99 26.00
C ARG B 191 1.60 -33.72 25.16
N GLY B 192 2.50 -33.49 24.21
CA GLY B 192 2.41 -32.31 23.34
C GLY B 192 1.58 -32.59 22.10
N LEU B 193 0.27 -32.61 22.27
CA LEU B 193 -0.62 -33.08 21.20
C LEU B 193 -0.70 -32.09 20.06
N GLY B 194 -0.21 -30.87 20.27
CA GLY B 194 -0.12 -29.91 19.19
C GLY B 194 1.04 -30.17 18.23
N HIS B 195 2.00 -30.97 18.69
CA HIS B 195 3.11 -31.42 17.86
C HIS B 195 3.85 -30.29 17.16
N GLY B 196 4.12 -29.22 17.89
CA GLY B 196 4.84 -28.11 17.31
C GLY B 196 4.86 -26.87 18.17
N VAL B 197 5.04 -25.75 17.51
CA VAL B 197 5.20 -24.47 18.20
C VAL B 197 3.85 -23.84 18.50
N ASP B 198 3.19 -24.27 19.57
CA ASP B 198 1.90 -23.70 19.90
C ASP B 198 1.98 -22.84 21.17
N LEU B 199 3.19 -22.79 21.76
CA LEU B 199 3.46 -22.04 22.98
C LEU B 199 2.61 -22.49 24.15
N ASN B 200 2.28 -23.78 24.19
CA ASN B 200 1.61 -24.34 25.36
C ASN B 200 2.48 -24.25 26.59
N HIS B 201 3.77 -24.05 26.39
CA HIS B 201 4.67 -23.93 27.54
C HIS B 201 4.55 -22.57 28.23
N ILE B 202 3.83 -21.65 27.59
CA ILE B 202 3.48 -20.37 28.18
C ILE B 202 2.00 -20.39 28.58
N TYR B 203 1.17 -20.93 27.70
CA TYR B 203 -0.29 -20.81 27.82
C TYR B 203 -0.97 -22.04 28.39
N GLY B 204 -0.25 -23.15 28.52
CA GLY B 204 -0.86 -24.39 29.00
C GLY B 204 -1.30 -25.29 27.85
N GLU B 205 -1.24 -26.59 28.08
CA GLU B 205 -1.62 -27.56 27.06
C GLU B 205 -3.15 -27.63 26.89
N THR B 206 -3.89 -27.47 28.00
CA THR B 206 -5.35 -27.55 27.95
C THR B 206 -6.02 -26.21 28.23
N LEU B 207 -7.28 -26.12 27.81
CA LEU B 207 -8.10 -24.92 27.98
C LEU B 207 -8.25 -24.60 29.47
N ASP B 208 -8.45 -25.66 30.26
CA ASP B 208 -8.59 -25.53 31.70
C ASP B 208 -7.35 -24.89 32.36
N ARG B 209 -6.16 -25.32 31.93
CA ARG B 209 -4.94 -24.78 32.47
C ARG B 209 -4.78 -23.33 31.99
N GLN B 210 -5.07 -23.11 30.72
CA GLN B 210 -4.98 -21.79 30.14
C GLN B 210 -5.83 -20.77 30.92
N HIS B 211 -7.06 -21.16 31.26
CA HIS B 211 -7.98 -20.27 31.94
C HIS B 211 -7.53 -19.95 33.37
N LYS B 212 -6.90 -20.92 34.01
CA LYS B 212 -6.30 -20.71 35.33
C LYS B 212 -5.09 -19.76 35.29
N LEU B 213 -4.39 -19.71 34.16
CA LEU B 213 -3.24 -18.82 34.02
C LEU B 213 -3.64 -17.40 33.55
N ARG B 214 -4.86 -17.23 33.05
CA ARG B 214 -5.28 -15.92 32.49
C ARG B 214 -5.89 -14.95 33.51
N LEU B 215 -5.69 -13.67 33.26
CA LEU B 215 -6.27 -12.63 34.09
C LEU B 215 -7.75 -12.33 33.72
N PHE B 216 -8.11 -12.65 32.48
CA PHE B 216 -9.42 -12.33 31.91
C PHE B 216 -9.74 -10.85 31.96
N LYS B 217 -8.70 -10.03 32.00
CA LYS B 217 -8.83 -8.62 31.71
C LYS B 217 -7.75 -8.23 30.68
N ASP B 218 -8.15 -7.51 29.65
CA ASP B 218 -7.24 -6.98 28.62
C ASP B 218 -6.40 -8.01 27.88
N GLY B 219 -6.85 -9.26 27.88
CA GLY B 219 -6.16 -10.32 27.17
C GLY B 219 -4.98 -10.87 27.96
N LYS B 220 -4.76 -10.33 29.15
CA LYS B 220 -3.48 -10.56 29.81
C LYS B 220 -3.36 -11.89 30.57
N LEU B 221 -2.12 -12.29 30.87
CA LEU B 221 -1.87 -13.40 31.79
C LEU B 221 -1.72 -12.90 33.23
N LYS B 222 -2.13 -13.71 34.20
CA LYS B 222 -1.91 -13.31 35.58
C LYS B 222 -0.41 -13.18 35.88
N TYR B 223 -0.09 -12.28 36.80
CA TYR B 223 1.29 -12.06 37.23
C TYR B 223 1.31 -11.54 38.66
N GLN B 224 2.50 -11.53 39.26
CA GLN B 224 2.67 -10.88 40.56
C GLN B 224 3.85 -9.93 40.49
N VAL B 225 3.87 -8.98 41.40
CA VAL B 225 4.96 -8.04 41.49
C VAL B 225 5.77 -8.32 42.76
N ILE B 226 7.07 -8.58 42.57
CA ILE B 226 8.02 -8.79 43.67
C ILE B 226 9.17 -7.80 43.52
N GLY B 227 9.33 -6.91 44.49
CA GLY B 227 10.34 -5.86 44.43
C GLY B 227 10.28 -4.98 43.19
N GLY B 228 9.06 -4.59 42.81
CA GLY B 228 8.83 -3.75 41.65
C GLY B 228 8.93 -4.46 40.31
N GLU B 229 9.12 -5.77 40.36
CA GLU B 229 9.35 -6.55 39.13
C GLU B 229 8.24 -7.55 38.88
N VAL B 230 7.87 -7.72 37.62
CA VAL B 230 6.82 -8.66 37.24
C VAL B 230 7.34 -10.09 37.10
N TYR B 231 6.77 -11.00 37.88
CA TYR B 231 7.04 -12.44 37.76
C TYR B 231 5.73 -13.20 37.52
N PRO B 232 5.84 -14.50 37.13
CA PRO B 232 4.65 -15.33 36.98
C PRO B 232 3.91 -15.45 38.29
N PRO B 233 2.64 -15.85 38.23
CA PRO B 233 1.86 -16.06 39.45
C PRO B 233 2.27 -17.33 40.18
N THR B 234 1.70 -17.54 41.35
CA THR B 234 1.99 -18.75 42.12
C THR B 234 0.93 -19.84 41.94
N VAL B 235 1.30 -21.05 42.36
CA VAL B 235 0.41 -22.20 42.37
C VAL B 235 -0.78 -21.99 43.28
N LYS B 236 -0.56 -21.31 44.40
CA LYS B 236 -1.61 -21.03 45.35
C LYS B 236 -2.67 -20.11 44.73
N ASP B 237 -2.19 -19.16 43.93
CA ASP B 237 -3.07 -18.16 43.32
C ASP B 237 -3.87 -18.73 42.13
N THR B 238 -3.28 -19.66 41.39
CA THR B 238 -3.90 -20.14 40.16
C THR B 238 -4.49 -21.54 40.24
N GLN B 239 -4.06 -22.35 41.21
CA GLN B 239 -4.40 -23.78 41.30
C GLN B 239 -3.90 -24.57 40.09
N VAL B 240 -2.94 -24.00 39.39
CA VAL B 240 -2.23 -24.69 38.33
C VAL B 240 -1.25 -25.69 38.91
N GLU B 241 -1.28 -26.91 38.41
CA GLU B 241 -0.34 -27.89 38.93
C GLU B 241 1.05 -27.74 38.31
N MET B 242 2.05 -27.79 39.19
CA MET B 242 3.45 -27.67 38.85
C MET B 242 4.25 -28.77 39.55
N ILE B 243 5.42 -29.06 39.01
CA ILE B 243 6.30 -30.03 39.64
C ILE B 243 7.33 -29.33 40.49
N TYR B 244 7.19 -29.48 41.80
CA TYR B 244 8.13 -28.92 42.78
C TYR B 244 8.42 -29.95 43.86
N PRO B 245 9.67 -29.98 44.34
CA PRO B 245 10.03 -30.77 45.52
C PRO B 245 9.29 -30.22 46.74
N PRO B 246 8.97 -31.07 47.72
CA PRO B 246 8.13 -30.68 48.87
C PRO B 246 8.70 -29.55 49.72
N HIS B 247 10.00 -29.29 49.66
CA HIS B 247 10.60 -28.27 50.52
C HIS B 247 10.47 -26.86 49.92
N ILE B 248 9.94 -26.74 48.70
CA ILE B 248 9.77 -25.43 48.09
C ILE B 248 8.58 -24.66 48.70
N PRO B 249 8.84 -23.48 49.28
CA PRO B 249 7.78 -22.66 49.90
C PRO B 249 6.72 -22.22 48.90
N GLU B 250 5.50 -22.02 49.38
CA GLU B 250 4.39 -21.68 48.51
C GLU B 250 4.64 -20.40 47.69
N ASN B 251 5.30 -19.41 48.29
CA ASN B 251 5.56 -18.14 47.58
C ASN B 251 6.59 -18.26 46.46
N LEU B 252 7.26 -19.42 46.38
CA LEU B 252 8.29 -19.64 45.37
C LEU B 252 7.84 -20.70 44.36
N GLN B 253 6.62 -21.20 44.52
CA GLN B 253 6.03 -22.12 43.54
C GLN B 253 5.37 -21.34 42.41
N PHE B 254 6.18 -20.93 41.44
CA PHE B 254 5.71 -20.19 40.28
C PHE B 254 4.90 -21.08 39.35
N ALA B 255 3.80 -20.54 38.81
CA ALA B 255 2.90 -21.28 37.93
C ALA B 255 3.10 -20.79 36.53
N VAL B 256 3.51 -21.69 35.62
CA VAL B 256 3.62 -21.33 34.21
C VAL B 256 3.01 -22.42 33.32
N GLY B 257 2.97 -22.17 32.01
CA GLY B 257 2.33 -23.09 31.09
C GLY B 257 2.86 -24.53 31.14
N GLN B 258 4.17 -24.65 31.26
CA GLN B 258 4.85 -25.93 31.28
C GLN B 258 5.08 -26.36 32.73
N GLU B 259 4.68 -27.56 33.08
CA GLU B 259 4.69 -28.01 34.47
C GLU B 259 6.09 -28.23 35.08
N VAL B 260 7.12 -28.37 34.25
CA VAL B 260 8.46 -28.61 34.80
C VAL B 260 9.36 -27.37 34.84
N PHE B 261 8.87 -26.21 34.44
CA PHE B 261 9.76 -25.07 34.28
C PHE B 261 10.21 -24.46 35.60
N GLY B 262 9.71 -24.97 36.72
CA GLY B 262 10.27 -24.61 38.01
C GLY B 262 11.57 -25.37 38.30
N LEU B 263 11.90 -26.36 37.47
CA LEU B 263 13.12 -27.16 37.58
C LEU B 263 14.39 -26.30 37.68
N VAL B 264 14.52 -25.32 36.79
CA VAL B 264 15.73 -24.51 36.81
C VAL B 264 15.41 -23.06 36.59
N PRO B 265 16.13 -22.18 37.31
CA PRO B 265 15.92 -20.75 37.21
C PRO B 265 16.13 -20.23 35.78
N GLY B 266 16.92 -20.94 34.98
CA GLY B 266 17.12 -20.57 33.59
C GLY B 266 15.83 -20.65 32.78
N LEU B 267 15.03 -21.67 33.04
CA LEU B 267 13.74 -21.82 32.36
C LEU B 267 12.78 -20.75 32.84
N MET B 268 12.82 -20.47 34.14
CA MET B 268 11.93 -19.51 34.76
C MET B 268 12.26 -18.09 34.25
N MET B 269 13.53 -17.87 33.92
CA MET B 269 13.97 -16.60 33.34
C MET B 269 13.22 -16.35 32.02
N TYR B 270 13.21 -17.37 31.17
CA TYR B 270 12.54 -17.23 29.89
C TYR B 270 11.01 -17.23 30.01
N ALA B 271 10.47 -18.02 30.92
CA ALA B 271 9.03 -17.99 31.16
C ALA B 271 8.56 -16.58 31.59
N THR B 272 9.39 -15.90 32.37
CA THR B 272 9.08 -14.57 32.84
C THR B 272 9.12 -13.56 31.69
N ILE B 273 10.17 -13.66 30.88
CA ILE B 273 10.35 -12.78 29.74
C ILE B 273 9.16 -12.90 28.78
N TRP B 274 8.74 -14.14 28.50
CA TRP B 274 7.67 -14.37 27.55
C TRP B 274 6.31 -13.98 28.12
N LEU B 275 6.12 -14.21 29.41
CA LEU B 275 4.92 -13.70 30.08
C LEU B 275 4.84 -12.16 29.96
N ARG B 276 5.93 -11.48 30.25
CA ARG B 276 5.98 -10.03 30.10
C ARG B 276 5.69 -9.62 28.65
N GLU B 277 6.22 -10.37 27.69
CA GLU B 277 6.02 -10.03 26.29
C GLU B 277 4.53 -10.14 25.91
N HIS B 278 3.87 -11.19 26.37
CA HIS B 278 2.46 -11.36 26.09
C HIS B 278 1.65 -10.15 26.56
N ASN B 279 1.85 -9.74 27.81
CA ASN B 279 1.11 -8.63 28.35
C ASN B 279 1.49 -7.31 27.68
N ARG B 280 2.74 -7.21 27.21
CA ARG B 280 3.15 -6.04 26.44
C ARG B 280 2.39 -5.96 25.11
N VAL B 281 2.26 -7.09 24.42
CA VAL B 281 1.55 -7.12 23.15
C VAL B 281 0.06 -6.85 23.38
N CYS B 282 -0.48 -7.30 24.52
CA CYS B 282 -1.83 -6.94 24.93
C CYS B 282 -2.07 -5.44 25.04
N ASP B 283 -1.09 -4.72 25.56
CA ASP B 283 -1.24 -3.27 25.71
C ASP B 283 -1.27 -2.57 24.37
N ILE B 284 -0.40 -3.02 23.47
CA ILE B 284 -0.30 -2.50 22.11
C ILE B 284 -1.59 -2.74 21.35
N LEU B 285 -2.11 -3.97 21.45
CA LEU B 285 -3.35 -4.31 20.78
C LEU B 285 -4.57 -3.56 21.34
N LYS B 286 -4.62 -3.36 22.66
CA LYS B 286 -5.74 -2.63 23.26
C LYS B 286 -5.71 -1.17 22.81
N GLN B 287 -4.49 -0.64 22.73
CA GLN B 287 -4.22 0.68 22.20
C GLN B 287 -4.78 0.78 20.77
N GLU B 288 -4.50 -0.23 19.95
CA GLU B 288 -4.98 -0.25 18.56
C GLU B 288 -6.46 -0.57 18.44
N HIS B 289 -6.97 -1.36 19.38
CA HIS B 289 -8.37 -1.81 19.33
C HIS B 289 -9.08 -1.63 20.67
N PRO B 290 -9.44 -0.38 21.02
CA PRO B 290 -10.21 -0.16 22.25
C PRO B 290 -11.56 -0.89 22.24
N GLU B 291 -12.04 -1.27 21.05
CA GLU B 291 -13.32 -1.94 20.93
C GLU B 291 -13.19 -3.46 21.17
N TRP B 292 -11.96 -3.95 21.34
CA TRP B 292 -11.78 -5.41 21.51
C TRP B 292 -12.03 -5.87 22.95
N GLY B 293 -12.55 -7.09 23.09
CA GLY B 293 -12.70 -7.69 24.40
C GLY B 293 -11.50 -8.51 24.80
N ASP B 294 -11.53 -8.99 26.05
CA ASP B 294 -10.42 -9.74 26.62
C ASP B 294 -10.11 -10.97 25.77
N GLU B 295 -11.15 -11.66 25.29
CA GLU B 295 -10.90 -12.92 24.58
C GLU B 295 -10.12 -12.68 23.30
N GLN B 296 -10.55 -11.74 22.48
CA GLN B 296 -9.81 -11.51 21.25
C GLN B 296 -8.38 -10.94 21.48
N LEU B 297 -8.20 -10.10 22.50
CA LEU B 297 -6.86 -9.56 22.80
C LEU B 297 -5.94 -10.71 23.19
N PHE B 298 -6.43 -11.61 24.02
CA PHE B 298 -5.66 -12.78 24.39
C PHE B 298 -5.28 -13.63 23.18
N GLN B 299 -6.26 -13.94 22.34
CA GLN B 299 -6.02 -14.88 21.23
C GLN B 299 -5.08 -14.26 20.20
N THR B 300 -5.25 -12.96 19.95
CA THR B 300 -4.42 -12.31 18.93
C THR B 300 -2.97 -12.17 19.46
N SER B 301 -2.83 -11.89 20.75
CA SER B 301 -1.48 -11.86 21.35
C SER B 301 -0.79 -13.21 21.24
N ARG B 302 -1.51 -14.27 21.54
CA ARG B 302 -0.93 -15.59 21.38
C ARG B 302 -0.49 -15.84 19.94
N LEU B 303 -1.29 -15.45 18.95
CA LEU B 303 -0.85 -15.66 17.57
C LEU B 303 0.44 -14.87 17.27
N ILE B 304 0.53 -13.66 17.79
CA ILE B 304 1.68 -12.81 17.55
C ILE B 304 2.95 -13.40 18.24
N LEU B 305 2.80 -13.90 19.47
CA LEU B 305 3.95 -14.49 20.15
C LEU B 305 4.42 -15.77 19.48
N ILE B 306 3.50 -16.54 18.91
CA ILE B 306 3.89 -17.70 18.13
C ILE B 306 4.76 -17.20 16.96
N GLY B 307 4.29 -16.15 16.26
CA GLY B 307 5.05 -15.51 15.20
C GLY B 307 6.46 -15.06 15.61
N GLU B 308 6.55 -14.32 16.71
CA GLU B 308 7.83 -13.85 17.22
C GLU B 308 8.82 -14.99 17.51
N THR B 309 8.30 -16.06 18.12
CA THR B 309 9.10 -17.23 18.44
C THR B 309 9.72 -17.82 17.16
N ILE B 310 8.91 -18.06 16.15
CA ILE B 310 9.40 -18.64 14.89
C ILE B 310 10.40 -17.72 14.23
N LYS B 311 10.09 -16.42 14.26
CA LYS B 311 10.99 -15.38 13.78
C LYS B 311 12.36 -15.45 14.49
N ILE B 312 12.32 -15.47 15.80
CA ILE B 312 13.54 -15.50 16.59
C ILE B 312 14.30 -16.81 16.40
N VAL B 313 13.57 -17.92 16.37
CA VAL B 313 14.21 -19.21 16.22
C VAL B 313 14.99 -19.33 14.90
N ILE B 314 14.40 -18.84 13.82
CA ILE B 314 15.07 -18.87 12.51
C ILE B 314 16.22 -17.86 12.40
N GLU B 315 15.96 -16.60 12.73
CA GLU B 315 16.92 -15.55 12.37
C GLU B 315 17.98 -15.28 13.44
N ASP B 316 17.79 -15.80 14.65
CA ASP B 316 18.80 -15.65 15.70
C ASP B 316 19.36 -16.98 16.12
N TYR B 317 18.48 -17.90 16.51
CA TYR B 317 18.87 -19.17 17.11
C TYR B 317 19.52 -20.09 16.09
N VAL B 318 18.74 -20.48 15.09
CA VAL B 318 19.22 -21.32 13.99
C VAL B 318 20.33 -20.59 13.25
N GLN B 319 20.22 -19.26 13.18
CA GLN B 319 21.25 -18.47 12.53
C GLN B 319 22.59 -18.65 13.25
N HIS B 320 22.56 -18.64 14.59
CA HIS B 320 23.78 -18.82 15.39
C HIS B 320 24.31 -20.25 15.25
N LEU B 321 23.41 -21.23 15.40
CA LEU B 321 23.80 -22.64 15.36
C LEU B 321 24.41 -23.09 14.06
N SER B 322 23.88 -22.55 12.97
CA SER B 322 24.31 -22.91 11.63
C SER B 322 25.75 -22.54 11.35
N GLY B 323 26.15 -21.38 11.86
CA GLY B 323 27.47 -20.85 11.56
C GLY B 323 27.50 -20.18 10.20
N TYR B 324 26.36 -20.08 9.53
CA TYR B 324 26.34 -19.57 8.16
C TYR B 324 26.58 -18.07 8.16
N HIS B 325 27.23 -17.58 7.11
CA HIS B 325 27.39 -16.14 6.89
C HIS B 325 26.15 -15.58 6.20
N PHE B 326 25.48 -16.46 5.45
CA PHE B 326 24.20 -16.12 4.85
C PHE B 326 23.19 -15.86 5.96
N LYS B 327 22.45 -14.76 5.86
CA LYS B 327 21.47 -14.41 6.88
C LYS B 327 20.11 -15.01 6.56
N LEU B 328 19.73 -16.01 7.35
CA LEU B 328 18.44 -16.67 7.20
C LEU B 328 17.28 -15.66 7.33
N LYS B 329 16.13 -16.05 6.81
CA LYS B 329 14.98 -15.16 6.77
C LYS B 329 13.69 -15.92 7.08
N PHE B 330 12.92 -15.41 8.04
CA PHE B 330 11.59 -15.94 8.27
C PHE B 330 10.65 -15.25 7.30
N ASP B 331 10.21 -15.97 6.27
CA ASP B 331 9.31 -15.40 5.28
C ASP B 331 8.42 -16.48 4.67
N PRO B 332 7.25 -16.68 5.28
CA PRO B 332 6.26 -17.64 4.82
C PRO B 332 5.91 -17.53 3.33
N GLU B 333 5.95 -16.32 2.76
CA GLU B 333 5.54 -16.15 1.36
C GLU B 333 6.42 -16.95 0.40
N LEU B 334 7.65 -17.24 0.83
CA LEU B 334 8.59 -17.96 -0.03
C LEU B 334 8.14 -19.38 -0.37
N LEU B 335 7.23 -19.94 0.43
CA LEU B 335 6.75 -21.29 0.16
C LEU B 335 5.39 -21.31 -0.58
N PHE B 336 4.78 -20.13 -0.78
CA PHE B 336 3.41 -20.02 -1.30
C PHE B 336 3.25 -20.56 -2.72
N ASN B 337 4.31 -20.58 -3.51
CA ASN B 337 4.22 -21.17 -4.84
C ASN B 337 4.94 -22.53 -4.89
N GLN B 338 5.20 -23.09 -3.72
CA GLN B 338 5.87 -24.39 -3.59
C GLN B 338 4.91 -25.42 -3.01
N GLN B 339 5.16 -26.69 -3.28
CA GLN B 339 4.46 -27.77 -2.60
C GLN B 339 5.00 -27.93 -1.19
N PHE B 340 4.11 -27.84 -0.20
CA PHE B 340 4.53 -27.89 1.19
C PHE B 340 3.29 -28.17 2.02
N GLN B 341 3.40 -29.08 2.99
CA GLN B 341 2.29 -29.43 3.88
C GLN B 341 2.34 -28.60 5.16
N TYR B 342 1.31 -27.79 5.38
CA TYR B 342 1.26 -27.03 6.62
C TYR B 342 0.73 -27.88 7.77
N GLN B 343 1.57 -28.83 8.19
CA GLN B 343 1.28 -29.72 9.32
C GLN B 343 2.59 -30.34 9.84
N ASN B 344 2.56 -30.93 11.03
CA ASN B 344 3.75 -31.53 11.60
C ASN B 344 3.40 -32.56 12.64
N ARG B 345 4.20 -33.61 12.70
CA ARG B 345 4.13 -34.60 13.77
C ARG B 345 5.55 -34.72 14.35
N ILE B 346 5.71 -34.52 15.66
CA ILE B 346 7.05 -34.52 16.29
C ILE B 346 7.64 -35.93 16.27
N ALA B 347 8.85 -36.06 15.73
CA ALA B 347 9.54 -37.35 15.63
C ALA B 347 10.36 -37.68 16.87
N SER B 348 10.36 -38.96 17.22
CA SER B 348 11.09 -39.45 18.35
C SER B 348 12.58 -39.13 18.21
N GLU B 349 13.09 -39.33 17.01
CA GLU B 349 14.50 -39.09 16.70
C GLU B 349 14.87 -37.61 16.83
N PHE B 350 13.90 -36.72 16.58
CA PHE B 350 14.12 -35.28 16.76
C PHE B 350 14.34 -35.01 18.25
N ASN B 351 13.46 -35.59 19.07
CA ASN B 351 13.61 -35.53 20.53
C ASN B 351 14.99 -36.05 20.95
N THR B 352 15.34 -37.24 20.48
CA THR B 352 16.60 -37.91 20.85
C THR B 352 17.83 -37.10 20.46
N LEU B 353 17.86 -36.62 19.22
CA LEU B 353 19.03 -35.88 18.78
C LEU B 353 19.14 -34.56 19.53
N TYR B 354 18.06 -34.09 20.16
CA TYR B 354 18.10 -32.74 20.71
C TYR B 354 18.47 -32.79 22.22
N HIS B 355 18.93 -33.93 22.73
CA HIS B 355 19.40 -34.01 24.10
C HIS B 355 20.79 -33.40 24.21
N TRP B 356 20.84 -32.06 24.19
CA TRP B 356 22.10 -31.35 24.10
C TRP B 356 22.71 -31.01 25.46
N HIS B 357 22.72 -31.99 26.36
CA HIS B 357 23.21 -31.75 27.71
C HIS B 357 24.71 -31.37 27.83
N PRO B 358 25.56 -31.69 26.82
CA PRO B 358 26.93 -31.17 26.96
C PRO B 358 27.00 -29.65 27.02
N LEU B 359 25.92 -28.99 26.61
CA LEU B 359 25.81 -27.54 26.66
C LEU B 359 26.04 -26.99 28.04
N LEU B 360 25.62 -27.79 29.02
CA LEU B 360 25.59 -27.33 30.39
C LEU B 360 27.00 -27.19 30.93
N PRO B 361 27.25 -26.09 31.65
CA PRO B 361 28.51 -25.76 32.30
C PRO B 361 28.68 -26.56 33.59
N ASP B 362 29.83 -26.47 34.25
CA ASP B 362 30.00 -27.19 35.51
C ASP B 362 29.39 -26.41 36.63
N THR B 363 29.38 -25.09 36.48
CA THR B 363 28.68 -24.21 37.41
C THR B 363 27.87 -23.15 36.66
N PHE B 364 26.84 -22.62 37.31
CA PHE B 364 26.06 -21.57 36.71
C PHE B 364 26.50 -20.27 37.34
N ASN B 365 27.02 -19.38 36.51
CA ASN B 365 27.71 -18.17 36.98
C ASN B 365 26.86 -16.91 36.84
N ILE B 366 26.30 -16.47 37.95
CA ILE B 366 25.44 -15.29 37.94
C ILE B 366 26.04 -14.22 38.83
N GLU B 367 26.26 -13.03 38.24
CA GLU B 367 27.02 -11.98 38.87
C GLU B 367 28.36 -12.52 39.37
N ASP B 368 28.57 -12.51 40.68
CA ASP B 368 29.84 -12.98 41.23
C ASP B 368 29.77 -14.39 41.83
N GLN B 369 28.59 -15.01 41.80
CA GLN B 369 28.43 -16.33 42.38
C GLN B 369 28.64 -17.42 41.35
N GLU B 370 28.98 -18.62 41.82
CA GLU B 370 29.07 -19.79 40.95
C GLU B 370 28.30 -20.94 41.58
N TYR B 371 27.09 -21.18 41.09
CA TYR B 371 26.23 -22.18 41.70
C TYR B 371 26.49 -23.54 41.08
N SER B 372 26.64 -24.55 41.93
CA SER B 372 26.64 -25.94 41.48
C SER B 372 25.26 -26.32 41.01
N PHE B 373 25.18 -27.49 40.36
CA PHE B 373 23.93 -28.06 39.92
C PHE B 373 22.95 -28.19 41.07
N LYS B 374 23.46 -28.71 42.18
CA LYS B 374 22.67 -28.92 43.38
C LYS B 374 22.09 -27.62 43.93
N GLN B 375 22.90 -26.56 43.90
CA GLN B 375 22.45 -25.26 44.38
C GLN B 375 21.46 -24.64 43.38
N PHE B 376 21.59 -25.02 42.11
CA PHE B 376 20.87 -24.36 41.06
C PHE B 376 19.45 -24.92 40.89
N LEU B 377 19.34 -26.25 40.83
CA LEU B 377 18.05 -26.90 40.56
C LEU B 377 16.96 -26.57 41.56
N TYR B 378 15.79 -26.25 41.01
CA TYR B 378 14.58 -25.98 41.80
C TYR B 378 14.76 -24.85 42.80
N ASN B 379 15.55 -23.87 42.42
CA ASN B 379 15.85 -22.78 43.34
C ASN B 379 15.61 -21.41 42.72
N ASN B 380 14.35 -21.01 42.65
CA ASN B 380 14.00 -19.73 42.05
C ASN B 380 14.32 -18.51 42.93
N SER B 381 14.75 -18.75 44.16
CA SER B 381 15.19 -17.64 45.00
C SER B 381 16.43 -16.99 44.38
N ILE B 382 17.16 -17.77 43.57
CA ILE B 382 18.31 -17.25 42.84
C ILE B 382 17.87 -16.17 41.86
N LEU B 383 16.77 -16.45 41.14
CA LEU B 383 16.21 -15.49 40.21
C LEU B 383 15.73 -14.22 40.92
N LEU B 384 15.09 -14.38 42.07
CA LEU B 384 14.62 -13.22 42.84
C LEU B 384 15.78 -12.41 43.44
N GLU B 385 16.83 -13.09 43.87
CA GLU B 385 17.99 -12.44 44.47
C GLU B 385 18.70 -11.53 43.47
N HIS B 386 18.92 -12.06 42.27
CA HIS B 386 19.70 -11.33 41.27
C HIS B 386 18.88 -10.51 40.30
N GLY B 387 17.67 -10.98 39.96
CA GLY B 387 16.84 -10.29 38.99
C GLY B 387 17.14 -10.72 37.55
N LEU B 388 16.22 -10.38 36.65
CA LEU B 388 16.33 -10.76 35.24
C LEU B 388 17.48 -10.08 34.55
N THR B 389 17.69 -8.81 34.88
CA THR B 389 18.70 -8.01 34.23
C THR B 389 20.08 -8.63 34.42
N GLN B 390 20.38 -8.95 35.68
CA GLN B 390 21.63 -9.59 36.03
C GLN B 390 21.70 -11.00 35.43
N PHE B 391 20.56 -11.71 35.35
CA PHE B 391 20.55 -13.03 34.71
C PHE B 391 21.00 -12.96 33.25
N VAL B 392 20.34 -12.08 32.50
CA VAL B 392 20.67 -11.88 31.11
C VAL B 392 22.14 -11.50 30.93
N GLU B 393 22.60 -10.51 31.67
CA GLU B 393 24.00 -10.07 31.58
C GLU B 393 24.98 -11.20 31.85
N SER B 394 24.71 -11.99 32.89
CA SER B 394 25.58 -13.09 33.26
C SER B 394 25.50 -14.23 32.26
N PHE B 395 24.30 -14.59 31.83
CA PHE B 395 24.21 -15.73 30.94
C PHE B 395 24.70 -15.39 29.52
N THR B 396 24.73 -14.11 29.17
CA THR B 396 25.21 -13.68 27.87
C THR B 396 26.73 -13.80 27.82
N ARG B 397 27.37 -13.67 28.99
CA ARG B 397 28.82 -13.78 29.10
C ARG B 397 29.29 -15.22 29.28
N GLN B 398 28.48 -16.10 29.84
CA GLN B 398 29.00 -17.43 30.16
C GLN B 398 28.93 -18.41 28.99
N ILE B 399 30.07 -19.01 28.69
CA ILE B 399 30.21 -19.94 27.56
C ILE B 399 29.53 -21.28 27.85
N ALA B 400 28.88 -21.84 26.83
CA ALA B 400 28.25 -23.15 26.96
C ALA B 400 29.21 -24.21 26.42
N GLY B 401 28.94 -25.49 26.72
CA GLY B 401 29.81 -26.57 26.29
C GLY B 401 29.59 -27.04 24.86
N ARG B 402 30.63 -27.61 24.25
CA ARG B 402 30.54 -28.23 22.94
C ARG B 402 29.78 -29.55 22.98
N VAL B 403 28.89 -29.77 22.01
CA VAL B 403 28.01 -30.94 22.01
C VAL B 403 28.59 -32.15 21.30
N ALA B 404 29.08 -31.97 20.07
CA ALA B 404 29.79 -33.03 19.39
C ALA B 404 31.23 -33.13 19.95
N GLY B 405 32.02 -34.10 19.48
CA GLY B 405 33.43 -34.18 19.90
C GLY B 405 33.69 -35.11 21.08
N GLY B 406 32.63 -35.60 21.70
CA GLY B 406 32.76 -36.62 22.73
C GLY B 406 33.09 -36.12 24.13
N ARG B 407 32.75 -36.93 25.13
CA ARG B 407 33.20 -36.73 26.50
C ARG B 407 32.98 -35.31 27.05
N ASN B 408 31.75 -34.83 26.95
CA ASN B 408 31.47 -33.51 27.48
C ASN B 408 30.08 -33.45 28.12
N VAL B 409 29.51 -34.61 28.40
CA VAL B 409 28.27 -34.68 29.19
C VAL B 409 28.60 -34.49 30.68
N PRO B 410 28.09 -33.42 31.31
CA PRO B 410 28.39 -33.25 32.74
C PRO B 410 27.85 -34.39 33.58
N ILE B 411 28.59 -34.82 34.59
CA ILE B 411 28.24 -35.99 35.37
C ILE B 411 26.99 -35.77 36.21
N ALA B 412 26.68 -34.51 36.50
CA ALA B 412 25.46 -34.21 37.23
C ALA B 412 24.22 -34.77 36.52
N VAL B 413 24.28 -34.89 35.18
CA VAL B 413 23.13 -35.43 34.43
C VAL B 413 23.45 -36.75 33.74
N GLN B 414 24.30 -37.56 34.35
CA GLN B 414 24.68 -38.81 33.73
C GLN B 414 23.50 -39.76 33.62
N ALA B 415 22.57 -39.69 34.57
CA ALA B 415 21.39 -40.56 34.54
C ALA B 415 20.53 -40.25 33.31
N VAL B 416 20.50 -38.98 32.88
CA VAL B 416 19.72 -38.59 31.70
C VAL B 416 20.40 -39.11 30.45
N ALA B 417 21.72 -39.01 30.41
CA ALA B 417 22.47 -39.50 29.26
C ALA B 417 22.34 -41.02 29.16
N LYS B 418 22.37 -41.70 30.31
CA LYS B 418 22.24 -43.15 30.30
C LYS B 418 20.86 -43.61 29.86
N ALA B 419 19.83 -42.88 30.24
CA ALA B 419 18.45 -43.19 29.84
C ALA B 419 18.23 -42.93 28.36
N SER B 420 18.88 -41.92 27.81
CA SER B 420 18.79 -41.67 26.37
C SER B 420 19.28 -42.93 25.64
N ILE B 421 20.36 -43.52 26.13
CA ILE B 421 20.87 -44.74 25.51
C ILE B 421 19.86 -45.87 25.72
N ASP B 422 19.44 -46.10 26.96
CA ASP B 422 18.55 -47.21 27.29
C ASP B 422 17.17 -47.06 26.63
N GLN B 423 16.66 -45.85 26.55
CA GLN B 423 15.33 -45.67 25.97
C GLN B 423 15.34 -45.75 24.45
N SER B 424 16.42 -45.31 23.81
CA SER B 424 16.61 -45.54 22.37
C SER B 424 16.58 -47.02 22.02
N ARG B 425 17.15 -47.86 22.88
CA ARG B 425 17.16 -49.29 22.63
C ARG B 425 15.79 -49.87 22.88
N GLU B 426 15.16 -49.39 23.95
CA GLU B 426 13.84 -49.84 24.32
C GLU B 426 12.83 -49.55 23.20
N MET B 427 13.00 -48.41 22.52
CA MET B 427 12.16 -48.03 21.38
C MET B 427 12.64 -48.68 20.06
N LYS B 428 13.62 -49.57 20.17
CA LYS B 428 14.12 -50.33 19.00
C LYS B 428 14.59 -49.45 17.83
N TYR B 429 15.39 -48.42 18.13
CA TYR B 429 15.97 -47.58 17.09
C TYR B 429 16.88 -48.39 16.15
N GLN B 430 16.83 -48.07 14.85
CA GLN B 430 17.81 -48.63 13.92
C GLN B 430 19.18 -47.99 14.18
N SER B 431 20.19 -48.50 13.48
CA SER B 431 21.57 -48.12 13.71
C SER B 431 21.88 -46.73 13.20
N LEU B 432 23.00 -46.18 13.66
CA LEU B 432 23.52 -44.90 13.16
C LEU B 432 23.57 -44.86 11.64
N ASN B 433 24.11 -45.92 11.04
CA ASN B 433 24.29 -45.88 9.59
C ASN B 433 22.95 -45.99 8.86
N GLU B 434 21.96 -46.59 9.50
CA GLU B 434 20.62 -46.64 8.87
C GLU B 434 20.06 -45.21 8.83
N TYR B 435 20.20 -44.47 9.92
CA TYR B 435 19.74 -43.09 9.96
C TYR B 435 20.55 -42.17 9.02
N ARG B 436 21.82 -42.46 8.81
CA ARG B 436 22.60 -41.66 7.87
C ARG B 436 22.04 -41.89 6.44
N LYS B 437 21.82 -43.15 6.06
CA LYS B 437 21.23 -43.45 4.76
C LYS B 437 19.84 -42.84 4.59
N ARG B 438 19.03 -42.88 5.64
CA ARG B 438 17.69 -42.31 5.63
C ARG B 438 17.71 -40.82 5.30
N PHE B 439 18.79 -40.15 5.70
CA PHE B 439 18.87 -38.72 5.47
C PHE B 439 19.92 -38.36 4.41
N SER B 440 20.16 -39.30 3.48
CA SER B 440 21.05 -39.08 2.33
C SER B 440 22.52 -38.81 2.72
N LEU B 441 22.99 -39.42 3.80
CA LEU B 441 24.40 -39.29 4.18
C LEU B 441 25.12 -40.60 3.92
N LYS B 442 26.41 -40.51 3.59
CA LYS B 442 27.22 -41.68 3.37
C LYS B 442 27.44 -42.39 4.69
N PRO B 443 27.22 -43.70 4.73
CA PRO B 443 27.52 -44.42 5.97
C PRO B 443 28.99 -44.31 6.32
N TYR B 444 29.28 -44.17 7.62
CA TYR B 444 30.64 -44.20 8.12
C TYR B 444 31.18 -45.62 7.92
N THR B 445 32.48 -45.74 7.64
CA THR B 445 33.09 -47.05 7.34
C THR B 445 34.02 -47.55 8.45
N SER B 446 34.18 -46.74 9.50
CA SER B 446 35.00 -47.11 10.66
C SER B 446 34.67 -46.18 11.82
N PHE B 447 35.14 -46.51 13.01
CA PHE B 447 34.88 -45.64 14.15
C PHE B 447 35.73 -44.38 14.12
N GLU B 448 36.90 -44.48 13.47
CA GLU B 448 37.80 -43.34 13.30
C GLU B 448 37.26 -42.32 12.31
N GLU B 449 36.56 -42.81 11.29
CA GLU B 449 35.90 -41.88 10.38
C GLU B 449 34.78 -41.16 11.13
N LEU B 450 34.07 -41.88 12.00
CA LEU B 450 33.02 -41.26 12.85
C LEU B 450 33.55 -40.19 13.80
N THR B 451 34.61 -40.51 14.56
CA THR B 451 35.09 -39.57 15.57
C THR B 451 36.13 -38.58 15.07
N GLY B 452 36.89 -38.98 14.05
CA GLY B 452 37.96 -38.14 13.54
C GLY B 452 39.23 -38.21 14.39
N GLU B 453 39.21 -39.08 15.39
CA GLU B 453 40.32 -39.24 16.32
C GLU B 453 40.60 -40.73 16.52
N LYS B 454 41.52 -41.08 17.42
CA LYS B 454 41.86 -42.49 17.55
C LYS B 454 41.52 -43.12 18.92
N GLU B 455 41.55 -42.34 20.00
CA GLU B 455 41.28 -42.92 21.32
C GLU B 455 39.81 -43.35 21.54
N MET B 456 38.86 -42.42 21.41
CA MET B 456 37.45 -42.78 21.58
C MET B 456 37.05 -43.81 20.54
N ALA B 457 37.60 -43.69 19.33
CA ALA B 457 37.30 -44.65 18.27
C ALA B 457 37.66 -46.07 18.69
N ALA B 458 38.83 -46.24 19.30
CA ALA B 458 39.28 -47.55 19.74
C ALA B 458 38.39 -48.11 20.85
N GLU B 459 38.00 -47.24 21.75
CA GLU B 459 37.11 -47.65 22.81
C GLU B 459 35.76 -48.06 22.25
N LEU B 460 35.27 -47.33 21.27
CA LEU B 460 33.98 -47.66 20.65
C LEU B 460 34.08 -48.97 19.89
N LYS B 461 35.26 -49.24 19.32
CA LYS B 461 35.43 -50.45 18.53
C LYS B 461 35.43 -51.68 19.44
N ALA B 462 36.03 -51.54 20.62
CA ALA B 462 36.07 -52.66 21.57
C ALA B 462 34.68 -52.97 22.11
N LEU B 463 33.83 -51.95 22.19
CA LEU B 463 32.47 -52.12 22.70
C LEU B 463 31.50 -52.69 21.64
N TYR B 464 31.53 -52.10 20.45
CA TYR B 464 30.54 -52.37 19.39
C TYR B 464 30.99 -53.36 18.30
N SER B 465 32.30 -53.56 18.16
CA SER B 465 32.89 -54.40 17.10
C SER B 465 32.65 -53.90 15.65
N ASP B 466 31.37 -53.73 15.28
CA ASP B 466 30.99 -53.31 13.92
C ASP B 466 30.46 -51.88 13.88
N ILE B 467 30.97 -51.07 12.96
CA ILE B 467 30.50 -49.69 12.80
C ILE B 467 29.02 -49.63 12.39
N ASP B 468 28.54 -50.67 11.69
CA ASP B 468 27.16 -50.73 11.25
C ASP B 468 26.22 -51.04 12.42
N VAL B 469 26.80 -51.26 13.60
CA VAL B 469 26.05 -51.55 14.81
C VAL B 469 26.09 -50.35 15.76
N MET B 470 26.89 -49.34 15.42
CA MET B 470 26.94 -48.12 16.22
C MET B 470 25.53 -47.48 16.37
N GLU B 471 25.23 -46.98 17.56
CA GLU B 471 23.92 -46.40 17.82
C GLU B 471 23.87 -44.90 17.54
N LEU B 472 22.66 -44.39 17.32
CA LEU B 472 22.45 -43.01 16.89
C LEU B 472 22.84 -41.97 17.95
N TYR B 473 22.25 -42.08 19.14
CA TYR B 473 22.45 -41.09 20.17
C TYR B 473 23.96 -40.95 20.61
N PRO B 474 24.61 -42.06 21.00
CA PRO B 474 26.00 -41.83 21.41
C PRO B 474 26.84 -41.30 20.26
N ALA B 475 26.54 -41.74 19.04
CA ALA B 475 27.32 -41.32 17.87
C ALA B 475 27.27 -39.81 17.69
N LEU B 476 26.09 -39.25 17.93
CA LEU B 476 25.87 -37.82 17.79
C LEU B 476 26.75 -37.02 18.73
N LEU B 477 27.00 -37.55 19.92
CA LEU B 477 27.78 -36.82 20.92
C LEU B 477 29.29 -37.05 20.76
N VAL B 478 29.69 -38.08 20.01
CA VAL B 478 31.12 -38.34 19.77
C VAL B 478 31.59 -38.02 18.36
N GLU B 479 30.65 -37.65 17.50
CA GLU B 479 30.95 -37.38 16.11
C GLU B 479 31.97 -36.25 15.95
N LYS B 480 32.85 -36.41 14.96
CA LYS B 480 33.74 -35.36 14.55
C LYS B 480 32.95 -34.10 14.23
N PRO B 481 33.25 -33.01 14.93
CA PRO B 481 32.54 -31.76 14.67
C PRO B 481 32.95 -31.18 13.31
N ARG B 482 32.12 -30.33 12.71
CA ARG B 482 32.60 -29.47 11.64
C ARG B 482 33.70 -28.57 12.25
N PRO B 483 34.62 -28.05 11.42
CA PRO B 483 35.74 -27.23 11.92
C PRO B 483 35.28 -26.09 12.83
N ASP B 484 35.71 -26.10 14.09
CA ASP B 484 35.33 -25.10 15.09
C ASP B 484 33.81 -24.97 15.22
N ALA B 485 33.10 -26.07 15.02
CA ALA B 485 31.67 -26.06 15.14
C ALA B 485 31.20 -26.80 16.37
N ILE B 486 29.96 -26.55 16.77
CA ILE B 486 29.37 -27.19 17.93
C ILE B 486 28.89 -28.61 17.64
N PHE B 487 28.58 -28.89 16.37
CA PHE B 487 27.93 -30.13 15.93
C PHE B 487 28.68 -30.84 14.82
N GLY B 488 28.47 -32.14 14.69
CA GLY B 488 28.89 -32.87 13.51
C GLY B 488 27.81 -32.92 12.41
N GLU B 489 28.15 -33.54 11.29
CA GLU B 489 27.28 -33.61 10.12
C GLU B 489 25.90 -34.21 10.44
N THR B 490 25.89 -35.33 11.17
CA THR B 490 24.66 -36.06 11.42
C THR B 490 23.61 -35.26 12.18
N MET B 491 24.03 -34.55 13.22
CA MET B 491 23.16 -33.68 14.00
C MET B 491 22.48 -32.64 13.13
N VAL B 492 23.27 -31.97 12.29
CA VAL B 492 22.74 -30.91 11.43
C VAL B 492 21.82 -31.47 10.36
N GLU B 493 22.23 -32.56 9.72
CA GLU B 493 21.48 -33.10 8.60
C GLU B 493 20.19 -33.81 9.02
N LEU B 494 20.15 -34.33 10.25
CA LEU B 494 18.90 -34.88 10.78
C LEU B 494 18.02 -33.78 11.37
N GLY B 495 18.66 -32.84 12.05
CA GLY B 495 17.98 -31.78 12.76
C GLY B 495 17.28 -30.77 11.86
N ALA B 496 17.91 -30.42 10.75
CA ALA B 496 17.37 -29.38 9.89
C ALA B 496 15.98 -29.74 9.33
N PRO B 497 15.80 -30.95 8.76
CA PRO B 497 14.48 -31.23 8.20
C PRO B 497 13.37 -31.29 9.25
N PHE B 498 13.63 -31.89 10.42
CA PHE B 498 12.64 -31.95 11.50
C PHE B 498 12.26 -30.53 11.91
N SER B 499 13.27 -29.69 12.00
CA SER B 499 13.11 -28.32 12.45
C SER B 499 12.25 -27.51 11.49
N LEU B 500 12.57 -27.64 10.21
CA LEU B 500 11.88 -26.96 9.13
C LEU B 500 10.36 -27.16 9.23
N LYS B 501 9.95 -28.42 9.39
CA LYS B 501 8.53 -28.76 9.46
C LYS B 501 7.87 -28.20 10.72
N GLY B 502 8.57 -28.26 11.85
CA GLY B 502 8.08 -27.70 13.09
C GLY B 502 7.89 -26.19 13.01
N LEU B 503 8.70 -25.52 12.23
CA LEU B 503 8.63 -24.06 12.18
C LEU B 503 7.76 -23.56 11.04
N MET B 504 8.07 -23.95 9.81
CA MET B 504 7.31 -23.45 8.66
C MET B 504 5.98 -24.20 8.53
N GLY B 505 5.85 -25.35 9.18
CA GLY B 505 4.63 -26.13 9.12
C GLY B 505 3.46 -25.57 9.92
N ASN B 506 3.75 -24.61 10.80
CA ASN B 506 2.72 -23.96 11.62
C ASN B 506 1.61 -23.28 10.79
N PRO B 507 0.35 -23.40 11.22
CA PRO B 507 -0.74 -22.78 10.46
C PRO B 507 -0.58 -21.27 10.24
N ILE B 508 0.10 -20.54 11.12
CA ILE B 508 0.21 -19.10 10.87
C ILE B 508 1.10 -18.80 9.67
N CYS B 509 1.83 -19.80 9.19
CA CYS B 509 2.67 -19.58 8.02
C CYS B 509 1.92 -19.90 6.75
N SER B 510 0.73 -20.47 6.87
CA SER B 510 -0.05 -20.78 5.67
C SER B 510 -0.67 -19.51 5.08
N PRO B 511 -0.98 -19.54 3.77
CA PRO B 511 -1.51 -18.36 3.08
C PRO B 511 -2.74 -17.75 3.76
N GLN B 512 -3.65 -18.57 4.31
CA GLN B 512 -4.87 -17.97 4.87
C GLN B 512 -4.60 -17.31 6.21
N TYR B 513 -3.49 -17.67 6.86
CA TYR B 513 -3.13 -17.03 8.13
C TYR B 513 -2.16 -15.87 7.97
N TRP B 514 -1.28 -15.93 6.98
CA TRP B 514 -0.17 -14.99 6.94
C TRP B 514 -0.56 -13.66 6.30
N LYS B 515 -1.30 -12.85 7.04
CA LYS B 515 -1.73 -11.54 6.58
C LYS B 515 -2.00 -10.71 7.82
N PRO B 516 -1.90 -9.37 7.72
CA PRO B 516 -1.99 -8.52 8.91
C PRO B 516 -3.24 -8.72 9.73
N SER B 517 -4.36 -9.05 9.11
CA SER B 517 -5.61 -9.12 9.86
C SER B 517 -5.61 -10.26 10.86
N THR B 518 -4.87 -11.33 10.59
CA THR B 518 -4.73 -12.42 11.57
C THR B 518 -4.14 -11.92 12.88
N PHE B 519 -3.32 -10.87 12.77
CA PHE B 519 -2.54 -10.39 13.90
C PHE B 519 -2.96 -9.02 14.41
N GLY B 520 -4.21 -8.64 14.14
CA GLY B 520 -4.75 -7.39 14.62
C GLY B 520 -4.41 -6.20 13.75
N GLY B 521 -3.94 -6.44 12.52
CA GLY B 521 -3.55 -5.33 11.66
C GLY B 521 -2.04 -5.17 11.51
N GLU B 522 -1.63 -4.14 10.78
CA GLU B 522 -0.21 -3.96 10.44
C GLU B 522 0.69 -3.77 11.64
N VAL B 523 0.16 -3.23 12.75
CA VAL B 523 0.97 -3.07 13.96
C VAL B 523 1.31 -4.44 14.58
N GLY B 524 0.32 -5.33 14.67
CA GLY B 524 0.57 -6.67 15.17
C GLY B 524 1.51 -7.46 14.26
N PHE B 525 1.30 -7.32 12.96
CA PHE B 525 2.11 -7.99 11.95
C PHE B 525 3.60 -7.58 12.05
N LYS B 526 3.83 -6.30 12.30
CA LYS B 526 5.17 -5.75 12.37
C LYS B 526 5.90 -6.26 13.61
N ILE B 527 5.17 -6.49 14.71
CA ILE B 527 5.76 -7.09 15.90
C ILE B 527 6.36 -8.45 15.54
N ILE B 528 5.65 -9.26 14.76
CA ILE B 528 6.25 -10.51 14.33
C ILE B 528 7.45 -10.28 13.44
N ASN B 529 7.27 -9.41 12.47
CA ASN B 529 8.29 -9.28 11.43
C ASN B 529 9.54 -8.51 11.85
N THR B 530 9.54 -7.92 13.04
CA THR B 530 10.75 -7.25 13.56
C THR B 530 11.31 -7.91 14.83
N ALA B 531 10.75 -9.04 15.24
CA ALA B 531 11.22 -9.69 16.46
C ALA B 531 12.67 -10.18 16.34
N SER B 532 13.39 -10.13 17.46
CA SER B 532 14.75 -10.63 17.55
C SER B 532 14.97 -10.98 19.00
N ILE B 533 15.99 -11.80 19.30
CA ILE B 533 16.29 -12.11 20.69
C ILE B 533 16.66 -10.82 21.42
N GLN B 534 17.27 -9.86 20.71
CA GLN B 534 17.64 -8.61 21.37
C GLN B 534 16.43 -7.72 21.71
N SER B 535 15.47 -7.62 20.80
CA SER B 535 14.31 -6.80 21.08
C SER B 535 13.43 -7.44 22.17
N LEU B 536 13.35 -8.78 22.19
CA LEU B 536 12.64 -9.49 23.24
C LEU B 536 13.13 -9.09 24.63
N ILE B 537 14.45 -9.13 24.81
CA ILE B 537 15.06 -8.76 26.08
C ILE B 537 14.92 -7.26 26.32
N CYS B 538 15.18 -6.46 25.28
CA CYS B 538 15.18 -5.02 25.46
C CYS B 538 13.82 -4.44 25.91
N ASN B 539 12.73 -4.97 25.35
CA ASN B 539 11.38 -4.55 25.72
C ASN B 539 10.91 -5.02 27.09
N ASN B 540 11.49 -6.11 27.59
CA ASN B 540 10.92 -6.82 28.73
C ASN B 540 11.83 -6.95 29.94
N VAL B 541 13.07 -6.54 29.80
CA VAL B 541 14.02 -6.63 30.91
C VAL B 541 14.46 -5.23 31.27
N LYS B 542 14.32 -4.86 32.54
CA LYS B 542 14.73 -3.54 33.02
C LYS B 542 16.19 -3.23 32.66
N GLY B 543 16.44 -2.02 32.16
CA GLY B 543 17.77 -1.59 31.77
C GLY B 543 18.11 -1.87 30.32
N CYS B 544 17.27 -2.65 29.65
CA CYS B 544 17.52 -3.09 28.27
C CYS B 544 18.98 -3.56 28.08
N PRO B 545 19.37 -4.62 28.81
CA PRO B 545 20.74 -5.09 28.67
C PRO B 545 20.97 -5.71 27.30
N PHE B 546 22.16 -5.51 26.74
CA PHE B 546 22.56 -6.20 25.53
C PHE B 546 22.48 -7.71 25.70
N THR B 547 21.97 -8.41 24.70
CA THR B 547 22.02 -9.86 24.73
C THR B 547 22.24 -10.42 23.33
N SER B 548 22.55 -11.71 23.29
CA SER B 548 22.99 -12.39 22.09
C SER B 548 23.06 -13.88 22.42
N PHE B 549 23.16 -14.72 21.40
CA PHE B 549 23.34 -16.15 21.63
C PHE B 549 24.81 -16.56 21.65
N ASN B 550 25.71 -15.61 21.48
CA ASN B 550 27.12 -15.96 21.57
C ASN B 550 27.85 -15.04 22.53
N VAL B 551 28.91 -15.55 23.14
CA VAL B 551 29.70 -14.76 24.06
C VAL B 551 30.44 -13.68 23.27
N GLN B 552 30.85 -12.63 23.98
CA GLN B 552 31.53 -11.50 23.35
C GLN B 552 32.91 -11.31 23.93
N ALA C 1 31.43 33.98 -32.95
CA ALA C 1 30.94 34.80 -34.06
C ALA C 1 29.94 35.83 -33.56
N ASN C 2 29.17 35.46 -32.54
CA ASN C 2 28.12 36.32 -31.97
C ASN C 2 28.69 37.64 -31.45
N PRO C 3 28.19 38.77 -31.99
CA PRO C 3 28.65 40.12 -31.67
C PRO C 3 28.37 40.52 -30.21
N CYS C 4 27.55 39.75 -29.51
CA CYS C 4 27.26 39.98 -28.09
C CYS C 4 28.18 39.17 -27.17
N CYS C 5 29.17 38.50 -27.74
CA CYS C 5 30.03 37.65 -26.94
C CYS C 5 30.87 38.43 -25.91
N SER C 6 31.17 39.69 -26.19
CA SER C 6 32.01 40.46 -25.27
C SER C 6 31.23 41.09 -24.12
N ASN C 7 29.93 40.78 -24.06
CA ASN C 7 29.00 41.38 -23.10
C ASN C 7 29.08 42.91 -23.10
N PRO C 8 28.88 43.55 -24.27
CA PRO C 8 29.16 44.99 -24.34
C PRO C 8 28.17 45.88 -23.55
N CYS C 9 26.92 45.45 -23.37
CA CYS C 9 25.93 46.30 -22.69
C CYS C 9 26.13 46.39 -21.18
N GLN C 10 26.24 47.62 -20.67
CA GLN C 10 26.43 47.85 -19.24
C GLN C 10 25.13 48.24 -18.54
N ASN C 11 25.15 48.21 -17.21
CA ASN C 11 24.05 48.72 -16.39
C ASN C 11 22.72 48.06 -16.74
N ARG C 12 22.80 46.77 -17.05
CA ARG C 12 21.64 45.90 -17.30
C ARG C 12 20.92 46.21 -18.63
N GLY C 13 21.60 46.94 -19.51
CA GLY C 13 21.14 47.03 -20.88
C GLY C 13 21.17 45.63 -21.49
N GLU C 14 20.24 45.35 -22.41
CA GLU C 14 20.22 44.03 -23.01
C GLU C 14 20.84 44.08 -24.40
N CYS C 15 21.67 43.09 -24.69
CA CYS C 15 22.37 43.03 -25.97
C CYS C 15 21.63 42.18 -26.98
N MET C 16 21.49 42.72 -28.19
CA MET C 16 20.79 42.04 -29.28
C MET C 16 21.65 42.16 -30.54
N SER C 17 21.83 41.06 -31.25
CA SER C 17 22.56 41.12 -32.53
C SER C 17 21.70 41.77 -33.61
N THR C 18 22.34 42.51 -34.51
CA THR C 18 21.62 43.17 -35.63
C THR C 18 22.24 42.83 -36.98
N GLY C 19 22.96 41.71 -37.02
CA GLY C 19 23.71 41.29 -38.18
C GLY C 19 24.76 40.34 -37.66
N PHE C 20 25.62 39.83 -38.53
CA PHE C 20 26.60 38.84 -38.09
C PHE C 20 27.70 39.42 -37.22
N ASP C 21 27.98 40.72 -37.40
CA ASP C 21 29.09 41.38 -36.71
C ASP C 21 28.70 42.73 -36.11
N GLN C 22 27.41 42.90 -35.81
CA GLN C 22 26.95 44.15 -35.22
C GLN C 22 25.93 43.87 -34.14
N TYR C 23 25.86 44.75 -33.15
CA TYR C 23 24.90 44.65 -32.06
C TYR C 23 24.24 45.98 -31.74
N LYS C 24 23.22 45.90 -30.90
CA LYS C 24 22.51 47.04 -30.37
C LYS C 24 22.19 46.79 -28.90
N CYS C 25 22.38 47.81 -28.05
CA CYS C 25 21.99 47.69 -26.65
C CYS C 25 20.63 48.35 -26.41
N ASP C 26 19.74 47.64 -25.75
CA ASP C 26 18.45 48.17 -25.33
C ASP C 26 18.59 48.74 -23.92
N CYS C 27 18.60 50.07 -23.84
CA CYS C 27 18.88 50.79 -22.59
C CYS C 27 17.64 51.18 -21.81
N THR C 28 16.50 50.68 -22.26
CA THR C 28 15.20 50.96 -21.67
C THR C 28 15.18 50.87 -20.13
N ARG C 29 14.83 51.97 -19.49
CA ARG C 29 14.65 52.02 -18.04
C ARG C 29 15.90 51.62 -17.25
N THR C 30 17.08 51.73 -17.85
CA THR C 30 18.32 51.46 -17.11
C THR C 30 18.81 52.70 -16.38
N GLY C 31 18.39 53.87 -16.84
CA GLY C 31 18.90 55.11 -16.30
C GLY C 31 20.11 55.60 -17.09
N PHE C 32 20.48 54.82 -18.11
CA PHE C 32 21.65 55.14 -18.93
C PHE C 32 21.27 55.10 -20.40
N TYR C 33 22.00 55.83 -21.23
CA TYR C 33 21.86 55.73 -22.68
C TYR C 33 23.23 55.67 -23.35
N GLY C 34 23.24 55.72 -24.67
CA GLY C 34 24.47 55.56 -25.43
C GLY C 34 24.63 54.13 -25.89
N GLU C 35 25.63 53.90 -26.75
CA GLU C 35 25.85 52.61 -27.41
C GLU C 35 25.91 51.41 -26.43
N ASN C 36 26.61 51.56 -25.31
CA ASN C 36 26.69 50.48 -24.31
C ASN C 36 25.93 50.78 -23.02
N CYS C 37 25.00 51.73 -23.07
CA CYS C 37 24.28 52.20 -21.88
C CYS C 37 25.23 52.63 -20.77
N THR C 38 26.20 53.49 -21.06
CA THR C 38 27.15 53.91 -20.03
C THR C 38 27.06 55.39 -19.69
N THR C 39 26.28 56.14 -20.47
CA THR C 39 26.09 57.55 -20.22
C THR C 39 24.91 57.73 -19.29
N PRO C 40 25.18 58.21 -18.06
CA PRO C 40 24.11 58.31 -17.08
C PRO C 40 23.17 59.45 -17.37
N GLU C 41 21.87 59.23 -17.19
CA GLU C 41 20.91 60.33 -17.23
C GLU C 41 21.17 61.19 -16.00
N PHE C 42 20.60 62.40 -15.98
CA PHE C 42 20.89 63.32 -14.89
C PHE C 42 20.47 62.80 -13.50
N LEU C 43 19.30 62.18 -13.41
CA LEU C 43 18.82 61.66 -12.13
C LEU C 43 19.73 60.53 -11.69
N THR C 44 20.28 59.85 -12.68
CA THR C 44 21.17 58.72 -12.44
C THR C 44 22.49 59.20 -11.88
N ARG C 45 23.03 60.32 -12.37
CA ARG C 45 24.27 60.84 -11.80
C ARG C 45 24.08 61.22 -10.34
N ILE C 46 22.91 61.73 -10.02
CA ILE C 46 22.59 62.06 -8.64
C ILE C 46 22.56 60.83 -7.74
N LYS C 47 21.78 59.82 -8.10
CA LYS C 47 21.68 58.62 -7.28
C LYS C 47 23.03 57.94 -7.10
N LEU C 48 23.87 57.98 -8.13
CA LEU C 48 25.21 57.40 -8.03
C LEU C 48 26.09 58.10 -6.99
N LEU C 49 26.06 59.43 -7.00
CA LEU C 49 26.87 60.23 -6.09
C LEU C 49 26.45 60.02 -4.65
N LEU C 50 25.16 59.78 -4.44
CA LEU C 50 24.59 59.64 -3.09
C LEU C 50 24.71 58.24 -2.53
N LYS C 51 24.35 57.25 -3.34
CA LYS C 51 24.32 55.84 -2.91
C LYS C 51 25.64 55.35 -2.32
N PRO C 52 25.60 54.91 -1.05
CA PRO C 52 26.79 54.37 -0.38
C PRO C 52 27.12 52.94 -0.84
N THR C 53 28.40 52.58 -0.76
CA THR C 53 28.84 51.24 -1.13
C THR C 53 28.33 50.19 -0.14
N PRO C 54 28.21 48.93 -0.59
CA PRO C 54 27.76 47.87 0.33
C PRO C 54 28.64 47.69 1.56
N ASN C 55 29.95 47.93 1.43
CA ASN C 55 30.85 47.79 2.57
C ASN C 55 30.63 48.91 3.60
N THR C 56 30.20 50.09 3.14
CA THR C 56 29.89 51.20 4.05
C THR C 56 28.65 50.89 4.88
N VAL C 57 27.60 50.46 4.21
CA VAL C 57 26.35 50.04 4.85
C VAL C 57 26.61 48.87 5.82
N HIS C 58 27.44 47.93 5.40
CA HIS C 58 27.80 46.82 6.26
C HIS C 58 28.51 47.29 7.53
N TYR C 59 29.39 48.28 7.39
CA TYR C 59 30.08 48.83 8.54
C TYR C 59 29.09 49.43 9.53
N ILE C 60 28.16 50.24 9.01
CA ILE C 60 27.19 50.93 9.84
C ILE C 60 26.27 49.97 10.57
N LEU C 61 25.88 48.89 9.91
CA LEU C 61 24.95 47.92 10.47
C LEU C 61 25.64 47.03 11.51
N THR C 62 26.97 46.99 11.48
CA THR C 62 27.70 46.11 12.37
C THR C 62 28.53 46.90 13.42
N HIS C 63 28.33 48.21 13.46
CA HIS C 63 28.93 49.03 14.50
C HIS C 63 27.83 49.86 15.14
N PHE C 64 28.23 50.76 16.05
CA PHE C 64 27.29 51.63 16.75
C PHE C 64 26.23 50.81 17.46
N LYS C 65 26.69 49.75 18.13
CA LYS C 65 25.79 48.82 18.79
C LYS C 65 24.84 49.55 19.74
N GLY C 66 25.37 50.55 20.44
CA GLY C 66 24.58 51.35 21.35
C GLY C 66 23.40 52.00 20.65
N VAL C 67 23.65 52.52 19.45
CA VAL C 67 22.61 53.18 18.66
C VAL C 67 21.53 52.21 18.18
N TRP C 68 21.95 51.04 17.69
CA TRP C 68 21.01 50.06 17.20
C TRP C 68 20.07 49.55 18.26
N ASN C 69 20.52 49.56 19.50
CA ASN C 69 19.71 49.03 20.58
C ASN C 69 18.63 50.02 20.99
N ILE C 70 18.85 51.30 20.75
CA ILE C 70 17.78 52.27 20.87
C ILE C 70 16.77 52.03 19.73
N VAL C 71 17.30 51.89 18.52
CA VAL C 71 16.46 51.67 17.35
C VAL C 71 15.61 50.41 17.48
N ASN C 72 16.21 49.33 17.96
CA ASN C 72 15.50 48.07 18.12
C ASN C 72 14.32 48.15 19.08
N ASN C 73 14.39 49.04 20.07
CA ASN C 73 13.32 49.17 21.06
C ASN C 73 12.26 50.20 20.71
N ILE C 74 12.35 50.76 19.51
CA ILE C 74 11.36 51.68 19.01
C ILE C 74 10.65 51.04 17.83
N PRO C 75 9.45 50.48 18.09
CA PRO C 75 8.66 49.70 17.13
C PRO C 75 8.53 50.39 15.78
N PHE C 76 8.11 51.65 15.78
CA PHE C 76 8.00 52.42 14.55
C PHE C 76 9.30 52.51 13.78
N LEU C 77 10.39 52.78 14.49
CA LEU C 77 11.67 53.00 13.87
C LEU C 77 12.21 51.67 13.33
N ARG C 78 12.15 50.64 14.15
CA ARG C 78 12.58 49.32 13.72
C ARG C 78 11.85 48.88 12.47
N SER C 79 10.54 49.15 12.43
CA SER C 79 9.74 48.81 11.27
C SER C 79 10.20 49.58 10.03
N LEU C 80 10.45 50.87 10.22
CA LEU C 80 10.85 51.73 9.12
C LEU C 80 12.12 51.21 8.47
N ILE C 81 13.08 50.83 9.31
CA ILE C 81 14.36 50.35 8.82
C ILE C 81 14.24 48.99 8.13
N MET C 82 13.48 48.07 8.72
CA MET C 82 13.25 46.77 8.07
C MET C 82 12.57 46.97 6.70
N LYS C 83 11.68 47.96 6.61
CA LYS C 83 11.03 48.26 5.34
C LYS C 83 12.08 48.63 4.29
N TYR C 84 13.05 49.45 4.67
CA TYR C 84 14.12 49.82 3.75
C TYR C 84 14.95 48.61 3.34
N VAL C 85 15.26 47.76 4.33
CA VAL C 85 16.03 46.55 4.10
C VAL C 85 15.38 45.71 3.01
N LEU C 86 14.07 45.51 3.15
CA LEU C 86 13.29 44.73 2.20
C LEU C 86 13.24 45.36 0.81
N THR C 87 13.05 46.68 0.72
CA THR C 87 12.79 47.26 -0.58
C THR C 87 14.08 47.60 -1.33
N SER C 88 15.14 47.88 -0.60
CA SER C 88 16.41 48.19 -1.24
C SER C 88 16.96 46.99 -2.01
N ARG C 89 16.57 45.78 -1.62
CA ARG C 89 17.02 44.57 -2.33
C ARG C 89 16.16 44.24 -3.58
N SER C 90 14.93 44.74 -3.61
CA SER C 90 13.94 44.31 -4.60
C SER C 90 14.33 44.42 -6.08
N TYR C 91 14.86 45.56 -6.48
CA TYR C 91 15.08 45.83 -7.91
C TYR C 91 16.13 44.95 -8.63
N LEU C 92 16.85 44.08 -7.91
CA LEU C 92 17.94 43.33 -8.56
C LEU C 92 17.48 42.06 -9.24
N ILE C 93 16.34 41.51 -8.80
CA ILE C 93 15.87 40.23 -9.33
C ILE C 93 14.81 40.42 -10.41
N ASP C 94 14.99 39.75 -11.55
CA ASP C 94 13.99 39.76 -12.58
C ASP C 94 12.81 38.91 -12.10
N SER C 95 11.63 39.51 -12.05
CA SER C 95 10.44 38.83 -11.62
C SER C 95 9.23 39.47 -12.29
N PRO C 96 8.50 38.74 -13.17
CA PRO C 96 8.66 37.35 -13.66
C PRO C 96 10.06 37.07 -14.21
N PRO C 97 10.51 35.80 -14.13
CA PRO C 97 11.88 35.45 -14.52
C PRO C 97 12.13 35.51 -16.03
N THR C 98 13.41 35.54 -16.39
CA THR C 98 13.80 35.68 -17.78
C THR C 98 14.61 34.45 -18.24
N TYR C 99 15.92 34.51 -18.07
CA TYR C 99 16.80 33.55 -18.73
C TYR C 99 16.91 32.20 -18.04
N ASN C 100 17.47 31.23 -18.75
CA ASN C 100 17.88 29.97 -18.13
C ASN C 100 19.03 29.39 -18.91
N VAL C 101 19.44 28.16 -18.60
CA VAL C 101 20.67 27.63 -19.18
C VAL C 101 20.61 27.50 -20.71
N HIS C 102 19.42 27.31 -21.26
CA HIS C 102 19.27 27.14 -22.70
C HIS C 102 18.87 28.41 -23.42
N TYR C 103 18.47 29.44 -22.67
CA TYR C 103 17.99 30.66 -23.32
C TYR C 103 18.71 31.94 -22.87
N GLY C 104 19.49 32.53 -23.78
CA GLY C 104 20.16 33.79 -23.55
C GLY C 104 19.37 34.99 -24.03
N TYR C 105 18.17 34.71 -24.49
CA TYR C 105 17.23 35.75 -24.84
C TYR C 105 15.93 35.35 -24.18
N LYS C 106 15.06 36.33 -23.92
CA LYS C 106 13.76 36.05 -23.32
C LYS C 106 12.88 35.25 -24.29
N SER C 107 12.20 34.24 -23.77
CA SER C 107 11.27 33.44 -24.58
C SER C 107 10.17 32.79 -23.74
N TRP C 108 9.07 32.40 -24.38
CA TRP C 108 7.96 31.79 -23.64
C TRP C 108 8.40 30.49 -23.02
N GLU C 109 9.29 29.78 -23.71
CA GLU C 109 9.83 28.52 -23.20
C GLU C 109 10.58 28.77 -21.90
N ALA C 110 11.46 29.77 -21.88
CA ALA C 110 12.21 30.05 -20.66
C ALA C 110 11.25 30.51 -19.54
N PHE C 111 10.25 31.32 -19.86
CA PHE C 111 9.34 31.75 -18.81
C PHE C 111 8.52 30.60 -18.21
N SER C 112 7.99 29.72 -19.06
CA SER C 112 6.92 28.82 -18.63
C SER C 112 7.38 27.46 -18.12
N ASN C 113 8.57 27.04 -18.52
CA ASN C 113 9.05 25.71 -18.17
C ASN C 113 9.66 25.68 -16.75
N LEU C 114 8.88 25.15 -15.81
CA LEU C 114 9.26 25.22 -14.41
C LEU C 114 10.38 24.25 -14.05
N SER C 115 10.75 23.39 -14.99
CA SER C 115 11.79 22.40 -14.73
C SER C 115 13.19 23.00 -14.72
N TYR C 116 13.34 24.21 -15.26
CA TYR C 116 14.61 24.94 -15.26
C TYR C 116 14.84 25.74 -14.00
N TYR C 117 16.09 25.77 -13.51
CA TYR C 117 16.52 26.90 -12.70
C TYR C 117 16.51 28.16 -13.58
N THR C 118 16.14 29.32 -13.03
CA THR C 118 16.28 30.54 -13.85
C THR C 118 17.71 31.06 -13.71
N ARG C 119 18.05 32.11 -14.46
CA ARG C 119 19.43 32.62 -14.44
C ARG C 119 19.43 34.14 -14.26
N ALA C 120 20.18 34.64 -13.28
CA ALA C 120 20.32 36.08 -13.09
C ALA C 120 21.09 36.75 -14.26
N LEU C 121 21.99 35.98 -14.86
CA LEU C 121 22.69 36.40 -16.06
C LEU C 121 22.58 35.29 -17.11
N PRO C 122 22.29 35.67 -18.36
CA PRO C 122 22.24 34.71 -19.46
C PRO C 122 23.56 33.97 -19.62
N PRO C 123 23.48 32.76 -20.19
CA PRO C 123 24.68 31.99 -20.47
C PRO C 123 25.53 32.64 -21.57
N VAL C 124 26.83 32.36 -21.54
CA VAL C 124 27.71 32.70 -22.65
C VAL C 124 27.31 31.91 -23.88
N ALA C 125 27.11 32.57 -25.01
CA ALA C 125 26.65 31.89 -26.22
C ALA C 125 27.58 30.75 -26.63
N ASP C 126 27.02 29.70 -27.20
CA ASP C 126 27.78 28.51 -27.57
C ASP C 126 28.92 28.82 -28.54
N ASP C 127 28.72 29.79 -29.43
CA ASP C 127 29.73 30.05 -30.46
C ASP C 127 30.72 31.17 -30.10
N CYS C 128 30.82 31.50 -28.83
CA CYS C 128 31.83 32.47 -28.38
C CYS C 128 33.23 31.83 -28.40
N PRO C 129 34.28 32.61 -28.75
CA PRO C 129 35.65 32.09 -28.84
C PRO C 129 36.26 31.58 -27.52
N THR C 130 35.84 32.12 -26.38
CA THR C 130 36.38 31.71 -25.09
C THR C 130 35.24 31.40 -24.12
N PRO C 131 35.52 30.58 -23.07
CA PRO C 131 34.46 30.21 -22.11
C PRO C 131 33.76 31.42 -21.50
N MET C 132 34.50 32.50 -21.25
CA MET C 132 33.90 33.70 -20.65
C MET C 132 33.34 34.70 -21.69
N GLY C 133 33.53 34.40 -22.98
CA GLY C 133 33.04 35.28 -24.02
C GLY C 133 34.11 35.58 -25.06
N VAL C 134 34.90 36.61 -24.80
CA VAL C 134 36.03 36.93 -25.67
C VAL C 134 37.34 37.03 -24.89
N LYS C 135 37.28 37.24 -23.58
CA LYS C 135 38.49 37.39 -22.76
C LYS C 135 39.07 36.03 -22.41
N GLY C 136 40.36 35.99 -22.06
CA GLY C 136 40.97 34.76 -21.57
C GLY C 136 41.43 33.79 -22.64
N ASN C 137 41.79 32.59 -22.22
CA ASN C 137 42.29 31.58 -23.14
C ASN C 137 41.16 30.71 -23.65
N LYS C 138 41.48 29.90 -24.66
CA LYS C 138 40.51 29.02 -25.28
C LYS C 138 39.90 28.11 -24.20
N GLU C 139 40.66 27.81 -23.15
CA GLU C 139 40.12 27.00 -22.08
C GLU C 139 40.40 27.61 -20.70
N LEU C 140 39.50 27.39 -19.75
CA LEU C 140 39.69 27.82 -18.37
C LEU C 140 40.75 26.93 -17.70
N PRO C 141 41.39 27.41 -16.64
CA PRO C 141 42.42 26.57 -15.99
C PRO C 141 41.84 25.27 -15.44
N ASP C 142 42.66 24.24 -15.38
CA ASP C 142 42.25 22.94 -14.84
C ASP C 142 41.56 23.11 -13.49
N SER C 143 40.34 22.58 -13.38
CA SER C 143 39.55 22.75 -12.16
C SER C 143 40.21 22.03 -10.98
N LYS C 144 40.85 20.90 -11.24
CA LYS C 144 41.60 20.21 -10.20
C LYS C 144 42.69 21.11 -9.60
N GLU C 145 43.37 21.88 -10.45
CA GLU C 145 44.40 22.81 -9.99
C GLU C 145 43.80 23.95 -9.17
N VAL C 146 42.70 24.54 -9.61
CA VAL C 146 42.05 25.59 -8.83
C VAL C 146 41.65 25.05 -7.44
N LEU C 147 40.97 23.90 -7.47
CA LEU C 147 40.55 23.22 -6.26
C LEU C 147 41.70 23.00 -5.26
N GLU C 148 42.77 22.38 -5.73
CA GLU C 148 43.85 22.00 -4.85
C GLU C 148 44.63 23.20 -4.34
N LYS C 149 44.84 24.19 -5.18
CA LYS C 149 45.69 25.32 -4.79
C LYS C 149 44.99 26.32 -3.88
N VAL C 150 43.69 26.57 -4.09
CA VAL C 150 43.09 27.62 -3.27
C VAL C 150 41.82 27.27 -2.53
N LEU C 151 41.28 26.07 -2.75
CA LEU C 151 40.01 25.72 -2.12
C LEU C 151 40.15 24.65 -1.01
N LEU C 152 41.02 23.66 -1.22
CA LEU C 152 41.09 22.55 -0.27
C LEU C 152 41.60 22.98 1.11
N ARG C 153 41.03 22.40 2.14
CA ARG C 153 41.39 22.73 3.50
C ARG C 153 42.77 22.13 3.86
N ARG C 154 43.63 22.95 4.46
CA ARG C 154 44.84 22.43 5.09
C ARG C 154 44.50 22.26 6.56
N GLU C 155 44.56 23.34 7.33
CA GLU C 155 44.04 23.33 8.70
C GLU C 155 42.60 23.80 8.72
N PHE C 156 41.80 23.25 9.62
CA PHE C 156 40.42 23.70 9.77
C PHE C 156 40.42 25.18 10.17
N ILE C 157 39.69 25.98 9.41
CA ILE C 157 39.56 27.40 9.74
C ILE C 157 38.15 27.63 10.27
N PRO C 158 38.06 27.87 11.58
CA PRO C 158 36.75 28.06 12.22
C PRO C 158 36.12 29.37 11.77
N ASP C 159 34.79 29.40 11.74
CA ASP C 159 34.06 30.62 11.46
C ASP C 159 34.25 31.61 12.62
N PRO C 160 34.78 32.81 12.33
CA PRO C 160 34.94 33.84 13.36
C PRO C 160 33.58 34.41 13.84
N GLN C 161 32.52 34.24 13.07
CA GLN C 161 31.19 34.64 13.58
C GLN C 161 30.57 33.60 14.51
N GLY C 162 31.25 32.47 14.70
CA GLY C 162 30.76 31.48 15.64
C GLY C 162 29.63 30.58 15.17
N SER C 163 29.41 30.46 13.86
CA SER C 163 28.38 29.54 13.37
C SER C 163 28.67 28.14 13.87
N ASN C 164 27.62 27.43 14.28
CA ASN C 164 27.78 26.09 14.80
C ASN C 164 27.18 25.05 13.87
N MET C 165 27.13 23.81 14.32
CA MET C 165 26.62 22.74 13.49
C MET C 165 25.09 22.74 13.45
N MET C 166 24.42 23.36 14.44
CA MET C 166 22.97 23.61 14.31
C MET C 166 22.72 24.47 13.08
N PHE C 167 23.53 25.52 12.95
CA PHE C 167 23.42 26.42 11.82
C PHE C 167 23.71 25.69 10.50
N ALA C 168 24.85 25.01 10.44
CA ALA C 168 25.27 24.36 9.19
C ALA C 168 24.20 23.37 8.69
N PHE C 169 23.67 22.54 9.58
CA PHE C 169 22.66 21.55 9.18
C PHE C 169 21.29 22.18 8.91
N PHE C 170 20.98 23.28 9.59
CA PHE C 170 19.76 24.02 9.28
C PHE C 170 19.86 24.53 7.84
N ALA C 171 21.02 25.08 7.50
CA ALA C 171 21.29 25.56 6.15
C ALA C 171 21.08 24.45 5.12
N GLN C 172 21.70 23.31 5.36
CA GLN C 172 21.55 22.19 4.42
C GLN C 172 20.10 21.72 4.30
N HIS C 173 19.42 21.57 5.44
CA HIS C 173 18.06 21.06 5.50
C HIS C 173 17.09 22.06 4.84
N PHE C 174 17.13 23.32 5.27
CA PHE C 174 16.28 24.36 4.69
C PHE C 174 16.46 24.52 3.17
N THR C 175 17.71 24.64 2.70
CA THR C 175 17.90 24.92 1.26
C THR C 175 17.57 23.73 0.38
N HIS C 176 17.62 22.52 0.92
CA HIS C 176 17.43 21.35 0.08
C HIS C 176 15.94 21.10 -0.22
N GLN C 177 15.06 22.02 0.17
CA GLN C 177 13.70 21.95 -0.38
C GLN C 177 13.61 22.70 -1.72
N PHE C 178 14.51 23.65 -1.99
CA PHE C 178 14.44 24.32 -3.30
C PHE C 178 15.69 24.19 -4.18
N PHE C 179 16.78 23.66 -3.62
CA PHE C 179 17.92 23.21 -4.40
C PHE C 179 17.85 21.71 -4.52
N LYS C 180 17.31 21.24 -5.64
CA LYS C 180 17.08 19.81 -5.84
C LYS C 180 17.37 19.46 -7.30
N THR C 181 18.65 19.47 -7.67
CA THR C 181 19.02 19.39 -9.06
C THR C 181 18.58 18.05 -9.67
N ASP C 182 17.92 18.14 -10.83
CA ASP C 182 17.45 16.98 -11.58
C ASP C 182 18.57 16.41 -12.45
N HIS C 183 19.35 15.49 -11.90
CA HIS C 183 20.53 14.99 -12.61
C HIS C 183 20.21 14.22 -13.89
N LYS C 184 18.98 13.75 -14.07
CA LYS C 184 18.67 13.12 -15.36
C LYS C 184 18.70 14.14 -16.49
N ARG C 185 18.45 15.40 -16.18
CA ARG C 185 18.37 16.41 -17.22
C ARG C 185 19.65 17.23 -17.36
N GLY C 186 20.24 17.58 -16.21
CA GLY C 186 21.46 18.36 -16.14
C GLY C 186 21.43 19.39 -15.01
N PRO C 187 22.58 20.03 -14.75
CA PRO C 187 22.75 20.91 -13.59
C PRO C 187 21.83 22.16 -13.64
N GLY C 188 21.35 22.53 -14.82
CA GLY C 188 20.48 23.68 -14.93
C GLY C 188 19.00 23.36 -14.73
N PHE C 189 18.71 22.16 -14.23
CA PHE C 189 17.32 21.73 -14.06
C PHE C 189 17.04 21.36 -12.62
N THR C 190 15.79 21.59 -12.19
CA THR C 190 15.41 21.31 -10.81
C THR C 190 14.21 20.37 -10.70
N ARG C 191 14.12 19.65 -9.59
CA ARG C 191 12.93 18.85 -9.32
C ARG C 191 12.00 19.60 -8.38
N GLY C 192 12.43 20.77 -7.91
CA GLY C 192 11.63 21.55 -6.98
C GLY C 192 10.70 22.54 -7.67
N LEU C 193 9.61 22.03 -8.21
CA LEU C 193 8.74 22.82 -9.09
C LEU C 193 7.97 23.91 -8.34
N GLY C 194 7.95 23.84 -7.02
CA GLY C 194 7.38 24.92 -6.24
C GLY C 194 8.30 26.13 -6.20
N HIS C 195 9.58 25.91 -6.49
CA HIS C 195 10.54 27.01 -6.59
C HIS C 195 10.57 27.92 -5.35
N GLY C 196 10.50 27.31 -4.17
CA GLY C 196 10.57 28.09 -2.95
C GLY C 196 10.26 27.29 -1.71
N VAL C 197 9.82 28.01 -0.68
CA VAL C 197 9.58 27.43 0.63
C VAL C 197 8.19 26.83 0.70
N ASP C 198 8.06 25.61 0.19
CA ASP C 198 6.76 24.97 0.24
C ASP C 198 6.83 23.79 1.23
N LEU C 199 8.01 23.55 1.78
CA LEU C 199 8.26 22.46 2.74
C LEU C 199 8.00 21.09 2.12
N ASN C 200 8.26 20.96 0.84
CA ASN C 200 8.17 19.66 0.21
C ASN C 200 9.19 18.69 0.82
N HIS C 201 10.20 19.24 1.50
CA HIS C 201 11.22 18.39 2.11
C HIS C 201 10.72 17.69 3.38
N ILE C 202 9.54 18.12 3.86
CA ILE C 202 8.84 17.47 4.96
C ILE C 202 7.65 16.70 4.41
N TYR C 203 6.93 17.32 3.48
CA TYR C 203 5.63 16.80 3.05
C TYR C 203 5.65 16.05 1.73
N GLY C 204 6.79 16.07 1.03
CA GLY C 204 6.88 15.42 -0.27
C GLY C 204 6.57 16.39 -1.40
N GLU C 205 7.24 16.20 -2.53
CA GLU C 205 7.08 17.02 -3.72
C GLU C 205 5.76 16.66 -4.44
N THR C 206 5.37 15.39 -4.42
CA THR C 206 4.13 14.99 -5.08
C THR C 206 3.06 14.57 -4.09
N LEU C 207 1.82 14.64 -4.58
CA LEU C 207 0.66 14.29 -3.79
C LEU C 207 0.71 12.83 -3.35
N ASP C 208 1.15 11.96 -4.24
CA ASP C 208 1.24 10.54 -3.95
C ASP C 208 2.20 10.28 -2.78
N ARG C 209 3.31 11.00 -2.77
CA ARG C 209 4.29 10.85 -1.71
C ARG C 209 3.72 11.42 -0.40
N GLN C 210 3.06 12.58 -0.47
CA GLN C 210 2.45 13.18 0.71
C GLN C 210 1.49 12.24 1.44
N HIS C 211 0.65 11.56 0.66
CA HIS C 211 -0.37 10.67 1.19
C HIS C 211 0.22 9.41 1.82
N LYS C 212 1.33 8.95 1.27
CA LYS C 212 2.07 7.84 1.85
C LYS C 212 2.70 8.23 3.19
N LEU C 213 3.03 9.50 3.35
CA LEU C 213 3.64 10.01 4.61
C LEU C 213 2.61 10.39 5.69
N ARG C 214 1.34 10.54 5.29
CA ARG C 214 0.29 11.03 6.19
C ARG C 214 -0.39 9.91 6.95
N LEU C 215 -0.75 10.22 8.18
CA LEU C 215 -1.48 9.29 9.01
C LEU C 215 -2.97 9.24 8.63
N PHE C 216 -3.46 10.35 8.07
CA PHE C 216 -4.90 10.55 7.79
C PHE C 216 -5.77 10.45 9.03
N LYS C 217 -5.17 10.68 10.19
CA LYS C 217 -5.97 10.98 11.37
C LYS C 217 -5.40 12.25 11.98
N ASP C 218 -6.30 13.18 12.31
CA ASP C 218 -6.01 14.45 12.97
C ASP C 218 -5.04 15.39 12.23
N GLY C 219 -4.90 15.21 10.92
CA GLY C 219 -4.03 16.06 10.12
C GLY C 219 -2.56 15.66 10.18
N LYS C 220 -2.26 14.58 10.91
CA LYS C 220 -0.87 14.26 11.28
C LYS C 220 -0.07 13.50 10.23
N LEU C 221 1.27 13.55 10.38
CA LEU C 221 2.18 12.73 9.61
C LEU C 221 2.41 11.43 10.37
N LYS C 222 2.65 10.33 9.66
CA LYS C 222 2.98 9.05 10.29
C LYS C 222 4.28 9.17 11.05
N TYR C 223 4.41 8.40 12.13
CA TYR C 223 5.63 8.40 12.92
C TYR C 223 5.79 7.06 13.64
N GLN C 224 6.96 6.81 14.21
CA GLN C 224 7.12 5.64 15.08
C GLN C 224 7.72 6.04 16.41
N VAL C 225 7.54 5.19 17.42
CA VAL C 225 8.11 5.40 18.74
C VAL C 225 9.21 4.36 19.02
N ILE C 226 10.42 4.87 19.22
CA ILE C 226 11.59 4.07 19.53
C ILE C 226 12.13 4.58 20.85
N GLY C 227 12.14 3.70 21.85
CA GLY C 227 12.58 4.06 23.19
C GLY C 227 11.84 5.26 23.76
N GLY C 228 10.53 5.32 23.56
CA GLY C 228 9.74 6.43 24.08
C GLY C 228 9.88 7.74 23.30
N GLU C 229 10.60 7.71 22.18
CA GLU C 229 10.88 8.93 21.41
C GLU C 229 10.26 8.86 20.01
N VAL C 230 9.72 9.98 19.52
CA VAL C 230 9.10 10.01 18.19
C VAL C 230 10.10 10.21 17.05
N TYR C 231 10.12 9.26 16.13
CA TYR C 231 10.94 9.35 14.93
C TYR C 231 10.11 9.19 13.65
N PRO C 232 10.70 9.50 12.49
CA PRO C 232 9.99 9.24 11.24
C PRO C 232 9.70 7.77 11.04
N PRO C 233 8.70 7.44 10.20
CA PRO C 233 8.40 6.04 9.87
C PRO C 233 9.48 5.49 8.94
N THR C 234 9.42 4.20 8.62
CA THR C 234 10.40 3.58 7.74
C THR C 234 9.94 3.47 6.28
N VAL C 235 10.88 3.18 5.39
CA VAL C 235 10.57 2.94 3.99
C VAL C 235 9.65 1.73 3.84
N LYS C 236 9.91 0.70 4.65
CA LYS C 236 9.08 -0.52 4.59
C LYS C 236 7.63 -0.26 5.01
N ASP C 237 7.45 0.61 5.99
CA ASP C 237 6.12 0.88 6.53
C ASP C 237 5.26 1.73 5.60
N THR C 238 5.91 2.62 4.86
CA THR C 238 5.19 3.63 4.08
C THR C 238 5.23 3.44 2.57
N GLN C 239 6.20 2.68 2.08
CA GLN C 239 6.51 2.53 0.65
C GLN C 239 6.96 3.87 0.04
N VAL C 240 7.34 4.82 0.90
CA VAL C 240 7.97 6.03 0.44
C VAL C 240 9.42 5.74 0.04
N GLU C 241 9.77 6.16 -1.16
CA GLU C 241 11.09 5.90 -1.71
C GLU C 241 12.19 6.84 -1.12
N MET C 242 13.30 6.27 -0.70
CA MET C 242 14.42 7.03 -0.13
C MET C 242 15.76 6.56 -0.71
N ILE C 243 16.78 7.40 -0.62
CA ILE C 243 18.10 7.00 -1.10
C ILE C 243 18.97 6.48 0.04
N TYR C 244 19.19 5.16 0.08
CA TYR C 244 20.06 4.54 1.08
C TYR C 244 20.96 3.50 0.43
N PRO C 245 22.21 3.38 0.92
CA PRO C 245 23.08 2.30 0.47
C PRO C 245 22.48 0.97 0.88
N PRO C 246 22.74 -0.09 0.10
CA PRO C 246 22.12 -1.41 0.32
C PRO C 246 22.43 -2.02 1.70
N HIS C 247 23.49 -1.55 2.36
CA HIS C 247 23.89 -2.13 3.65
C HIS C 247 23.14 -1.54 4.86
N ILE C 248 22.32 -0.52 4.64
CA ILE C 248 21.53 0.07 5.71
C ILE C 248 20.34 -0.82 6.06
N PRO C 249 20.26 -1.24 7.32
CA PRO C 249 19.18 -2.14 7.78
C PRO C 249 17.79 -1.50 7.60
N GLU C 250 16.76 -2.33 7.42
CA GLU C 250 15.39 -1.85 7.17
C GLU C 250 14.84 -0.91 8.25
N ASN C 251 15.12 -1.22 9.50
CA ASN C 251 14.65 -0.43 10.64
C ASN C 251 15.32 0.95 10.71
N LEU C 252 16.33 1.17 9.88
CA LEU C 252 17.06 2.44 9.92
C LEU C 252 16.84 3.29 8.66
N GLN C 253 16.05 2.77 7.73
CA GLN C 253 15.67 3.52 6.54
C GLN C 253 14.46 4.42 6.79
N PHE C 254 14.70 5.58 7.38
CA PHE C 254 13.64 6.52 7.70
C PHE C 254 13.09 7.19 6.45
N ALA C 255 11.78 7.35 6.40
CA ALA C 255 11.12 7.93 5.26
C ALA C 255 10.63 9.33 5.63
N VAL C 256 11.13 10.34 4.91
CA VAL C 256 10.71 11.73 5.11
C VAL C 256 10.51 12.40 3.76
N GLY C 257 10.09 13.67 3.77
CA GLY C 257 9.73 14.34 2.52
C GLY C 257 10.79 14.35 1.42
N GLN C 258 12.02 14.63 1.81
CA GLN C 258 13.16 14.76 0.90
C GLN C 258 13.88 13.42 0.83
N GLU C 259 14.02 12.89 -0.38
CA GLU C 259 14.56 11.53 -0.54
C GLU C 259 16.06 11.42 -0.19
N VAL C 260 16.78 12.53 -0.08
CA VAL C 260 18.20 12.40 0.19
C VAL C 260 18.50 12.60 1.67
N PHE C 261 17.48 12.84 2.50
CA PHE C 261 17.75 13.23 3.88
C PHE C 261 18.22 12.11 4.80
N GLY C 262 18.28 10.88 4.29
CA GLY C 262 18.94 9.83 5.04
C GLY C 262 20.47 9.93 4.95
N LEU C 263 20.95 10.84 4.09
CA LEU C 263 22.37 11.05 3.84
C LEU C 263 23.18 11.27 5.11
N VAL C 264 22.70 12.16 5.97
CA VAL C 264 23.41 12.46 7.20
C VAL C 264 22.47 12.66 8.39
N PRO C 265 22.90 12.19 9.57
CA PRO C 265 22.06 12.26 10.77
C PRO C 265 21.67 13.68 11.10
N GLY C 266 22.45 14.66 10.64
CA GLY C 266 22.14 16.08 10.83
C GLY C 266 20.86 16.49 10.14
N LEU C 267 20.64 15.95 8.95
CA LEU C 267 19.41 16.22 8.20
C LEU C 267 18.27 15.52 8.88
N MET C 268 18.54 14.28 9.30
CA MET C 268 17.51 13.44 9.89
C MET C 268 17.04 14.02 11.22
N MET C 269 17.97 14.67 11.92
CA MET C 269 17.66 15.35 13.17
C MET C 269 16.63 16.42 12.89
N TYR C 270 16.87 17.24 11.86
CA TYR C 270 15.97 18.34 11.55
C TYR C 270 14.66 17.83 10.95
N ALA C 271 14.75 16.76 10.16
CA ALA C 271 13.55 16.13 9.64
C ALA C 271 12.66 15.64 10.79
N THR C 272 13.29 15.10 11.82
CA THR C 272 12.54 14.60 12.96
C THR C 272 11.90 15.74 13.74
N ILE C 273 12.68 16.79 13.97
CA ILE C 273 12.15 17.95 14.69
C ILE C 273 10.90 18.55 13.98
N TRP C 274 10.96 18.72 12.67
CA TRP C 274 9.84 19.33 11.95
C TRP C 274 8.64 18.38 11.87
N LEU C 275 8.91 17.08 11.76
CA LEU C 275 7.86 16.08 11.87
C LEU C 275 7.10 16.23 13.18
N ARG C 276 7.84 16.33 14.27
CA ARG C 276 7.24 16.53 15.59
C ARG C 276 6.47 17.85 15.67
N GLU C 277 7.01 18.88 15.02
CA GLU C 277 6.37 20.19 15.03
C GLU C 277 5.03 20.17 14.31
N HIS C 278 4.96 19.52 13.15
CA HIS C 278 3.70 19.42 12.43
C HIS C 278 2.60 18.74 13.28
N ASN C 279 2.93 17.60 13.88
CA ASN C 279 1.97 16.87 14.69
C ASN C 279 1.60 17.62 15.96
N ARG C 280 2.55 18.42 16.48
CA ARG C 280 2.28 19.26 17.64
C ARG C 280 1.24 20.34 17.29
N VAL C 281 1.44 20.98 16.14
CA VAL C 281 0.52 22.02 15.67
C VAL C 281 -0.86 21.41 15.32
N CYS C 282 -0.88 20.17 14.85
CA CYS C 282 -2.13 19.45 14.66
C CYS C 282 -2.92 19.33 15.96
N ASP C 283 -2.21 19.04 17.05
CA ASP C 283 -2.88 18.92 18.34
C ASP C 283 -3.44 20.27 18.79
N ILE C 284 -2.68 21.33 18.57
CA ILE C 284 -3.15 22.67 18.94
C ILE C 284 -4.39 23.03 18.12
N LEU C 285 -4.33 22.79 16.81
CA LEU C 285 -5.47 23.10 15.96
C LEU C 285 -6.70 22.23 16.28
N LYS C 286 -6.48 20.97 16.64
CA LYS C 286 -7.56 20.08 17.01
C LYS C 286 -8.26 20.52 18.29
N GLN C 287 -7.49 21.00 19.26
CA GLN C 287 -8.06 21.58 20.48
C GLN C 287 -8.98 22.78 20.14
N GLU C 288 -8.51 23.67 19.27
CA GLU C 288 -9.29 24.83 18.87
C GLU C 288 -10.44 24.47 17.93
N HIS C 289 -10.26 23.42 17.14
CA HIS C 289 -11.27 23.07 16.14
C HIS C 289 -11.63 21.60 16.17
N PRO C 290 -12.39 21.16 17.18
CA PRO C 290 -12.87 19.77 17.21
C PRO C 290 -13.77 19.45 15.99
N GLU C 291 -14.31 20.48 15.34
CA GLU C 291 -15.21 20.26 14.22
C GLU C 291 -14.45 20.03 12.91
N TRP C 292 -13.13 20.20 12.96
CA TRP C 292 -12.33 20.08 11.73
C TRP C 292 -11.97 18.63 11.42
N GLY C 293 -11.87 18.34 10.14
CA GLY C 293 -11.41 17.04 9.69
C GLY C 293 -9.89 16.96 9.51
N ASP C 294 -9.44 15.75 9.20
CA ASP C 294 -8.04 15.45 8.99
C ASP C 294 -7.43 16.33 7.88
N GLU C 295 -8.17 16.54 6.80
CA GLU C 295 -7.60 17.28 5.69
C GLU C 295 -7.32 18.74 6.07
N GLN C 296 -8.29 19.41 6.67
CA GLN C 296 -8.10 20.81 7.02
C GLN C 296 -7.03 20.98 8.13
N LEU C 297 -6.94 20.02 9.05
CA LEU C 297 -5.93 20.04 10.10
C LEU C 297 -4.54 19.88 9.47
N PHE C 298 -4.42 18.95 8.53
CA PHE C 298 -3.15 18.78 7.82
C PHE C 298 -2.76 20.04 7.04
N GLN C 299 -3.68 20.58 6.25
CA GLN C 299 -3.36 21.71 5.37
C GLN C 299 -3.02 22.98 6.15
N THR C 300 -3.74 23.21 7.24
CA THR C 300 -3.53 24.43 8.00
C THR C 300 -2.19 24.37 8.77
N SER C 301 -1.84 23.18 9.28
CA SER C 301 -0.57 22.96 9.96
C SER C 301 0.57 23.26 8.99
N ARG C 302 0.45 22.75 7.76
CA ARG C 302 1.44 22.99 6.74
C ARG C 302 1.63 24.49 6.49
N LEU C 303 0.54 25.23 6.40
CA LEU C 303 0.62 26.68 6.20
C LEU C 303 1.33 27.32 7.39
N ILE C 304 1.05 26.82 8.58
CA ILE C 304 1.65 27.38 9.78
C ILE C 304 3.18 27.09 9.82
N LEU C 305 3.59 25.87 9.45
CA LEU C 305 5.03 25.54 9.48
C LEU C 305 5.80 26.30 8.39
N ILE C 306 5.16 26.53 7.25
CA ILE C 306 5.76 27.41 6.26
C ILE C 306 5.99 28.78 6.91
N GLY C 307 4.98 29.28 7.61
CA GLY C 307 5.11 30.51 8.36
C GLY C 307 6.29 30.52 9.35
N GLU C 308 6.38 29.48 10.17
CA GLU C 308 7.46 29.36 11.15
C GLU C 308 8.83 29.35 10.51
N THR C 309 8.94 28.56 9.45
CA THR C 309 10.16 28.45 8.69
C THR C 309 10.65 29.85 8.23
N ILE C 310 9.78 30.62 7.61
CA ILE C 310 10.16 31.93 7.10
C ILE C 310 10.55 32.84 8.27
N LYS C 311 9.74 32.76 9.33
CA LYS C 311 10.02 33.48 10.57
C LYS C 311 11.42 33.19 11.14
N ILE C 312 11.72 31.91 11.30
CA ILE C 312 12.97 31.47 11.86
C ILE C 312 14.12 31.84 10.92
N VAL C 313 13.92 31.61 9.62
CA VAL C 313 14.97 31.92 8.66
C VAL C 313 15.34 33.41 8.72
N ILE C 314 14.35 34.29 8.80
CA ILE C 314 14.64 35.73 8.85
C ILE C 314 15.22 36.18 10.22
N GLU C 315 14.53 35.87 11.31
CA GLU C 315 14.87 36.50 12.57
C GLU C 315 15.92 35.73 13.34
N ASP C 316 16.25 34.51 12.93
CA ASP C 316 17.35 33.81 13.61
C ASP C 316 18.50 33.56 12.66
N TYR C 317 18.19 32.91 11.55
CA TYR C 317 19.20 32.41 10.63
C TYR C 317 19.90 33.55 9.90
N VAL C 318 19.16 34.30 9.10
CA VAL C 318 19.72 35.46 8.40
C VAL C 318 20.21 36.49 9.40
N GLN C 319 19.55 36.57 10.55
CA GLN C 319 19.96 37.48 11.60
C GLN C 319 21.38 37.16 12.06
N HIS C 320 21.65 35.87 12.20
CA HIS C 320 22.97 35.44 12.61
C HIS C 320 24.06 35.65 11.57
N LEU C 321 23.87 35.15 10.34
CA LEU C 321 24.94 35.29 9.35
C LEU C 321 25.15 36.76 8.89
N SER C 322 24.12 37.59 8.96
CA SER C 322 24.28 39.00 8.59
C SER C 322 25.31 39.72 9.47
N GLY C 323 25.32 39.38 10.76
CA GLY C 323 26.20 40.03 11.72
C GLY C 323 25.66 41.37 12.19
N TYR C 324 24.45 41.72 11.76
CA TYR C 324 23.90 43.04 12.05
C TYR C 324 23.53 43.20 13.50
N HIS C 325 23.67 44.43 13.99
CA HIS C 325 23.21 44.76 15.33
C HIS C 325 21.71 45.06 15.30
N PHE C 326 21.25 45.54 14.14
CA PHE C 326 19.83 45.75 13.92
C PHE C 326 19.05 44.44 13.97
N LYS C 327 17.91 44.45 14.63
CA LYS C 327 17.08 43.26 14.77
C LYS C 327 16.08 43.11 13.63
N LEU C 328 16.38 42.20 12.70
CA LEU C 328 15.49 41.96 11.55
C LEU C 328 14.09 41.52 11.99
N LYS C 329 13.13 41.71 11.10
CA LYS C 329 11.75 41.43 11.45
C LYS C 329 11.01 40.75 10.30
N PHE C 330 10.38 39.62 10.57
CA PHE C 330 9.50 39.00 9.60
C PHE C 330 8.13 39.64 9.77
N ASP C 331 7.76 40.49 8.81
CA ASP C 331 6.49 41.20 8.84
C ASP C 331 6.02 41.54 7.42
N PRO C 332 5.20 40.66 6.83
CA PRO C 332 4.65 40.83 5.48
C PRO C 332 4.01 42.20 5.23
N GLU C 333 3.41 42.80 6.26
CA GLU C 333 2.67 44.06 6.08
C GLU C 333 3.54 45.21 5.57
N LEU C 334 4.84 45.11 5.83
CA LEU C 334 5.77 46.16 5.46
C LEU C 334 5.82 46.34 3.96
N LEU C 335 5.42 45.32 3.22
CA LEU C 335 5.44 45.38 1.77
C LEU C 335 4.06 45.71 1.16
N PHE C 336 3.01 45.81 1.98
CA PHE C 336 1.64 45.96 1.44
C PHE C 336 1.38 47.25 0.68
N ASN C 337 2.14 48.31 0.97
CA ASN C 337 2.06 49.57 0.23
C ASN C 337 3.27 49.77 -0.69
N GLN C 338 3.95 48.67 -1.00
CA GLN C 338 5.09 48.67 -1.89
C GLN C 338 4.78 47.87 -3.14
N GLN C 339 5.48 48.17 -4.22
CA GLN C 339 5.44 47.30 -5.38
C GLN C 339 6.29 46.07 -5.09
N PHE C 340 5.70 44.90 -5.24
CA PHE C 340 6.40 43.68 -4.95
C PHE C 340 5.63 42.52 -5.59
N GLN C 341 6.36 41.61 -6.24
CA GLN C 341 5.76 40.44 -6.86
C GLN C 341 5.77 39.24 -5.93
N TYR C 342 4.59 38.72 -5.59
CA TYR C 342 4.51 37.51 -4.77
C TYR C 342 4.68 36.24 -5.60
N GLN C 343 5.91 36.05 -6.07
CA GLN C 343 6.29 34.87 -6.82
C GLN C 343 7.81 34.76 -6.78
N ASN C 344 8.30 33.60 -7.18
CA ASN C 344 9.73 33.36 -7.20
C ASN C 344 10.08 32.24 -8.16
N ARG C 345 11.24 32.37 -8.79
CA ARG C 345 11.80 31.30 -9.58
C ARG C 345 13.23 31.09 -9.05
N ILE C 346 13.58 29.87 -8.69
CA ILE C 346 14.88 29.64 -8.06
C ILE C 346 16.01 29.79 -9.09
N ALA C 347 16.98 30.66 -8.80
CA ALA C 347 18.09 30.91 -9.72
C ALA C 347 19.25 29.92 -9.56
N SER C 348 19.84 29.56 -10.69
CA SER C 348 20.96 28.66 -10.73
C SER C 348 22.15 29.19 -9.89
N GLU C 349 22.43 30.49 -10.01
CA GLU C 349 23.52 31.12 -9.30
C GLU C 349 23.29 31.11 -7.77
N PHE C 350 22.03 31.12 -7.36
CA PHE C 350 21.69 31.07 -5.95
C PHE C 350 22.10 29.69 -5.41
N ASN C 351 21.75 28.67 -6.18
CA ASN C 351 22.16 27.30 -5.91
C ASN C 351 23.69 27.26 -5.83
N THR C 352 24.36 27.84 -6.83
CA THR C 352 25.81 27.79 -6.91
C THR C 352 26.50 28.48 -5.73
N LEU C 353 26.06 29.67 -5.35
CA LEU C 353 26.69 30.38 -4.26
C LEU C 353 26.43 29.70 -2.91
N TYR C 354 25.41 28.86 -2.82
CA TYR C 354 24.99 28.38 -1.52
C TYR C 354 25.70 27.02 -1.24
N HIS C 355 26.73 26.70 -2.02
CA HIS C 355 27.58 25.54 -1.74
C HIS C 355 28.52 25.87 -0.57
N TRP C 356 27.99 25.86 0.66
CA TRP C 356 28.71 26.30 1.86
C TRP C 356 29.43 25.15 2.61
N HIS C 357 30.07 24.31 1.82
CA HIS C 357 30.80 23.12 2.26
C HIS C 357 31.98 23.37 3.22
N PRO C 358 32.62 24.56 3.18
CA PRO C 358 33.61 24.87 4.21
C PRO C 358 33.03 24.90 5.64
N LEU C 359 31.71 24.98 5.77
CA LEU C 359 31.04 24.95 7.05
C LEU C 359 31.36 23.67 7.80
N LEU C 360 31.54 22.58 7.06
CA LEU C 360 31.69 21.27 7.66
C LEU C 360 33.05 21.07 8.32
N PRO C 361 33.05 20.49 9.53
CA PRO C 361 34.25 20.15 10.30
C PRO C 361 34.89 18.90 9.73
N ASP C 362 36.04 18.52 10.25
CA ASP C 362 36.70 17.32 9.80
C ASP C 362 36.10 16.09 10.48
N THR C 363 35.59 16.30 11.69
CA THR C 363 34.81 15.27 12.38
C THR C 363 33.56 15.85 13.00
N PHE C 364 32.57 15.00 13.21
CA PHE C 364 31.33 15.42 13.84
C PHE C 364 31.32 14.95 15.31
N ASN C 365 31.25 15.92 16.23
CA ASN C 365 31.42 15.64 17.66
C ASN C 365 30.10 15.55 18.41
N ILE C 366 29.71 14.33 18.74
CA ILE C 366 28.47 14.09 19.47
C ILE C 366 28.72 13.43 20.83
N GLU C 367 28.21 14.08 21.88
CA GLU C 367 28.53 13.71 23.26
C GLU C 367 30.06 13.60 23.38
N ASP C 368 30.57 12.41 23.71
CA ASP C 368 32.02 12.25 23.88
C ASP C 368 32.69 11.63 22.65
N GLN C 369 31.89 11.33 21.62
CA GLN C 369 32.37 10.68 20.41
C GLN C 369 32.79 11.63 19.31
N GLU C 370 33.66 11.16 18.43
CA GLU C 370 34.05 11.93 17.25
C GLU C 370 33.96 11.10 15.98
N TYR C 371 32.93 11.34 15.19
CA TYR C 371 32.70 10.54 13.99
C TYR C 371 33.38 11.11 12.76
N SER C 372 34.09 10.25 12.04
CA SER C 372 34.60 10.62 10.73
C SER C 372 33.45 10.79 9.72
N PHE C 373 33.74 11.36 8.56
CA PHE C 373 32.77 11.42 7.49
C PHE C 373 32.22 10.06 7.11
N LYS C 374 33.13 9.10 6.97
CA LYS C 374 32.73 7.74 6.61
C LYS C 374 31.75 7.17 7.65
N GLN C 375 32.03 7.39 8.93
CA GLN C 375 31.16 6.88 9.99
C GLN C 375 29.82 7.63 10.07
N PHE C 376 29.83 8.89 9.64
CA PHE C 376 28.69 9.75 9.84
C PHE C 376 27.66 9.59 8.71
N LEU C 377 28.12 9.53 7.47
CA LEU C 377 27.21 9.45 6.33
C LEU C 377 26.27 8.23 6.35
N TYR C 378 24.98 8.48 6.11
CA TYR C 378 23.99 7.42 6.01
C TYR C 378 23.93 6.57 7.27
N ASN C 379 24.16 7.18 8.42
CA ASN C 379 24.22 6.39 9.65
C ASN C 379 23.28 6.94 10.69
N ASN C 380 22.01 6.56 10.58
CA ASN C 380 21.00 6.99 11.53
C ASN C 380 21.05 6.26 12.87
N SER C 381 21.88 5.21 12.96
CA SER C 381 21.99 4.59 14.27
C SER C 381 22.67 5.57 15.24
N ILE C 382 23.46 6.49 14.69
CA ILE C 382 24.08 7.51 15.55
C ILE C 382 22.99 8.35 16.20
N LEU C 383 21.96 8.70 15.44
CA LEU C 383 20.83 9.47 15.96
C LEU C 383 20.05 8.69 17.03
N LEU C 384 19.79 7.39 16.80
CA LEU C 384 19.07 6.60 17.82
C LEU C 384 19.91 6.38 19.08
N GLU C 385 21.22 6.24 18.92
CA GLU C 385 22.09 6.03 20.06
C GLU C 385 22.13 7.23 21.00
N HIS C 386 22.26 8.42 20.42
CA HIS C 386 22.45 9.57 21.27
C HIS C 386 21.15 10.27 21.59
N GLY C 387 20.21 10.25 20.65
CA GLY C 387 18.96 10.94 20.84
C GLY C 387 19.06 12.38 20.38
N LEU C 388 17.90 13.01 20.19
CA LEU C 388 17.81 14.37 19.68
C LEU C 388 18.37 15.43 20.61
N THR C 389 18.13 15.24 21.91
CA THR C 389 18.58 16.19 22.91
C THR C 389 20.10 16.29 22.89
N GLN C 390 20.76 15.13 22.89
CA GLN C 390 22.22 15.09 22.83
C GLN C 390 22.73 15.66 21.50
N PHE C 391 22.03 15.40 20.39
CA PHE C 391 22.42 15.97 19.10
C PHE C 391 22.40 17.51 19.11
N VAL C 392 21.28 18.06 19.56
CA VAL C 392 21.13 19.51 19.70
C VAL C 392 22.22 20.10 20.61
N GLU C 393 22.38 19.55 21.80
CA GLU C 393 23.43 20.04 22.70
C GLU C 393 24.81 19.99 22.06
N SER C 394 25.11 18.88 21.39
CA SER C 394 26.40 18.70 20.74
C SER C 394 26.55 19.63 19.52
N PHE C 395 25.51 19.75 18.71
CA PHE C 395 25.67 20.57 17.50
C PHE C 395 25.74 22.05 17.86
N THR C 396 25.19 22.40 19.02
CA THR C 396 25.20 23.78 19.46
C THR C 396 26.61 24.16 19.94
N ARG C 397 27.36 23.18 20.42
CA ARG C 397 28.72 23.43 20.92
C ARG C 397 29.78 23.41 19.81
N GLN C 398 29.55 22.70 18.71
CA GLN C 398 30.63 22.54 17.73
C GLN C 398 30.67 23.66 16.70
N ILE C 399 31.84 24.26 16.58
CA ILE C 399 32.07 25.38 15.67
C ILE C 399 32.11 24.85 14.24
N ALA C 400 31.56 25.63 13.33
CA ALA C 400 31.59 25.36 11.90
C ALA C 400 32.73 26.15 11.25
N GLY C 401 33.08 25.79 10.02
CA GLY C 401 34.17 26.45 9.32
C GLY C 401 33.82 27.76 8.62
N ARG C 402 34.82 28.62 8.43
CA ARG C 402 34.65 29.87 7.64
C ARG C 402 34.47 29.54 6.15
N VAL C 403 33.53 30.22 5.48
CA VAL C 403 33.25 29.89 4.10
C VAL C 403 34.12 30.70 3.13
N ALA C 404 34.18 32.01 3.27
CA ALA C 404 35.12 32.78 2.46
C ALA C 404 36.55 32.68 3.08
N GLY C 405 37.53 33.32 2.46
CA GLY C 405 38.89 33.39 3.01
C GLY C 405 39.85 32.36 2.46
N GLY C 406 39.31 31.44 1.66
CA GLY C 406 40.12 30.48 0.93
C GLY C 406 40.45 29.23 1.70
N ARG C 407 40.81 28.18 0.95
CA ARG C 407 41.42 26.97 1.51
C ARG C 407 40.70 26.37 2.73
N ASN C 408 39.39 26.21 2.63
CA ASN C 408 38.71 25.62 3.75
C ASN C 408 37.65 24.61 3.33
N VAL C 409 37.69 24.14 2.08
CA VAL C 409 36.82 23.03 1.66
C VAL C 409 37.35 21.70 2.21
N PRO C 410 36.55 21.00 3.05
CA PRO C 410 37.02 19.72 3.60
C PRO C 410 37.31 18.73 2.48
N ILE C 411 38.40 18.00 2.61
CA ILE C 411 38.85 17.16 1.53
C ILE C 411 37.90 15.96 1.30
N ALA C 412 37.14 15.58 2.32
CA ALA C 412 36.15 14.51 2.19
C ALA C 412 35.10 14.83 1.09
N VAL C 413 34.89 16.11 0.80
CA VAL C 413 33.93 16.45 -0.25
C VAL C 413 34.58 17.18 -1.42
N GLN C 414 35.83 16.86 -1.72
CA GLN C 414 36.53 17.56 -2.80
C GLN C 414 35.88 17.31 -4.15
N ALA C 415 35.28 16.15 -4.33
CA ALA C 415 34.63 15.84 -5.60
C ALA C 415 33.43 16.75 -5.82
N VAL C 416 32.76 17.15 -4.73
CA VAL C 416 31.60 18.04 -4.85
C VAL C 416 32.04 19.45 -5.21
N ALA C 417 33.14 19.90 -4.59
CA ALA C 417 33.67 21.22 -4.89
C ALA C 417 34.18 21.28 -6.33
N LYS C 418 34.82 20.22 -6.80
CA LYS C 418 35.30 20.19 -8.18
C LYS C 418 34.11 20.18 -9.18
N ALA C 419 33.03 19.53 -8.78
CA ALA C 419 31.83 19.47 -9.61
C ALA C 419 31.16 20.84 -9.72
N SER C 420 31.19 21.61 -8.63
CA SER C 420 30.67 22.97 -8.64
C SER C 420 31.37 23.80 -9.70
N ILE C 421 32.68 23.61 -9.80
CA ILE C 421 33.43 24.34 -10.80
C ILE C 421 33.06 23.90 -12.21
N ASP C 422 33.14 22.60 -12.48
CA ASP C 422 32.92 22.05 -13.82
C ASP C 422 31.47 22.29 -14.34
N GLN C 423 30.49 22.19 -13.46
CA GLN C 423 29.12 22.39 -13.85
C GLN C 423 28.82 23.85 -14.11
N SER C 424 29.39 24.71 -13.31
CA SER C 424 29.32 26.14 -13.60
C SER C 424 29.80 26.43 -15.00
N ARG C 425 30.86 25.74 -15.43
CA ARG C 425 31.40 25.94 -16.78
C ARG C 425 30.47 25.33 -17.82
N GLU C 426 29.98 24.14 -17.51
CA GLU C 426 29.09 23.42 -18.39
C GLU C 426 27.82 24.24 -18.63
N MET C 427 27.34 24.92 -17.60
CA MET C 427 26.19 25.80 -17.72
C MET C 427 26.52 27.18 -18.29
N LYS C 428 27.78 27.35 -18.71
CA LYS C 428 28.25 28.57 -19.37
C LYS C 428 28.04 29.84 -18.54
N TYR C 429 28.37 29.79 -17.25
CA TYR C 429 28.28 30.99 -16.40
C TYR C 429 29.21 32.07 -16.92
N GLN C 430 28.76 33.32 -16.86
CA GLN C 430 29.64 34.46 -17.09
C GLN C 430 30.61 34.63 -15.91
N SER C 431 31.54 35.57 -16.03
CA SER C 431 32.63 35.73 -15.09
C SER C 431 32.23 36.33 -13.74
N LEU C 432 33.13 36.21 -12.76
CA LEU C 432 32.96 36.84 -11.46
C LEU C 432 32.58 38.32 -11.58
N ASN C 433 33.32 39.08 -12.37
CA ASN C 433 33.15 40.52 -12.45
C ASN C 433 31.86 40.88 -13.17
N GLU C 434 31.39 39.99 -14.04
CA GLU C 434 30.11 40.21 -14.72
C GLU C 434 28.97 40.11 -13.71
N TYR C 435 29.03 39.10 -12.86
CA TYR C 435 28.02 38.97 -11.83
C TYR C 435 28.14 40.12 -10.80
N ARG C 436 29.36 40.63 -10.57
CA ARG C 436 29.50 41.76 -9.67
C ARG C 436 28.82 43.00 -10.25
N LYS C 437 29.07 43.30 -11.53
CA LYS C 437 28.43 44.43 -12.17
C LYS C 437 26.91 44.23 -12.19
N ARG C 438 26.48 42.99 -12.41
CA ARG C 438 25.07 42.64 -12.45
C ARG C 438 24.38 42.97 -11.11
N PHE C 439 25.15 42.88 -10.02
CA PHE C 439 24.56 43.16 -8.71
C PHE C 439 25.07 44.47 -8.11
N SER C 440 25.44 45.41 -8.98
CA SER C 440 25.85 46.76 -8.60
C SER C 440 27.14 46.80 -7.77
N LEU C 441 28.05 45.86 -8.01
CA LEU C 441 29.34 45.87 -7.30
C LEU C 441 30.45 46.31 -8.24
N LYS C 442 31.45 46.99 -7.71
CA LYS C 442 32.58 47.43 -8.51
C LYS C 442 33.38 46.19 -8.89
N PRO C 443 33.72 46.03 -10.19
CA PRO C 443 34.55 44.89 -10.58
C PRO C 443 35.94 44.92 -9.94
N TYR C 444 36.45 43.76 -9.54
CA TYR C 444 37.80 43.67 -9.01
C TYR C 444 38.83 43.93 -10.08
N THR C 445 39.95 44.55 -9.70
CA THR C 445 40.98 44.95 -10.66
C THR C 445 42.27 44.15 -10.55
N SER C 446 42.33 43.22 -9.61
CA SER C 446 43.47 42.31 -9.48
C SER C 446 43.06 41.14 -8.62
N PHE C 447 43.87 40.10 -8.59
CA PHE C 447 43.54 38.96 -7.75
C PHE C 447 43.80 39.28 -6.27
N GLU C 448 44.72 40.22 -6.01
CA GLU C 448 45.02 40.64 -4.65
C GLU C 448 43.88 41.43 -4.02
N GLU C 449 43.17 42.20 -4.84
CA GLU C 449 41.99 42.91 -4.36
C GLU C 449 40.88 41.93 -4.01
N LEU C 450 40.74 40.87 -4.81
CA LEU C 450 39.76 39.81 -4.54
C LEU C 450 39.99 39.08 -3.20
N THR C 451 41.22 38.63 -2.97
CA THR C 451 41.54 37.80 -1.80
C THR C 451 41.93 38.62 -0.56
N GLY C 452 42.50 39.79 -0.77
CA GLY C 452 42.98 40.60 0.34
C GLY C 452 44.34 40.13 0.84
N GLU C 453 44.91 39.15 0.14
CA GLU C 453 46.19 38.57 0.52
C GLU C 453 47.06 38.45 -0.72
N LYS C 454 48.23 37.83 -0.60
CA LYS C 454 49.13 37.72 -1.75
C LYS C 454 49.45 36.30 -2.22
N GLU C 455 49.44 35.32 -1.31
CA GLU C 455 49.81 33.96 -1.69
C GLU C 455 48.78 33.33 -2.64
N MET C 456 47.51 33.24 -2.21
CA MET C 456 46.46 32.70 -3.08
C MET C 456 46.25 33.58 -4.32
N ALA C 457 46.40 34.89 -4.15
CA ALA C 457 46.22 35.79 -5.29
C ALA C 457 47.19 35.45 -6.43
N ALA C 458 48.44 35.20 -6.06
CA ALA C 458 49.49 34.85 -7.01
C ALA C 458 49.19 33.51 -7.67
N GLU C 459 48.70 32.55 -6.88
CA GLU C 459 48.22 31.28 -7.42
C GLU C 459 47.14 31.47 -8.50
N LEU C 460 46.17 32.33 -8.20
CA LEU C 460 45.07 32.57 -9.14
C LEU C 460 45.55 33.29 -10.38
N LYS C 461 46.53 34.18 -10.22
CA LYS C 461 47.01 34.96 -11.35
C LYS C 461 47.73 34.06 -12.33
N ALA C 462 48.46 33.08 -11.80
CA ALA C 462 49.18 32.15 -12.67
C ALA C 462 48.19 31.26 -13.42
N LEU C 463 47.06 30.97 -12.79
CA LEU C 463 46.08 30.10 -13.41
C LEU C 463 45.17 30.85 -14.40
N TYR C 464 44.66 32.01 -14.02
CA TYR C 464 43.63 32.68 -14.84
C TYR C 464 44.19 33.83 -15.71
N SER C 465 45.36 34.35 -15.34
CA SER C 465 46.00 35.52 -16.00
C SER C 465 45.23 36.85 -15.83
N ASP C 466 43.97 36.87 -16.25
CA ASP C 466 43.13 38.07 -16.19
C ASP C 466 42.09 37.94 -15.09
N ILE C 467 41.97 38.98 -14.25
CA ILE C 467 40.96 39.00 -13.20
C ILE C 467 39.53 38.97 -13.80
N ASP C 468 39.41 39.49 -15.02
CA ASP C 468 38.14 39.52 -15.72
C ASP C 468 37.74 38.15 -16.21
N VAL C 469 38.59 37.16 -15.97
CA VAL C 469 38.32 35.79 -16.39
C VAL C 469 38.04 34.90 -15.16
N MET C 470 38.27 35.44 -13.97
CA MET C 470 37.99 34.72 -12.72
C MET C 470 36.54 34.26 -12.65
N GLU C 471 36.31 33.04 -12.16
CA GLU C 471 34.96 32.46 -12.08
C GLU C 471 34.25 32.73 -10.76
N LEU C 472 32.93 32.68 -10.80
CA LEU C 472 32.12 33.05 -9.67
C LEU C 472 32.30 32.12 -8.47
N TYR C 473 32.10 30.83 -8.69
CA TYR C 473 32.12 29.89 -7.60
C TYR C 473 33.46 29.88 -6.81
N PRO C 474 34.60 29.67 -7.50
CA PRO C 474 35.84 29.68 -6.70
C PRO C 474 36.09 31.03 -6.02
N ALA C 475 35.72 32.13 -6.69
CA ALA C 475 35.94 33.46 -6.15
C ALA C 475 35.23 33.67 -4.83
N LEU C 476 34.02 33.12 -4.73
CA LEU C 476 33.22 33.27 -3.50
C LEU C 476 33.91 32.65 -2.29
N LEU C 477 34.59 31.52 -2.53
CA LEU C 477 35.20 30.76 -1.47
C LEU C 477 36.63 31.28 -1.14
N VAL C 478 37.24 32.07 -2.02
CA VAL C 478 38.55 32.61 -1.74
C VAL C 478 38.52 34.11 -1.44
N GLU C 479 37.36 34.72 -1.59
CA GLU C 479 37.20 36.18 -1.40
C GLU C 479 37.62 36.62 0.00
N LYS C 480 38.22 37.80 0.08
CA LYS C 480 38.46 38.48 1.35
C LYS C 480 37.15 38.59 2.10
N PRO C 481 37.12 38.03 3.30
CA PRO C 481 35.89 38.12 4.09
C PRO C 481 35.69 39.55 4.61
N ARG C 482 34.46 39.90 5.00
CA ARG C 482 34.28 41.07 5.85
C ARG C 482 35.01 40.86 7.18
N PRO C 483 35.40 41.96 7.86
CA PRO C 483 36.16 41.82 9.11
C PRO C 483 35.50 40.87 10.13
N ASP C 484 36.20 39.77 10.44
CA ASP C 484 35.70 38.72 11.33
C ASP C 484 34.34 38.16 10.88
N ALA C 485 34.07 38.17 9.58
CA ALA C 485 32.83 37.61 9.08
C ALA C 485 33.08 36.29 8.35
N ILE C 486 32.01 35.53 8.17
CA ILE C 486 32.08 34.23 7.49
C ILE C 486 32.14 34.38 5.97
N PHE C 487 31.61 35.50 5.45
CA PHE C 487 31.46 35.72 4.02
C PHE C 487 32.16 36.96 3.53
N GLY C 488 32.49 36.98 2.24
CA GLY C 488 32.89 38.21 1.57
C GLY C 488 31.71 38.97 0.97
N GLU C 489 32.03 40.12 0.40
CA GLU C 489 31.04 41.04 -0.16
C GLU C 489 30.16 40.37 -1.22
N THR C 490 30.77 39.65 -2.15
CA THR C 490 29.99 39.10 -3.25
C THR C 490 28.92 38.10 -2.80
N MET C 491 29.26 37.22 -1.85
CA MET C 491 28.30 36.24 -1.33
C MET C 491 27.06 36.92 -0.76
N VAL C 492 27.28 37.97 0.02
CA VAL C 492 26.17 38.67 0.65
C VAL C 492 25.30 39.42 -0.35
N GLU C 493 25.91 40.13 -1.29
CA GLU C 493 25.19 40.99 -2.21
C GLU C 493 24.45 40.20 -3.30
N LEU C 494 24.92 38.99 -3.60
CA LEU C 494 24.16 38.13 -4.49
C LEU C 494 23.10 37.34 -3.73
N GLY C 495 23.46 36.89 -2.53
CA GLY C 495 22.59 36.03 -1.77
C GLY C 495 21.34 36.70 -1.23
N ALA C 496 21.51 37.93 -0.77
CA ALA C 496 20.43 38.68 -0.14
C ALA C 496 19.23 38.91 -1.07
N PRO C 497 19.44 39.37 -2.33
CA PRO C 497 18.26 39.56 -3.19
C PRO C 497 17.52 38.25 -3.53
N PHE C 498 18.26 37.17 -3.79
CA PHE C 498 17.64 35.87 -4.06
C PHE C 498 16.85 35.39 -2.86
N SER C 499 17.44 35.60 -1.69
CA SER C 499 16.87 35.11 -0.45
C SER C 499 15.57 35.84 -0.14
N LEU C 500 15.60 37.17 -0.29
CA LEU C 500 14.43 38.01 -0.08
C LEU C 500 13.21 37.51 -0.86
N LYS C 501 13.41 37.25 -2.15
CA LYS C 501 12.32 36.80 -3.03
C LYS C 501 11.81 35.43 -2.65
N GLY C 502 12.73 34.54 -2.29
CA GLY C 502 12.37 33.21 -1.85
C GLY C 502 11.52 33.24 -0.58
N LEU C 503 11.76 34.22 0.29
CA LEU C 503 11.08 34.25 1.59
C LEU C 503 9.80 35.09 1.55
N MET C 504 9.91 36.34 1.10
CA MET C 504 8.76 37.24 1.07
C MET C 504 7.87 36.99 -0.14
N GLY C 505 8.42 36.33 -1.16
CA GLY C 505 7.66 36.07 -2.37
C GLY C 505 6.62 35.00 -2.18
N ASN C 506 6.71 34.26 -1.08
CA ASN C 506 5.75 33.21 -0.75
C ASN C 506 4.30 33.76 -0.67
N PRO C 507 3.31 33.03 -1.23
CA PRO C 507 1.92 33.51 -1.18
C PRO C 507 1.41 33.78 0.24
N ILE C 508 1.92 33.10 1.26
CA ILE C 508 1.38 33.34 2.60
C ILE C 508 1.73 34.74 3.11
N CYS C 509 2.66 35.41 2.44
CA CYS C 509 3.02 36.79 2.76
C CYS C 509 2.17 37.81 2.01
N SER C 510 1.37 37.35 1.06
CA SER C 510 0.56 38.28 0.29
C SER C 510 -0.64 38.72 1.13
N PRO C 511 -1.21 39.91 0.80
CA PRO C 511 -2.32 40.43 1.58
C PRO C 511 -3.49 39.45 1.73
N GLN C 512 -3.87 38.68 0.70
CA GLN C 512 -5.07 37.85 0.90
C GLN C 512 -4.81 36.62 1.76
N TYR C 513 -3.56 36.23 1.93
CA TYR C 513 -3.23 35.11 2.82
C TYR C 513 -2.85 35.54 4.26
N TRP C 514 -2.24 36.71 4.41
CA TRP C 514 -1.64 37.08 5.70
C TRP C 514 -2.67 37.64 6.67
N LYS C 515 -3.44 36.72 7.24
CA LYS C 515 -4.48 37.02 8.22
C LYS C 515 -4.73 35.75 9.02
N PRO C 516 -5.24 35.89 10.26
CA PRO C 516 -5.42 34.75 11.17
C PRO C 516 -6.28 33.59 10.64
N SER C 517 -7.30 33.86 9.83
CA SER C 517 -8.18 32.78 9.42
C SER C 517 -7.48 31.79 8.47
N THR C 518 -6.46 32.27 7.77
CA THR C 518 -5.62 31.39 6.95
C THR C 518 -4.95 30.33 7.80
N PHE C 519 -4.61 30.70 9.04
CA PHE C 519 -3.82 29.83 9.90
C PHE C 519 -4.69 29.27 11.04
N GLY C 520 -6.00 29.24 10.81
CA GLY C 520 -6.91 28.64 11.77
C GLY C 520 -7.31 29.59 12.88
N GLY C 521 -7.07 30.88 12.70
CA GLY C 521 -7.38 31.83 13.76
C GLY C 521 -6.16 32.37 14.49
N GLU C 522 -6.40 33.17 15.53
CA GLU C 522 -5.34 33.90 16.23
C GLU C 522 -4.29 33.00 16.88
N VAL C 523 -4.69 31.79 17.28
CA VAL C 523 -3.77 30.86 17.91
C VAL C 523 -2.74 30.34 16.91
N GLY C 524 -3.21 29.96 15.73
CA GLY C 524 -2.32 29.53 14.67
C GLY C 524 -1.40 30.65 14.21
N PHE C 525 -1.97 31.85 14.09
CA PHE C 525 -1.25 33.02 13.65
C PHE C 525 -0.10 33.31 14.61
N LYS C 526 -0.40 33.16 15.89
CA LYS C 526 0.54 33.47 16.94
C LYS C 526 1.72 32.48 16.91
N ILE C 527 1.44 31.24 16.53
CA ILE C 527 2.51 30.26 16.38
C ILE C 527 3.55 30.72 15.37
N ILE C 528 3.09 31.26 14.25
CA ILE C 528 4.03 31.81 13.28
C ILE C 528 4.82 33.00 13.82
N ASN C 529 4.10 33.95 14.42
CA ASN C 529 4.71 35.22 14.78
C ASN C 529 5.54 35.17 16.06
N THR C 530 5.52 34.05 16.78
CA THR C 530 6.41 33.89 17.93
C THR C 530 7.44 32.77 17.70
N ALA C 531 7.52 32.25 16.48
CA ALA C 531 8.48 31.16 16.21
C ALA C 531 9.95 31.63 16.33
N SER C 532 10.81 30.71 16.76
CA SER C 532 12.25 30.95 16.81
C SER C 532 12.92 29.59 16.74
N ILE C 533 14.22 29.56 16.46
CA ILE C 533 14.92 28.26 16.48
C ILE C 533 14.88 27.66 17.91
N GLN C 534 14.85 28.51 18.94
CA GLN C 534 14.82 28.01 20.31
C GLN C 534 13.47 27.38 20.68
N SER C 535 12.38 28.02 20.27
CA SER C 535 11.04 27.48 20.59
C SER C 535 10.78 26.22 19.75
N LEU C 536 11.28 26.21 18.52
CA LEU C 536 11.23 24.99 17.69
C LEU C 536 11.82 23.80 18.43
N ILE C 537 13.03 23.98 18.97
CA ILE C 537 13.70 22.92 19.72
C ILE C 537 12.99 22.66 21.05
N CYS C 538 12.64 23.73 21.77
CA CYS C 538 12.05 23.61 23.11
C CYS C 538 10.70 22.86 23.14
N ASN C 539 9.85 23.10 22.15
CA ASN C 539 8.57 22.39 22.04
C ASN C 539 8.67 20.93 21.62
N ASN C 540 9.76 20.55 20.97
CA ASN C 540 9.81 19.26 20.31
C ASN C 540 10.97 18.36 20.75
N VAL C 541 11.87 18.90 21.56
CA VAL C 541 13.01 18.11 22.02
C VAL C 541 12.98 17.98 23.53
N LYS C 542 13.03 16.74 24.01
CA LYS C 542 12.96 16.45 25.44
C LYS C 542 14.00 17.25 26.22
N GLY C 543 13.58 17.83 27.32
CA GLY C 543 14.49 18.62 28.14
C GLY C 543 14.55 20.09 27.78
N CYS C 544 13.98 20.46 26.63
CA CYS C 544 14.10 21.83 26.12
C CYS C 544 15.57 22.30 26.22
N PRO C 545 16.48 21.61 25.51
CA PRO C 545 17.88 22.04 25.64
C PRO C 545 18.08 23.39 24.97
N PHE C 546 18.95 24.22 25.54
CA PHE C 546 19.31 25.47 24.92
C PHE C 546 19.88 25.25 23.51
N THR C 547 19.48 26.08 22.57
CA THR C 547 20.10 26.02 21.27
C THR C 547 20.24 27.43 20.72
N SER C 548 20.99 27.54 19.63
CA SER C 548 21.41 28.80 19.07
C SER C 548 22.08 28.46 17.74
N PHE C 549 22.25 29.44 16.87
CA PHE C 549 22.99 29.19 15.65
C PHE C 549 24.46 29.54 15.87
N ASN C 550 24.81 29.99 17.07
CA ASN C 550 26.21 30.28 17.34
C ASN C 550 26.72 29.61 18.61
N VAL C 551 28.03 29.37 18.69
CA VAL C 551 28.62 28.78 19.89
C VAL C 551 28.59 29.80 21.03
N GLN C 552 28.61 29.28 22.25
CA GLN C 552 28.48 30.10 23.46
C GLN C 552 29.72 30.02 24.32
N ALA D 1 -24.50 20.93 8.93
CA ALA D 1 -23.84 21.08 10.22
C ALA D 1 -22.87 22.26 10.24
N ASN D 2 -22.20 22.53 9.12
CA ASN D 2 -21.21 23.61 9.06
C ASN D 2 -21.83 24.97 9.38
N PRO D 3 -21.34 25.63 10.44
CA PRO D 3 -21.88 26.93 10.87
C PRO D 3 -21.63 28.07 9.88
N CYS D 4 -20.76 27.85 8.90
CA CYS D 4 -20.48 28.86 7.90
C CYS D 4 -21.36 28.68 6.66
N CYS D 5 -22.31 27.75 6.75
CA CYS D 5 -23.14 27.41 5.61
C CYS D 5 -24.01 28.56 5.12
N SER D 6 -24.38 29.48 6.01
CA SER D 6 -25.27 30.56 5.61
C SER D 6 -24.52 31.76 5.01
N ASN D 7 -23.21 31.61 4.83
CA ASN D 7 -22.35 32.69 4.33
C ASN D 7 -22.52 33.97 5.16
N PRO D 8 -22.32 33.90 6.48
CA PRO D 8 -22.67 35.05 7.32
C PRO D 8 -21.77 36.28 7.13
N CYS D 9 -20.50 36.07 6.79
CA CYS D 9 -19.53 37.16 6.66
C CYS D 9 -19.75 38.01 5.42
N GLN D 10 -19.85 39.32 5.60
CA GLN D 10 -20.03 40.23 4.49
C GLN D 10 -18.74 40.93 4.09
N ASN D 11 -18.79 41.59 2.94
CA ASN D 11 -17.74 42.49 2.47
C ASN D 11 -16.36 41.83 2.39
N ARG D 12 -16.37 40.55 1.98
CA ARG D 12 -15.16 39.75 1.74
C ARG D 12 -14.42 39.33 3.01
N GLY D 13 -15.10 39.43 4.16
CA GLY D 13 -14.60 38.84 5.39
C GLY D 13 -14.57 37.32 5.26
N GLU D 14 -13.64 36.66 5.93
CA GLU D 14 -13.59 35.21 5.83
C GLU D 14 -14.21 34.53 7.04
N CYS D 15 -15.01 33.50 6.75
CA CYS D 15 -15.71 32.75 7.78
C CYS D 15 -14.89 31.53 8.18
N MET D 16 -14.78 31.32 9.48
CA MET D 16 -14.08 30.16 10.01
C MET D 16 -14.96 29.64 11.13
N SER D 17 -15.15 28.32 11.15
CA SER D 17 -15.87 27.72 12.27
C SER D 17 -14.99 27.73 13.53
N THR D 18 -15.60 27.89 14.69
CA THR D 18 -14.86 27.91 15.96
C THR D 18 -15.43 26.88 16.92
N GLY D 19 -16.08 25.87 16.37
CA GLY D 19 -16.76 24.86 17.15
C GLY D 19 -17.82 24.26 16.27
N PHE D 20 -18.58 23.32 16.80
CA PHE D 20 -19.57 22.65 15.98
C PHE D 20 -20.70 23.61 15.63
N ASP D 21 -20.91 24.63 16.45
CA ASP D 21 -22.06 25.51 16.26
C ASP D 21 -21.73 27.00 16.36
N GLN D 22 -20.49 27.38 16.12
CA GLN D 22 -20.13 28.79 16.17
C GLN D 22 -19.16 29.11 15.06
N TYR D 23 -19.17 30.37 14.62
CA TYR D 23 -18.23 30.81 13.59
C TYR D 23 -17.55 32.12 14.00
N LYS D 24 -16.52 32.51 13.23
CA LYS D 24 -15.81 33.76 13.43
C LYS D 24 -15.51 34.40 12.10
N CYS D 25 -15.74 35.71 11.97
CA CYS D 25 -15.40 36.39 10.73
C CYS D 25 -14.08 37.12 10.82
N ASP D 26 -13.20 36.88 9.86
CA ASP D 26 -11.94 37.61 9.81
C ASP D 26 -12.14 38.83 8.94
N CYS D 27 -12.20 39.99 9.58
CA CYS D 27 -12.52 41.24 8.91
C CYS D 27 -11.29 42.01 8.46
N THR D 28 -10.13 41.40 8.60
CA THR D 28 -8.85 42.02 8.22
C THR D 28 -8.83 42.70 6.85
N ARG D 29 -8.56 44.00 6.88
CA ARG D 29 -8.40 44.83 5.68
C ARG D 29 -9.65 44.86 4.80
N THR D 30 -10.82 44.53 5.35
CA THR D 30 -12.04 44.61 4.57
C THR D 30 -12.57 46.04 4.58
N GLY D 31 -12.18 46.80 5.61
CA GLY D 31 -12.69 48.15 5.80
C GLY D 31 -13.91 48.17 6.70
N PHE D 32 -14.29 46.98 7.17
CA PHE D 32 -15.45 46.81 8.03
C PHE D 32 -15.06 46.02 9.25
N TYR D 33 -15.79 46.19 10.35
CA TYR D 33 -15.60 45.34 11.53
C TYR D 33 -16.97 44.87 12.01
N GLY D 34 -16.99 44.20 13.16
CA GLY D 34 -18.20 43.62 13.68
C GLY D 34 -18.33 42.14 13.33
N GLU D 35 -19.30 41.48 13.96
CA GLU D 35 -19.44 40.03 13.89
C GLU D 35 -19.45 39.47 12.47
N ASN D 36 -20.19 40.11 11.56
CA ASN D 36 -20.22 39.67 10.17
C ASN D 36 -19.51 40.65 9.24
N CYS D 37 -18.65 41.50 9.81
CA CYS D 37 -17.96 42.55 9.06
C CYS D 37 -18.92 43.45 8.33
N THR D 38 -19.90 44.01 9.05
CA THR D 38 -20.90 44.87 8.41
C THR D 38 -20.87 46.31 8.92
N THR D 39 -20.09 46.56 9.98
CA THR D 39 -19.96 47.92 10.48
C THR D 39 -18.76 48.63 9.85
N PRO D 40 -19.02 49.64 9.01
CA PRO D 40 -17.95 50.30 8.24
C PRO D 40 -17.06 51.22 9.07
N GLU D 41 -15.75 51.17 8.81
CA GLU D 41 -14.81 52.12 9.37
C GLU D 41 -15.08 53.50 8.78
N PHE D 42 -14.50 54.55 9.36
CA PHE D 42 -14.87 55.89 8.93
C PHE D 42 -14.56 56.20 7.48
N LEU D 43 -13.36 55.84 7.00
CA LEU D 43 -13.02 56.14 5.61
C LEU D 43 -13.90 55.32 4.66
N THR D 44 -14.39 54.18 5.14
CA THR D 44 -15.21 53.32 4.33
C THR D 44 -16.57 53.95 4.05
N ARG D 45 -17.16 54.60 5.04
CA ARG D 45 -18.42 55.28 4.80
C ARG D 45 -18.22 56.40 3.77
N ILE D 46 -17.08 57.08 3.86
CA ILE D 46 -16.77 58.13 2.88
C ILE D 46 -16.65 57.53 1.48
N LYS D 47 -15.83 56.49 1.33
CA LYS D 47 -15.64 55.83 0.05
C LYS D 47 -16.97 55.30 -0.52
N LEU D 48 -17.84 54.84 0.37
CA LEU D 48 -19.16 54.35 -0.02
C LEU D 48 -20.07 55.44 -0.59
N LEU D 49 -20.11 56.58 0.09
CA LEU D 49 -20.94 57.70 -0.36
C LEU D 49 -20.46 58.26 -1.70
N LEU D 50 -19.15 58.18 -1.95
CA LEU D 50 -18.58 58.74 -3.18
C LEU D 50 -18.67 57.80 -4.38
N LYS D 51 -18.24 56.55 -4.19
CA LYS D 51 -18.23 55.58 -5.27
C LYS D 51 -19.58 55.38 -5.93
N PRO D 52 -19.66 55.70 -7.24
CA PRO D 52 -20.86 55.55 -8.08
C PRO D 52 -21.12 54.11 -8.51
N THR D 53 -22.38 53.79 -8.78
CA THR D 53 -22.75 52.43 -9.18
C THR D 53 -22.23 52.07 -10.57
N PRO D 54 -22.04 50.77 -10.84
CA PRO D 54 -21.55 50.34 -12.15
C PRO D 54 -22.48 50.78 -13.29
N ASN D 55 -23.79 50.87 -13.03
CA ASN D 55 -24.71 51.33 -14.06
C ASN D 55 -24.53 52.82 -14.37
N THR D 56 -24.14 53.58 -13.36
CA THR D 56 -23.92 55.01 -13.56
C THR D 56 -22.70 55.22 -14.45
N VAL D 57 -21.60 54.55 -14.10
CA VAL D 57 -20.38 54.61 -14.90
C VAL D 57 -20.55 54.13 -16.35
N HIS D 58 -21.28 53.03 -16.51
CA HIS D 58 -21.52 52.50 -17.84
C HIS D 58 -22.28 53.51 -18.69
N TYR D 59 -23.21 54.22 -18.05
CA TYR D 59 -23.94 55.27 -18.76
C TYR D 59 -23.00 56.36 -19.27
N ILE D 60 -22.11 56.82 -18.40
CA ILE D 60 -21.21 57.91 -18.75
C ILE D 60 -20.25 57.51 -19.87
N LEU D 61 -19.82 56.26 -19.85
CA LEU D 61 -18.85 55.78 -20.83
C LEU D 61 -19.48 55.53 -22.19
N THR D 62 -20.81 55.42 -22.21
CA THR D 62 -21.53 55.08 -23.43
C THR D 62 -22.37 56.24 -23.93
N HIS D 63 -22.23 57.39 -23.27
CA HIS D 63 -22.88 58.62 -23.70
C HIS D 63 -21.84 59.72 -23.81
N PHE D 64 -22.30 60.93 -24.07
CA PHE D 64 -21.42 62.09 -24.20
C PHE D 64 -20.33 61.85 -25.24
N LYS D 65 -20.74 61.34 -26.39
CA LYS D 65 -19.84 60.96 -27.46
C LYS D 65 -18.92 62.11 -27.84
N GLY D 66 -19.47 63.32 -27.82
CA GLY D 66 -18.72 64.51 -28.13
C GLY D 66 -17.55 64.70 -27.19
N VAL D 67 -17.80 64.49 -25.90
CA VAL D 67 -16.76 64.59 -24.88
C VAL D 67 -15.67 63.53 -25.04
N TRP D 68 -16.07 62.29 -25.28
CA TRP D 68 -15.09 61.23 -25.41
C TRP D 68 -14.22 61.43 -26.62
N ASN D 69 -14.74 62.10 -27.63
CA ASN D 69 -13.98 62.29 -28.85
C ASN D 69 -12.90 63.33 -28.65
N ILE D 70 -13.11 64.24 -27.72
CA ILE D 70 -12.06 65.15 -27.29
C ILE D 70 -10.99 64.42 -26.49
N VAL D 71 -11.44 63.64 -25.51
CA VAL D 71 -10.52 62.88 -24.67
C VAL D 71 -9.66 61.92 -25.46
N ASN D 72 -10.26 61.23 -26.43
CA ASN D 72 -9.53 60.24 -27.21
C ASN D 72 -8.37 60.85 -27.99
N ASN D 73 -8.51 62.12 -28.36
CA ASN D 73 -7.50 62.80 -29.17
C ASN D 73 -6.50 63.60 -28.34
N ILE D 74 -6.62 63.47 -27.02
CA ILE D 74 -5.65 64.07 -26.11
C ILE D 74 -4.90 62.95 -25.42
N PRO D 75 -3.71 62.59 -25.96
CA PRO D 75 -2.92 61.43 -25.52
C PRO D 75 -2.75 61.37 -24.01
N PHE D 76 -2.30 62.48 -23.43
CA PHE D 76 -2.07 62.56 -22.00
C PHE D 76 -3.31 62.20 -21.20
N LEU D 77 -4.46 62.73 -21.62
CA LEU D 77 -5.71 62.53 -20.92
C LEU D 77 -6.21 61.11 -21.12
N ARG D 78 -6.20 60.65 -22.36
CA ARG D 78 -6.60 59.29 -22.69
C ARG D 78 -5.79 58.28 -21.87
N SER D 79 -4.49 58.54 -21.72
CA SER D 79 -3.63 57.67 -20.94
C SER D 79 -4.11 57.64 -19.50
N LEU D 80 -4.45 58.82 -18.98
CA LEU D 80 -4.91 58.95 -17.61
C LEU D 80 -6.16 58.11 -17.38
N ILE D 81 -7.11 58.19 -18.29
CA ILE D 81 -8.38 57.49 -18.10
C ILE D 81 -8.18 55.97 -18.18
N MET D 82 -7.38 55.52 -19.14
CA MET D 82 -7.07 54.10 -19.24
C MET D 82 -6.39 53.56 -17.98
N LYS D 83 -5.52 54.36 -17.38
CA LYS D 83 -4.85 53.98 -16.15
C LYS D 83 -5.91 53.75 -15.09
N TYR D 84 -6.91 54.63 -15.01
CA TYR D 84 -8.01 54.42 -14.07
C TYR D 84 -8.77 53.14 -14.38
N VAL D 85 -9.02 52.90 -15.66
CA VAL D 85 -9.71 51.70 -16.11
C VAL D 85 -8.98 50.44 -15.62
N LEU D 86 -7.67 50.43 -15.78
CA LEU D 86 -6.86 49.29 -15.38
C LEU D 86 -6.86 49.06 -13.86
N THR D 87 -6.73 50.13 -13.07
CA THR D 87 -6.57 49.98 -11.63
C THR D 87 -7.88 49.88 -10.85
N SER D 88 -8.95 50.48 -11.36
CA SER D 88 -10.23 50.36 -10.66
C SER D 88 -10.72 48.92 -10.67
N ARG D 89 -10.32 48.15 -11.67
CA ARG D 89 -10.70 46.76 -11.78
C ARG D 89 -9.82 45.83 -10.94
N SER D 90 -8.62 46.32 -10.60
CA SER D 90 -7.57 45.51 -9.97
C SER D 90 -7.98 44.79 -8.68
N TYR D 91 -8.60 45.52 -7.76
CA TYR D 91 -8.80 45.03 -6.40
C TYR D 91 -9.74 43.82 -6.27
N LEU D 92 -10.39 43.39 -7.34
CA LEU D 92 -11.43 42.37 -7.21
C LEU D 92 -10.92 40.94 -7.24
N ILE D 93 -9.77 40.74 -7.86
CA ILE D 93 -9.25 39.39 -8.03
C ILE D 93 -8.16 39.09 -6.98
N ASP D 94 -8.30 37.93 -6.33
CA ASP D 94 -7.28 37.43 -5.41
C ASP D 94 -6.07 36.99 -6.21
N SER D 95 -4.91 37.56 -5.90
CA SER D 95 -3.71 37.19 -6.60
C SER D 95 -2.53 37.35 -5.66
N PRO D 96 -1.86 36.25 -5.28
CA PRO D 96 -1.99 34.83 -5.55
C PRO D 96 -3.37 34.26 -5.30
N PRO D 97 -3.74 33.18 -6.02
CA PRO D 97 -5.11 32.64 -5.97
C PRO D 97 -5.35 31.89 -4.66
N THR D 98 -6.62 31.67 -4.35
CA THR D 98 -7.02 31.08 -3.09
C THR D 98 -7.80 29.77 -3.29
N TYR D 99 -9.12 29.86 -3.40
CA TYR D 99 -9.99 28.67 -3.32
C TYR D 99 -10.03 27.86 -4.62
N ASN D 100 -10.53 26.63 -4.54
CA ASN D 100 -10.88 25.88 -5.75
C ASN D 100 -12.01 24.92 -5.39
N VAL D 101 -12.39 24.04 -6.31
CA VAL D 101 -13.61 23.24 -6.10
C VAL D 101 -13.55 22.32 -4.87
N HIS D 102 -12.34 21.93 -4.48
CA HIS D 102 -12.16 21.05 -3.34
C HIS D 102 -11.79 21.79 -2.07
N TYR D 103 -11.41 23.07 -2.19
CA TYR D 103 -10.95 23.82 -1.03
C TYR D 103 -11.70 25.11 -0.77
N GLY D 104 -12.48 25.09 0.32
CA GLY D 104 -13.22 26.25 0.78
C GLY D 104 -12.46 27.04 1.83
N TYR D 105 -11.22 26.62 2.08
CA TYR D 105 -10.31 27.35 2.93
C TYR D 105 -8.97 27.41 2.20
N LYS D 106 -8.16 28.40 2.52
CA LYS D 106 -6.86 28.52 1.86
C LYS D 106 -5.96 27.36 2.28
N SER D 107 -5.23 26.80 1.31
CA SER D 107 -4.29 25.72 1.60
C SER D 107 -3.19 25.67 0.55
N TRP D 108 -2.08 25.00 0.88
CA TRP D 108 -0.97 24.89 -0.05
C TRP D 108 -1.35 24.05 -1.26
N GLU D 109 -2.24 23.10 -1.07
CA GLU D 109 -2.72 22.29 -2.21
C GLU D 109 -3.45 23.15 -3.23
N ALA D 110 -4.37 23.99 -2.76
CA ALA D 110 -5.15 24.85 -3.68
C ALA D 110 -4.24 25.83 -4.38
N PHE D 111 -3.28 26.40 -3.65
CA PHE D 111 -2.39 27.36 -4.26
C PHE D 111 -1.51 26.74 -5.33
N SER D 112 -0.95 25.57 -5.03
CA SER D 112 0.16 25.00 -5.81
C SER D 112 -0.25 24.06 -6.95
N ASN D 113 -1.41 23.44 -6.85
CA ASN D 113 -1.87 22.50 -7.87
C ASN D 113 -2.52 23.23 -9.03
N LEU D 114 -1.76 23.38 -10.12
CA LEU D 114 -2.13 24.17 -11.28
C LEU D 114 -3.21 23.50 -12.13
N SER D 115 -3.58 22.26 -11.80
CA SER D 115 -4.61 21.55 -12.55
C SER D 115 -6.04 21.99 -12.24
N TYR D 116 -6.20 22.72 -11.15
CA TYR D 116 -7.50 23.26 -10.80
C TYR D 116 -7.73 24.60 -11.48
N TYR D 117 -8.96 24.83 -11.94
CA TYR D 117 -9.42 26.20 -12.05
C TYR D 117 -9.48 26.73 -10.64
N THR D 118 -9.14 28.01 -10.43
CA THR D 118 -9.32 28.60 -9.10
C THR D 118 -10.77 29.08 -8.94
N ARG D 119 -11.13 29.55 -7.74
CA ARG D 119 -12.50 29.97 -7.47
C ARG D 119 -12.57 31.35 -6.80
N ALA D 120 -13.33 32.25 -7.41
CA ALA D 120 -13.55 33.59 -6.87
C ALA D 120 -14.38 33.54 -5.57
N LEU D 121 -15.28 32.58 -5.48
CA LEU D 121 -15.97 32.30 -4.23
C LEU D 121 -15.80 30.82 -3.91
N PRO D 122 -15.49 30.52 -2.63
CA PRO D 122 -15.35 29.14 -2.17
C PRO D 122 -16.62 28.35 -2.45
N PRO D 123 -16.50 27.03 -2.61
CA PRO D 123 -17.69 26.17 -2.80
C PRO D 123 -18.53 26.10 -1.54
N VAL D 124 -19.83 25.85 -1.69
CA VAL D 124 -20.73 25.54 -0.58
C VAL D 124 -20.30 24.21 0.02
N ALA D 125 -20.08 24.16 1.33
CA ALA D 125 -19.59 22.95 2.01
C ALA D 125 -20.47 21.72 1.76
N ASP D 126 -19.84 20.55 1.71
CA ASP D 126 -20.53 19.31 1.38
C ASP D 126 -21.68 19.00 2.34
N ASP D 127 -21.54 19.32 3.61
CA ASP D 127 -22.57 18.94 4.59
C ASP D 127 -23.61 20.03 4.86
N CYS D 128 -23.71 21.03 3.98
CA CYS D 128 -24.76 22.03 4.13
C CYS D 128 -26.11 21.43 3.79
N PRO D 129 -27.16 21.86 4.52
CA PRO D 129 -28.51 21.31 4.36
C PRO D 129 -29.14 21.58 2.99
N THR D 130 -28.74 22.66 2.33
CA THR D 130 -29.28 23.00 1.01
C THR D 130 -28.16 23.29 0.02
N PRO D 131 -28.43 23.12 -1.30
CA PRO D 131 -27.41 23.34 -2.31
C PRO D 131 -26.75 24.72 -2.24
N MET D 132 -27.51 25.76 -1.89
CA MET D 132 -26.97 27.11 -1.82
C MET D 132 -26.41 27.49 -0.43
N GLY D 133 -26.55 26.57 0.52
CA GLY D 133 -26.09 26.83 1.87
C GLY D 133 -27.18 26.45 2.85
N VAL D 134 -28.05 27.40 3.17
CA VAL D 134 -29.19 27.12 4.06
C VAL D 134 -30.53 27.54 3.45
N LYS D 135 -30.51 28.43 2.45
CA LYS D 135 -31.75 28.88 1.83
C LYS D 135 -32.27 27.89 0.81
N GLY D 136 -33.57 27.99 0.52
CA GLY D 136 -34.18 27.18 -0.52
C GLY D 136 -34.56 25.78 -0.08
N ASN D 137 -34.90 24.95 -1.06
CA ASN D 137 -35.30 23.57 -0.80
C ASN D 137 -34.13 22.63 -0.85
N LYS D 138 -34.35 21.40 -0.40
CA LYS D 138 -33.29 20.39 -0.32
C LYS D 138 -32.63 20.17 -1.69
N GLU D 139 -33.40 20.37 -2.77
CA GLU D 139 -32.83 20.33 -4.12
C GLU D 139 -33.22 21.51 -5.01
N LEU D 140 -32.30 21.88 -5.91
CA LEU D 140 -32.51 22.96 -6.88
C LEU D 140 -33.53 22.55 -7.94
N PRO D 141 -34.14 23.53 -8.62
CA PRO D 141 -35.14 23.13 -9.62
C PRO D 141 -34.52 22.34 -10.76
N ASP D 142 -35.33 21.46 -11.35
CA ASP D 142 -34.92 20.63 -12.48
C ASP D 142 -34.20 21.45 -13.57
N SER D 143 -33.00 21.01 -13.95
CA SER D 143 -32.19 21.76 -14.91
C SER D 143 -32.80 21.77 -16.32
N LYS D 144 -33.44 20.68 -16.71
CA LYS D 144 -34.16 20.63 -17.98
C LYS D 144 -35.29 21.69 -18.02
N GLU D 145 -35.96 21.87 -16.88
CA GLU D 145 -37.04 22.84 -16.78
C GLU D 145 -36.51 24.27 -16.90
N VAL D 146 -35.43 24.56 -16.19
CA VAL D 146 -34.84 25.89 -16.24
C VAL D 146 -34.44 26.22 -17.68
N LEU D 147 -33.68 25.30 -18.27
CA LEU D 147 -33.29 25.38 -19.67
C LEU D 147 -34.48 25.66 -20.62
N GLU D 148 -35.50 24.83 -20.56
CA GLU D 148 -36.60 24.95 -21.51
C GLU D 148 -37.45 26.22 -21.33
N LYS D 149 -37.74 26.59 -20.09
CA LYS D 149 -38.62 27.71 -19.83
C LYS D 149 -37.93 29.06 -20.05
N VAL D 150 -36.63 29.19 -19.74
CA VAL D 150 -36.04 30.51 -19.90
C VAL D 150 -34.75 30.62 -20.70
N LEU D 151 -34.18 29.50 -21.14
CA LEU D 151 -32.91 29.57 -21.86
C LEU D 151 -33.01 29.23 -23.37
N LEU D 152 -33.81 28.24 -23.74
CA LEU D 152 -33.85 27.81 -25.15
C LEU D 152 -34.44 28.90 -26.06
N ARG D 153 -33.86 29.01 -27.25
CA ARG D 153 -34.26 30.03 -28.20
C ARG D 153 -35.60 29.67 -28.84
N ARG D 154 -36.51 30.62 -28.91
CA ARG D 154 -37.71 30.47 -29.71
C ARG D 154 -37.42 31.09 -31.08
N GLU D 155 -37.50 32.41 -31.13
CA GLU D 155 -37.06 33.17 -32.29
C GLU D 155 -35.63 33.65 -32.08
N PHE D 156 -34.85 33.69 -33.16
CA PHE D 156 -33.49 34.21 -33.06
C PHE D 156 -33.49 35.66 -32.61
N ILE D 157 -32.78 35.96 -31.54
CA ILE D 157 -32.69 37.34 -31.07
C ILE D 157 -31.33 37.91 -31.41
N PRO D 158 -31.29 38.78 -32.43
CA PRO D 158 -30.01 39.32 -32.91
C PRO D 158 -29.42 40.25 -31.87
N ASP D 159 -28.09 40.33 -31.80
CA ASP D 159 -27.44 41.28 -30.91
C ASP D 159 -27.62 42.69 -31.42
N PRO D 160 -28.20 43.56 -30.61
CA PRO D 160 -28.40 44.97 -30.95
C PRO D 160 -27.09 45.77 -30.98
N GLN D 161 -26.05 45.24 -30.35
CA GLN D 161 -24.74 45.88 -30.41
C GLN D 161 -24.02 45.58 -31.72
N GLY D 162 -24.66 44.74 -32.53
CA GLY D 162 -24.19 44.45 -33.88
C GLY D 162 -23.04 43.45 -33.98
N SER D 163 -22.78 42.70 -32.91
CA SER D 163 -21.72 41.69 -32.92
C SER D 163 -21.93 40.72 -34.06
N ASN D 164 -20.83 40.38 -34.74
CA ASN D 164 -20.94 39.50 -35.88
C ASN D 164 -20.25 38.17 -35.63
N MET D 165 -20.17 37.36 -36.68
CA MET D 165 -19.60 36.02 -36.56
C MET D 165 -18.07 36.06 -36.56
N MET D 166 -17.46 37.12 -37.09
CA MET D 166 -16.00 37.31 -36.85
C MET D 166 -15.78 37.44 -35.35
N PHE D 167 -16.64 38.19 -34.68
CA PHE D 167 -16.57 38.35 -33.23
C PHE D 167 -16.80 37.01 -32.51
N ALA D 168 -17.89 36.32 -32.86
CA ALA D 168 -18.23 35.10 -32.14
C ALA D 168 -17.12 34.04 -32.22
N PHE D 169 -16.59 33.81 -33.42
CA PHE D 169 -15.59 32.77 -33.56
C PHE D 169 -14.26 33.21 -32.95
N PHE D 170 -13.99 34.52 -32.96
CA PHE D 170 -12.82 35.03 -32.27
C PHE D 170 -12.92 34.74 -30.76
N ALA D 171 -14.09 35.01 -30.19
CA ALA D 171 -14.32 34.71 -28.78
C ALA D 171 -14.03 33.25 -28.50
N GLN D 172 -14.62 32.37 -29.31
CA GLN D 172 -14.44 30.95 -29.10
C GLN D 172 -12.96 30.54 -29.25
N HIS D 173 -12.31 31.06 -30.28
CA HIS D 173 -10.92 30.73 -30.58
C HIS D 173 -9.96 31.25 -29.49
N PHE D 174 -10.07 32.55 -29.20
CA PHE D 174 -9.24 33.18 -28.16
C PHE D 174 -9.43 32.51 -26.78
N THR D 175 -10.67 32.33 -26.36
CA THR D 175 -10.91 31.79 -25.02
C THR D 175 -10.55 30.34 -24.89
N HIS D 176 -10.53 29.60 -25.98
CA HIS D 176 -10.29 28.17 -25.81
C HIS D 176 -8.80 27.81 -25.61
N GLN D 177 -7.95 28.81 -25.47
CA GLN D 177 -6.58 28.51 -25.04
C GLN D 177 -6.49 28.42 -23.51
N PHE D 178 -7.41 29.05 -22.78
CA PHE D 178 -7.32 28.92 -21.32
C PHE D 178 -8.57 28.32 -20.65
N PHE D 179 -9.65 28.13 -21.42
CA PHE D 179 -10.75 27.28 -20.97
C PHE D 179 -10.58 25.93 -21.65
N LYS D 180 -9.98 24.97 -20.94
CA LYS D 180 -9.68 23.66 -21.50
C LYS D 180 -9.96 22.61 -20.44
N THR D 181 -11.23 22.38 -20.16
CA THR D 181 -11.61 21.55 -19.02
C THR D 181 -11.11 20.11 -19.20
N ASP D 182 -10.47 19.60 -18.16
CA ASP D 182 -9.97 18.22 -18.13
C ASP D 182 -11.08 17.27 -17.68
N HIS D 183 -11.88 16.79 -18.63
CA HIS D 183 -13.04 16.00 -18.30
C HIS D 183 -12.73 14.65 -17.62
N LYS D 184 -11.49 14.16 -17.73
CA LYS D 184 -11.11 12.95 -17.02
C LYS D 184 -11.07 13.19 -15.50
N ARG D 185 -10.85 14.43 -15.09
CA ARG D 185 -10.76 14.74 -13.67
C ARG D 185 -12.05 15.33 -13.14
N GLY D 186 -12.71 16.17 -13.95
CA GLY D 186 -13.98 16.76 -13.57
C GLY D 186 -14.05 18.22 -13.99
N PRO D 187 -15.23 18.85 -13.84
CA PRO D 187 -15.41 20.21 -14.34
C PRO D 187 -14.55 21.29 -13.64
N GLY D 188 -14.10 21.01 -12.43
CA GLY D 188 -13.28 21.97 -11.71
C GLY D 188 -11.80 21.91 -12.05
N PHE D 189 -11.47 21.19 -13.12
CA PHE D 189 -10.06 20.99 -13.52
C PHE D 189 -9.78 21.48 -14.94
N THR D 190 -8.56 21.94 -15.18
CA THR D 190 -8.17 22.45 -16.49
C THR D 190 -6.93 21.74 -17.02
N ARG D 191 -6.80 21.69 -18.36
CA ARG D 191 -5.56 21.20 -18.98
C ARG D 191 -4.69 22.38 -19.36
N GLY D 192 -5.18 23.60 -19.17
CA GLY D 192 -4.44 24.80 -19.56
C GLY D 192 -3.52 25.30 -18.46
N LEU D 193 -2.40 24.63 -18.28
CA LEU D 193 -1.55 24.89 -17.11
C LEU D 193 -0.84 26.24 -17.12
N GLY D 194 -0.82 26.90 -18.28
CA GLY D 194 -0.30 28.26 -18.36
C GLY D 194 -1.26 29.31 -17.82
N HIS D 195 -2.54 28.94 -17.71
CA HIS D 195 -3.53 29.79 -17.06
C HIS D 195 -3.60 31.20 -17.62
N GLY D 196 -3.54 31.31 -18.94
CA GLY D 196 -3.62 32.62 -19.56
C GLY D 196 -3.34 32.59 -21.05
N VAL D 197 -2.90 33.75 -21.55
CA VAL D 197 -2.69 33.93 -22.96
C VAL D 197 -1.31 33.51 -23.37
N ASP D 198 -1.10 32.21 -23.56
CA ASP D 198 0.21 31.70 -23.93
C ASP D 198 0.20 31.18 -25.36
N LEU D 199 -0.96 31.27 -25.98
CA LEU D 199 -1.21 30.84 -27.37
C LEU D 199 -0.89 29.39 -27.59
N ASN D 200 -1.09 28.57 -26.56
CA ASN D 200 -0.94 27.13 -26.74
C ASN D 200 -1.93 26.57 -27.74
N HIS D 201 -2.98 27.32 -28.04
CA HIS D 201 -3.97 26.87 -28.99
C HIS D 201 -3.46 26.98 -30.42
N ILE D 202 -2.30 27.62 -30.58
CA ILE D 202 -1.60 27.68 -31.86
C ILE D 202 -0.37 26.79 -31.80
N TYR D 203 0.33 26.85 -30.67
CA TYR D 203 1.64 26.23 -30.58
C TYR D 203 1.66 24.89 -29.85
N GLY D 204 0.55 24.54 -29.21
CA GLY D 204 0.50 23.31 -28.45
C GLY D 204 0.83 23.55 -26.99
N GLU D 205 0.18 22.78 -26.12
CA GLU D 205 0.35 22.90 -24.67
C GLU D 205 1.73 22.33 -24.23
N THR D 206 2.17 21.26 -24.90
CA THR D 206 3.43 20.63 -24.52
C THR D 206 4.50 20.81 -25.58
N LEU D 207 5.75 20.64 -25.13
CA LEU D 207 6.92 20.80 -25.96
C LEU D 207 6.90 19.80 -27.10
N ASP D 208 6.51 18.60 -26.79
CA ASP D 208 6.41 17.57 -27.75
C ASP D 208 5.43 17.90 -28.88
N ARG D 209 4.31 18.43 -28.49
CA ARG D 209 3.31 18.79 -29.47
C ARG D 209 3.83 19.96 -30.31
N GLN D 210 4.45 20.93 -29.64
CA GLN D 210 5.01 22.09 -30.32
C GLN D 210 6.02 21.68 -31.39
N HIS D 211 6.87 20.71 -31.06
CA HIS D 211 7.90 20.27 -31.99
C HIS D 211 7.33 19.56 -33.20
N LYS D 212 6.23 18.84 -33.00
CA LYS D 212 5.54 18.18 -34.10
C LYS D 212 4.87 19.18 -35.06
N LEU D 213 4.50 20.36 -34.55
CA LEU D 213 3.86 21.39 -35.37
C LEU D 213 4.86 22.32 -36.10
N ARG D 214 6.12 22.32 -35.67
CA ARG D 214 7.13 23.26 -36.20
C ARG D 214 7.81 22.73 -37.46
N LEU D 215 8.18 23.64 -38.35
CA LEU D 215 8.93 23.31 -39.56
C LEU D 215 10.42 23.18 -39.31
N PHE D 216 10.88 23.81 -38.22
CA PHE D 216 12.30 23.92 -37.85
C PHE D 216 13.16 24.53 -38.93
N LYS D 217 12.56 25.34 -39.80
CA LYS D 217 13.36 26.26 -40.60
C LYS D 217 12.75 27.65 -40.45
N ASP D 218 13.61 28.64 -40.22
CA ASP D 218 13.21 30.04 -40.17
C ASP D 218 12.15 30.37 -39.11
N GLY D 219 12.07 29.54 -38.08
CA GLY D 219 11.18 29.76 -36.97
C GLY D 219 9.76 29.34 -37.28
N LYS D 220 9.54 28.78 -38.47
CA LYS D 220 8.17 28.66 -38.98
C LYS D 220 7.38 27.46 -38.47
N LEU D 221 6.06 27.54 -38.59
CA LEU D 221 5.19 26.40 -38.36
C LEU D 221 4.98 25.66 -39.66
N LYS D 222 4.79 24.35 -39.58
CA LYS D 222 4.47 23.57 -40.76
C LYS D 222 3.13 23.99 -41.36
N TYR D 223 3.02 23.87 -42.67
CA TYR D 223 1.78 24.21 -43.35
C TYR D 223 1.70 23.40 -44.64
N GLN D 224 0.52 23.44 -45.27
CA GLN D 224 0.37 22.89 -46.60
C GLN D 224 -0.26 23.92 -47.52
N VAL D 225 -0.07 23.74 -48.82
CA VAL D 225 -0.66 24.62 -49.80
C VAL D 225 -1.75 23.83 -50.51
N ILE D 226 -2.98 24.33 -50.42
CA ILE D 226 -4.15 23.76 -51.08
C ILE D 226 -4.80 24.83 -51.97
N GLY D 227 -4.82 24.59 -53.28
CA GLY D 227 -5.31 25.55 -54.25
C GLY D 227 -4.62 26.91 -54.15
N GLY D 228 -3.30 26.88 -53.97
CA GLY D 228 -2.50 28.08 -53.88
C GLY D 228 -2.61 28.81 -52.56
N GLU D 229 -3.30 28.21 -51.61
CA GLU D 229 -3.54 28.83 -50.32
C GLU D 229 -2.90 28.03 -49.20
N VAL D 230 -2.39 28.75 -48.19
CA VAL D 230 -1.75 28.15 -47.03
C VAL D 230 -2.76 27.68 -45.98
N TYR D 231 -2.74 26.40 -45.65
CA TYR D 231 -3.55 25.87 -44.56
C TYR D 231 -2.71 25.14 -43.53
N PRO D 232 -3.31 24.80 -42.37
CA PRO D 232 -2.55 24.01 -41.41
C PRO D 232 -2.20 22.64 -41.99
N PRO D 233 -1.18 22.01 -41.43
CA PRO D 233 -0.75 20.67 -41.85
C PRO D 233 -1.74 19.62 -41.40
N THR D 234 -1.50 18.39 -41.83
CA THR D 234 -2.38 17.28 -41.46
C THR D 234 -1.87 16.47 -40.27
N VAL D 235 -2.78 15.69 -39.70
CA VAL D 235 -2.47 14.76 -38.61
C VAL D 235 -1.47 13.73 -39.09
N LYS D 236 -1.62 13.34 -40.35
CA LYS D 236 -0.74 12.35 -40.96
C LYS D 236 0.70 12.86 -41.05
N ASP D 237 0.85 14.12 -41.42
CA ASP D 237 2.17 14.70 -41.62
C ASP D 237 2.88 15.02 -40.29
N THR D 238 2.09 15.35 -39.26
CA THR D 238 2.64 15.81 -38.01
C THR D 238 2.56 14.80 -36.87
N GLN D 239 1.68 13.81 -36.97
CA GLN D 239 1.40 12.89 -35.84
C GLN D 239 0.87 13.60 -34.61
N VAL D 240 0.39 14.82 -34.80
CA VAL D 240 -0.30 15.55 -33.75
C VAL D 240 -1.71 14.99 -33.55
N GLU D 241 -2.05 14.72 -32.31
CA GLU D 241 -3.35 14.14 -32.00
C GLU D 241 -4.43 15.22 -32.08
N MET D 242 -5.51 14.93 -32.79
CA MET D 242 -6.64 15.86 -32.93
C MET D 242 -7.94 15.10 -32.70
N ILE D 243 -8.99 15.83 -32.38
CA ILE D 243 -10.29 15.21 -32.18
C ILE D 243 -11.10 15.35 -33.48
N TYR D 244 -11.31 14.23 -34.15
CA TYR D 244 -12.13 14.17 -35.36
C TYR D 244 -12.99 12.93 -35.34
N PRO D 245 -14.22 13.03 -35.89
CA PRO D 245 -15.04 11.83 -36.09
C PRO D 245 -14.35 10.87 -37.06
N PRO D 246 -14.55 9.55 -36.89
CA PRO D 246 -13.83 8.57 -37.70
C PRO D 246 -14.06 8.68 -39.21
N HIS D 247 -15.14 9.32 -39.64
CA HIS D 247 -15.45 9.37 -41.07
C HIS D 247 -14.70 10.50 -41.80
N ILE D 248 -13.98 11.34 -41.07
CA ILE D 248 -13.23 12.43 -41.70
C ILE D 248 -11.98 11.94 -42.43
N PRO D 249 -11.87 12.22 -43.75
CA PRO D 249 -10.71 11.79 -44.53
C PRO D 249 -9.40 12.37 -44.02
N GLU D 250 -8.31 11.63 -44.23
CA GLU D 250 -7.02 12.05 -43.72
C GLU D 250 -6.56 13.44 -44.21
N ASN D 251 -6.87 13.78 -45.46
CA ASN D 251 -6.46 15.07 -46.01
C ASN D 251 -7.22 16.25 -45.39
N LEU D 252 -8.25 15.96 -44.61
CA LEU D 252 -9.03 17.02 -43.99
C LEU D 252 -8.82 17.02 -42.49
N GLN D 253 -8.01 16.10 -41.99
CA GLN D 253 -7.67 16.13 -40.57
C GLN D 253 -6.56 17.12 -40.34
N PHE D 254 -6.92 18.39 -40.21
CA PHE D 254 -5.97 19.46 -39.94
C PHE D 254 -5.44 19.41 -38.51
N ALA D 255 -4.13 19.66 -38.37
CA ALA D 255 -3.47 19.63 -37.07
C ALA D 255 -3.13 21.02 -36.66
N VAL D 256 -3.66 21.45 -35.51
CA VAL D 256 -3.30 22.75 -34.95
C VAL D 256 -3.00 22.60 -33.45
N GLY D 257 -2.58 23.68 -32.79
CA GLY D 257 -2.17 23.61 -31.39
C GLY D 257 -3.22 23.07 -30.42
N GLN D 258 -4.47 23.49 -30.63
CA GLN D 258 -5.60 23.10 -29.79
C GLN D 258 -6.27 21.89 -30.41
N GLU D 259 -6.42 20.81 -29.64
CA GLU D 259 -6.89 19.54 -30.22
C GLU D 259 -8.35 19.53 -30.69
N VAL D 260 -9.16 20.50 -30.25
CA VAL D 260 -10.57 20.47 -30.63
C VAL D 260 -10.93 21.42 -31.78
N PHE D 261 -9.96 22.13 -32.34
CA PHE D 261 -10.30 23.19 -33.29
C PHE D 261 -10.75 22.68 -34.66
N GLY D 262 -10.79 21.36 -34.83
CA GLY D 262 -11.46 20.76 -35.98
C GLY D 262 -12.98 20.73 -35.80
N LEU D 263 -13.46 21.06 -34.61
CA LEU D 263 -14.90 21.08 -34.33
C LEU D 263 -15.71 21.88 -35.35
N VAL D 264 -15.28 23.12 -35.59
CA VAL D 264 -16.03 23.99 -36.47
C VAL D 264 -15.10 24.76 -37.39
N PRO D 265 -15.54 24.93 -38.64
CA PRO D 265 -14.74 25.63 -39.64
C PRO D 265 -14.43 27.06 -39.19
N GLY D 266 -15.28 27.62 -38.32
CA GLY D 266 -15.03 28.95 -37.77
C GLY D 266 -13.76 29.02 -36.94
N LEU D 267 -13.50 27.98 -36.16
CA LEU D 267 -12.26 27.90 -35.39
C LEU D 267 -11.08 27.67 -36.31
N MET D 268 -11.29 26.83 -37.31
CA MET D 268 -10.23 26.49 -38.23
C MET D 268 -9.88 27.73 -39.04
N MET D 269 -10.86 28.61 -39.24
CA MET D 269 -10.56 29.86 -39.92
C MET D 269 -9.52 30.67 -39.15
N TYR D 270 -9.74 30.82 -37.84
CA TYR D 270 -8.86 31.64 -37.04
C TYR D 270 -7.51 30.94 -36.84
N ALA D 271 -7.50 29.62 -36.70
CA ALA D 271 -6.25 28.87 -36.61
C ALA D 271 -5.40 29.07 -37.86
N THR D 272 -6.05 29.15 -39.02
CA THR D 272 -5.32 29.36 -40.26
C THR D 272 -4.74 30.78 -40.32
N ILE D 273 -5.54 31.78 -39.95
CA ILE D 273 -5.09 33.15 -39.95
C ILE D 273 -3.88 33.35 -39.01
N TRP D 274 -3.96 32.81 -37.79
CA TRP D 274 -2.89 33.00 -36.83
C TRP D 274 -1.65 32.23 -37.24
N LEU D 275 -1.85 31.04 -37.81
CA LEU D 275 -0.76 30.29 -38.40
C LEU D 275 -0.04 31.11 -39.47
N ARG D 276 -0.79 31.72 -40.38
CA ARG D 276 -0.20 32.58 -41.39
C ARG D 276 0.54 33.76 -40.76
N GLU D 277 0.00 34.31 -39.69
CA GLU D 277 0.60 35.47 -39.03
C GLU D 277 1.98 35.14 -38.43
N HIS D 278 2.07 33.99 -37.78
CA HIS D 278 3.33 33.56 -37.23
C HIS D 278 4.43 33.49 -38.29
N ASN D 279 4.12 32.83 -39.40
CA ASN D 279 5.09 32.65 -40.48
C ASN D 279 5.41 33.95 -41.18
N ARG D 280 4.46 34.89 -41.19
CA ARG D 280 4.72 36.22 -41.71
C ARG D 280 5.77 36.91 -40.82
N VAL D 281 5.57 36.81 -39.51
CA VAL D 281 6.47 37.46 -38.56
C VAL D 281 7.87 36.83 -38.58
N CYS D 282 7.96 35.54 -38.84
CA CYS D 282 9.25 34.90 -39.06
C CYS D 282 9.98 35.52 -40.25
N ASP D 283 9.25 35.79 -41.32
CA ASP D 283 9.85 36.36 -42.51
C ASP D 283 10.38 37.73 -42.16
N ILE D 284 9.60 38.50 -41.42
CA ILE D 284 10.00 39.83 -41.00
C ILE D 284 11.26 39.80 -40.08
N LEU D 285 11.26 38.91 -39.09
CA LEU D 285 12.40 38.80 -38.19
C LEU D 285 13.67 38.29 -38.88
N LYS D 286 13.52 37.37 -39.82
CA LYS D 286 14.67 36.87 -40.56
C LYS D 286 15.28 37.99 -41.41
N GLN D 287 14.41 38.84 -41.96
CA GLN D 287 14.82 40.05 -42.67
C GLN D 287 15.68 40.93 -41.74
N GLU D 288 15.23 41.12 -40.50
CA GLU D 288 15.97 41.92 -39.52
C GLU D 288 17.22 41.23 -38.99
N HIS D 289 17.15 39.91 -38.89
CA HIS D 289 18.22 39.13 -38.28
C HIS D 289 18.62 37.94 -39.13
N PRO D 290 19.36 38.19 -40.22
CA PRO D 290 19.88 37.06 -40.99
C PRO D 290 20.82 36.18 -40.14
N GLU D 291 21.33 36.69 -39.02
CA GLU D 291 22.23 35.93 -38.14
C GLU D 291 21.47 35.05 -37.14
N TRP D 292 20.14 35.14 -37.08
CA TRP D 292 19.40 34.32 -36.10
C TRP D 292 19.15 32.89 -36.58
N GLY D 293 19.09 31.95 -35.63
CA GLY D 293 18.74 30.57 -35.97
C GLY D 293 17.24 30.32 -35.87
N ASP D 294 16.82 29.12 -36.27
CA ASP D 294 15.41 28.77 -36.27
C ASP D 294 14.77 28.89 -34.88
N GLU D 295 15.48 28.48 -33.83
CA GLU D 295 14.87 28.45 -32.49
C GLU D 295 14.51 29.87 -32.05
N GLN D 296 15.44 30.82 -32.18
CA GLN D 296 15.15 32.18 -31.77
C GLN D 296 14.09 32.87 -32.65
N LEU D 297 14.03 32.54 -33.93
CA LEU D 297 12.99 33.10 -34.80
C LEU D 297 11.62 32.62 -34.33
N PHE D 298 11.50 31.32 -34.03
CA PHE D 298 10.26 30.78 -33.52
C PHE D 298 9.80 31.44 -32.22
N GLN D 299 10.70 31.51 -31.25
CA GLN D 299 10.36 31.98 -29.90
C GLN D 299 10.01 33.46 -29.92
N THR D 300 10.72 34.22 -30.74
CA THR D 300 10.50 35.65 -30.80
C THR D 300 9.18 35.95 -31.52
N SER D 301 8.86 35.16 -32.56
CA SER D 301 7.57 35.29 -33.23
C SER D 301 6.45 34.98 -32.24
N ARG D 302 6.63 33.92 -31.47
CA ARG D 302 5.63 33.57 -30.49
C ARG D 302 5.37 34.71 -29.50
N LEU D 303 6.42 35.36 -29.02
CA LEU D 303 6.23 36.50 -28.10
C LEU D 303 5.47 37.63 -28.79
N ILE D 304 5.78 37.87 -30.06
CA ILE D 304 5.18 38.93 -30.83
C ILE D 304 3.66 38.64 -31.04
N LEU D 305 3.31 37.40 -31.34
CA LEU D 305 1.92 37.03 -31.52
C LEU D 305 1.16 37.10 -30.20
N ILE D 306 1.84 36.80 -29.08
CA ILE D 306 1.21 36.99 -27.80
C ILE D 306 0.85 38.47 -27.63
N GLY D 307 1.79 39.36 -27.93
CA GLY D 307 1.56 40.79 -27.92
C GLY D 307 0.39 41.23 -28.79
N GLU D 308 0.39 40.79 -30.03
CA GLU D 308 -0.68 41.13 -30.97
C GLU D 308 -2.06 40.71 -30.47
N THR D 309 -2.13 39.50 -29.95
CA THR D 309 -3.34 38.97 -29.38
C THR D 309 -3.88 39.90 -28.30
N ILE D 310 -3.02 40.25 -27.34
CA ILE D 310 -3.43 41.11 -26.23
C ILE D 310 -3.85 42.47 -26.76
N LYS D 311 -3.09 42.98 -27.73
CA LYS D 311 -3.41 44.24 -28.36
C LYS D 311 -4.82 44.23 -29.00
N ILE D 312 -5.08 43.21 -29.79
CA ILE D 312 -6.34 43.10 -30.48
C ILE D 312 -7.48 42.85 -29.51
N VAL D 313 -7.28 41.96 -28.54
CA VAL D 313 -8.32 41.68 -27.58
C VAL D 313 -8.76 42.96 -26.84
N ILE D 314 -7.80 43.79 -26.45
CA ILE D 314 -8.15 45.04 -25.76
C ILE D 314 -8.76 46.13 -26.67
N GLU D 315 -8.10 46.44 -27.79
CA GLU D 315 -8.47 47.64 -28.54
C GLU D 315 -9.52 47.39 -29.64
N ASP D 316 -9.80 46.12 -29.93
CA ASP D 316 -10.85 45.78 -30.89
C ASP D 316 -11.98 45.00 -30.22
N TYR D 317 -11.61 43.91 -29.57
CA TYR D 317 -12.58 42.96 -29.04
C TYR D 317 -13.32 43.51 -27.85
N VAL D 318 -12.59 43.73 -26.77
CA VAL D 318 -13.15 44.37 -25.58
C VAL D 318 -13.67 45.75 -25.91
N GLN D 319 -13.02 46.42 -26.85
CA GLN D 319 -13.47 47.73 -27.25
C GLN D 319 -14.91 47.64 -27.78
N HIS D 320 -15.19 46.60 -28.58
CA HIS D 320 -16.53 46.41 -29.15
C HIS D 320 -17.60 45.96 -28.15
N LEU D 321 -17.34 44.89 -27.40
CA LEU D 321 -18.38 44.41 -26.48
C LEU D 321 -18.66 45.41 -25.33
N SER D 322 -17.65 46.18 -24.92
CA SER D 322 -17.87 47.17 -23.85
C SER D 322 -18.90 48.22 -24.26
N GLY D 323 -18.87 48.61 -25.53
CA GLY D 323 -19.76 49.64 -26.05
C GLY D 323 -19.29 51.06 -25.74
N TYR D 324 -18.10 51.20 -25.17
CA TYR D 324 -17.64 52.51 -24.72
C TYR D 324 -17.29 53.43 -25.87
N HIS D 325 -17.47 54.73 -25.67
CA HIS D 325 -17.03 55.74 -26.63
C HIS D 325 -15.56 56.08 -26.40
N PHE D 326 -15.12 55.94 -25.16
CA PHE D 326 -13.70 56.07 -24.82
C PHE D 326 -12.94 54.96 -25.52
N LYS D 327 -11.79 55.31 -26.09
CA LYS D 327 -10.98 54.36 -26.84
C LYS D 327 -9.93 53.68 -25.96
N LEU D 328 -10.17 52.42 -25.63
CA LEU D 328 -9.25 51.66 -24.79
C LEU D 328 -7.85 51.62 -25.40
N LYS D 329 -6.86 51.34 -24.55
CA LYS D 329 -5.47 51.38 -24.96
C LYS D 329 -4.64 50.25 -24.32
N PHE D 330 -3.94 49.47 -25.13
CA PHE D 330 -3.01 48.49 -24.60
C PHE D 330 -1.67 49.17 -24.38
N ASP D 331 -1.36 49.44 -23.12
CA ASP D 331 -0.10 50.07 -22.76
C ASP D 331 0.34 49.64 -21.36
N PRO D 332 1.16 48.58 -21.31
CA PRO D 332 1.72 48.02 -20.07
C PRO D 332 2.38 49.10 -19.19
N GLU D 333 2.91 50.16 -19.78
CA GLU D 333 3.61 51.19 -19.00
C GLU D 333 2.70 51.84 -17.97
N LEU D 334 1.41 51.83 -18.24
CA LEU D 334 0.45 52.46 -17.36
C LEU D 334 0.41 51.82 -15.96
N LEU D 335 0.85 50.57 -15.88
CA LEU D 335 0.84 49.88 -14.60
C LEU D 335 2.21 49.92 -13.90
N PHE D 336 3.23 50.45 -14.57
CA PHE D 336 4.61 50.36 -14.05
C PHE D 336 4.87 51.09 -12.73
N ASN D 337 4.08 52.13 -12.44
CA ASN D 337 4.20 52.80 -11.15
C ASN D 337 2.99 52.44 -10.26
N GLN D 338 2.33 51.35 -10.58
CA GLN D 338 1.19 50.84 -9.82
C GLN D 338 1.48 49.50 -9.17
N GLN D 339 0.78 49.17 -8.09
CA GLN D 339 0.84 47.82 -7.54
C GLN D 339 0.01 46.87 -8.37
N PHE D 340 0.64 45.80 -8.83
CA PHE D 340 -0.04 44.88 -9.71
C PHE D 340 0.77 43.59 -9.78
N GLN D 341 0.11 42.44 -9.68
CA GLN D 341 0.77 41.15 -9.72
C GLN D 341 0.80 40.60 -11.14
N TYR D 342 2.01 40.44 -11.69
CA TYR D 342 2.12 39.85 -13.03
C TYR D 342 2.02 38.32 -12.97
N GLN D 343 0.82 37.86 -12.67
CA GLN D 343 0.48 36.45 -12.66
C GLN D 343 -1.04 36.28 -12.78
N ASN D 344 -1.48 35.06 -13.06
CA ASN D 344 -2.90 34.79 -13.21
C ASN D 344 -3.19 33.31 -13.04
N ARG D 345 -4.33 33.01 -12.44
CA ARG D 345 -4.87 31.68 -12.35
C ARG D 345 -6.32 31.76 -12.85
N ILE D 346 -6.68 30.93 -13.84
CA ILE D 346 -8.01 31.00 -14.47
C ILE D 346 -9.11 30.54 -13.51
N ALA D 347 -10.12 31.37 -13.32
CA ALA D 347 -11.23 31.08 -12.40
C ALA D 347 -12.33 30.28 -13.08
N SER D 348 -12.92 29.36 -12.31
CA SER D 348 -14.00 28.52 -12.80
C SER D 348 -15.18 29.38 -13.24
N GLU D 349 -15.47 30.39 -12.45
CA GLU D 349 -16.59 31.28 -12.70
C GLU D 349 -16.38 32.08 -13.99
N PHE D 350 -15.12 32.35 -14.32
CA PHE D 350 -14.77 33.03 -15.58
C PHE D 350 -15.16 32.15 -16.77
N ASN D 351 -14.81 30.87 -16.67
CA ASN D 351 -15.20 29.84 -17.63
C ASN D 351 -16.73 29.78 -17.77
N THR D 352 -17.41 29.68 -16.64
CA THR D 352 -18.86 29.56 -16.62
C THR D 352 -19.55 30.76 -17.27
N LEU D 353 -19.13 31.98 -16.90
CA LEU D 353 -19.77 33.16 -17.46
C LEU D 353 -19.45 33.30 -18.97
N TYR D 354 -18.41 32.62 -19.47
CA TYR D 354 -17.98 32.90 -20.82
C TYR D 354 -18.64 31.86 -21.77
N HIS D 355 -19.63 31.14 -21.27
CA HIS D 355 -20.39 30.25 -22.14
C HIS D 355 -21.39 31.06 -22.96
N TRP D 356 -20.92 31.73 -24.01
CA TRP D 356 -21.76 32.65 -24.78
C TRP D 356 -22.47 32.00 -25.98
N HIS D 357 -23.03 30.81 -25.79
CA HIS D 357 -23.67 30.11 -26.89
C HIS D 357 -24.88 30.81 -27.53
N PRO D 358 -25.55 31.73 -26.80
CA PRO D 358 -26.57 32.48 -27.55
C PRO D 358 -26.00 33.27 -28.73
N LEU D 359 -24.67 33.45 -28.76
CA LEU D 359 -24.04 34.14 -29.89
C LEU D 359 -24.33 33.43 -31.20
N LEU D 360 -24.43 32.11 -31.13
CA LEU D 360 -24.52 31.30 -32.33
C LEU D 360 -25.87 31.50 -33.03
N PRO D 361 -25.83 31.63 -34.35
CA PRO D 361 -26.98 31.79 -35.24
C PRO D 361 -27.73 30.48 -35.48
N ASP D 362 -28.86 30.54 -36.19
CA ASP D 362 -29.56 29.30 -36.48
C ASP D 362 -28.91 28.60 -37.68
N THR D 363 -28.35 29.40 -38.58
CA THR D 363 -27.57 28.86 -39.70
C THR D 363 -26.25 29.62 -39.87
N PHE D 364 -25.28 28.99 -40.50
CA PHE D 364 -24.03 29.68 -40.77
C PHE D 364 -24.02 30.08 -42.24
N ASN D 365 -23.97 31.37 -42.49
CA ASN D 365 -24.20 31.92 -43.84
C ASN D 365 -22.93 32.32 -44.55
N ILE D 366 -22.48 31.48 -45.47
CA ILE D 366 -21.26 31.73 -46.21
C ILE D 366 -21.52 31.86 -47.70
N GLU D 367 -21.14 32.99 -48.27
CA GLU D 367 -21.50 33.34 -49.63
C GLU D 367 -23.01 33.16 -49.83
N ASP D 368 -23.40 32.23 -50.70
CA ASP D 368 -24.83 32.02 -51.00
C ASP D 368 -25.43 30.83 -50.23
N GLN D 369 -24.61 30.13 -49.44
CA GLN D 369 -25.10 28.96 -48.71
C GLN D 369 -25.51 29.29 -47.28
N GLU D 370 -26.37 28.45 -46.72
CA GLU D 370 -26.74 28.57 -45.31
C GLU D 370 -26.63 27.18 -44.68
N TYR D 371 -25.56 26.93 -43.93
CA TYR D 371 -25.33 25.59 -43.39
C TYR D 371 -26.01 25.43 -42.06
N SER D 372 -26.71 24.32 -41.88
CA SER D 372 -27.20 23.95 -40.55
C SER D 372 -26.03 23.54 -39.67
N PHE D 373 -26.29 23.43 -38.37
CA PHE D 373 -25.29 22.95 -37.43
C PHE D 373 -24.73 21.60 -37.85
N LYS D 374 -25.61 20.69 -38.24
CA LYS D 374 -25.22 19.35 -38.65
C LYS D 374 -24.29 19.38 -39.85
N GLN D 375 -24.59 20.22 -40.83
CA GLN D 375 -23.73 20.33 -42.02
C GLN D 375 -22.42 21.02 -41.65
N PHE D 376 -22.47 21.86 -40.63
CA PHE D 376 -21.35 22.75 -40.32
C PHE D 376 -20.26 22.09 -39.48
N LEU D 377 -20.65 21.40 -38.41
CA LEU D 377 -19.73 20.79 -37.47
C LEU D 377 -18.79 19.76 -38.09
N TYR D 378 -17.51 19.85 -37.73
CA TYR D 378 -16.48 18.90 -38.15
C TYR D 378 -16.39 18.77 -39.66
N ASN D 379 -16.63 19.88 -40.35
CA ASN D 379 -16.67 19.86 -41.81
C ASN D 379 -15.73 20.91 -42.41
N ASN D 380 -14.44 20.61 -42.43
CA ASN D 380 -13.48 21.55 -42.95
C ASN D 380 -13.49 21.69 -44.47
N SER D 381 -14.25 20.84 -45.15
CA SER D 381 -14.37 20.98 -46.60
C SER D 381 -15.08 22.28 -46.94
N ILE D 382 -15.90 22.76 -46.01
CA ILE D 382 -16.58 24.05 -46.17
C ILE D 382 -15.54 25.16 -46.29
N LEU D 383 -14.51 25.12 -45.45
CA LEU D 383 -13.45 26.12 -45.50
C LEU D 383 -12.69 26.07 -46.81
N LEU D 384 -12.36 24.86 -47.28
CA LEU D 384 -11.65 24.72 -48.54
C LEU D 384 -12.50 25.16 -49.74
N GLU D 385 -13.80 24.88 -49.71
CA GLU D 385 -14.64 25.24 -50.86
C GLU D 385 -14.73 26.74 -51.09
N HIS D 386 -14.94 27.50 -50.02
CA HIS D 386 -15.19 28.93 -50.12
C HIS D 386 -13.90 29.76 -49.98
N GLY D 387 -12.95 29.27 -49.19
CA GLY D 387 -11.73 30.01 -48.95
C GLY D 387 -11.89 30.99 -47.79
N LEU D 388 -10.77 31.48 -47.29
CA LEU D 388 -10.78 32.37 -46.14
C LEU D 388 -11.41 33.69 -46.46
N THR D 389 -11.13 34.20 -47.65
CA THR D 389 -11.58 35.53 -48.03
C THR D 389 -13.10 35.58 -47.97
N GLN D 390 -13.76 34.60 -48.58
CA GLN D 390 -15.21 34.52 -48.54
C GLN D 390 -15.69 34.28 -47.10
N PHE D 391 -14.94 33.50 -46.31
CA PHE D 391 -15.31 33.30 -44.90
C PHE D 391 -15.36 34.62 -44.14
N VAL D 392 -14.27 35.38 -44.23
CA VAL D 392 -14.19 36.69 -43.58
C VAL D 392 -15.33 37.61 -44.04
N GLU D 393 -15.51 37.75 -45.35
CA GLU D 393 -16.57 38.61 -45.87
C GLU D 393 -17.95 38.21 -45.35
N SER D 394 -18.23 36.91 -45.32
CA SER D 394 -19.53 36.41 -44.88
C SER D 394 -19.74 36.58 -43.38
N PHE D 395 -18.72 36.24 -42.60
CA PHE D 395 -18.88 36.27 -41.16
C PHE D 395 -18.89 37.71 -40.66
N THR D 396 -18.34 38.62 -41.45
CA THR D 396 -18.34 40.03 -41.09
C THR D 396 -19.75 40.60 -41.26
N ARG D 397 -20.51 40.03 -42.21
CA ARG D 397 -21.89 40.45 -42.50
C ARG D 397 -22.96 39.79 -41.62
N GLN D 398 -22.69 38.59 -41.11
CA GLN D 398 -23.73 37.85 -40.41
C GLN D 398 -23.79 38.25 -38.93
N ILE D 399 -24.99 38.61 -38.50
CA ILE D 399 -25.25 39.06 -37.13
C ILE D 399 -25.21 37.87 -36.17
N ALA D 400 -24.64 38.10 -34.99
CA ALA D 400 -24.62 37.10 -33.95
C ALA D 400 -25.78 37.33 -33.00
N GLY D 401 -26.12 36.34 -32.18
CA GLY D 401 -27.22 36.45 -31.24
C GLY D 401 -26.87 37.22 -29.97
N ARG D 402 -27.90 37.80 -29.36
CA ARG D 402 -27.79 38.47 -28.06
C ARG D 402 -27.59 37.46 -26.93
N VAL D 403 -26.71 37.76 -25.98
CA VAL D 403 -26.41 36.79 -24.95
C VAL D 403 -27.31 36.91 -23.72
N ALA D 404 -27.45 38.12 -23.19
CA ALA D 404 -28.40 38.37 -22.11
C ALA D 404 -29.83 38.49 -22.67
N GLY D 405 -30.82 38.68 -21.79
CA GLY D 405 -32.20 38.92 -22.22
C GLY D 405 -33.09 37.68 -22.31
N GLY D 406 -32.48 36.51 -22.12
CA GLY D 406 -33.23 35.26 -22.03
C GLY D 406 -33.55 34.56 -23.35
N ARG D 407 -33.81 33.25 -23.25
CA ARG D 407 -34.38 32.47 -24.35
C ARG D 407 -33.67 32.66 -25.68
N ASN D 408 -32.36 32.49 -25.71
CA ASN D 408 -31.67 32.65 -26.98
C ASN D 408 -30.57 31.63 -27.21
N VAL D 409 -30.55 30.58 -26.40
CA VAL D 409 -29.65 29.45 -26.64
C VAL D 409 -30.19 28.58 -27.77
N PRO D 410 -29.43 28.46 -28.86
CA PRO D 410 -29.88 27.60 -29.96
C PRO D 410 -30.01 26.16 -29.48
N ILE D 411 -31.05 25.48 -29.92
CA ILE D 411 -31.39 24.17 -29.40
C ILE D 411 -30.37 23.11 -29.80
N ALA D 412 -29.64 23.37 -30.89
CA ALA D 412 -28.59 22.44 -31.33
C ALA D 412 -27.53 22.23 -30.23
N VAL D 413 -27.32 23.20 -29.34
CA VAL D 413 -26.34 23.00 -28.27
C VAL D 413 -27.02 23.01 -26.89
N GLN D 414 -28.24 22.50 -26.81
CA GLN D 414 -28.97 22.52 -25.55
C GLN D 414 -28.26 21.67 -24.49
N ALA D 415 -27.56 20.62 -24.92
CA ALA D 415 -26.84 19.73 -24.01
C ALA D 415 -25.70 20.46 -23.30
N VAL D 416 -25.09 21.43 -23.98
CA VAL D 416 -24.00 22.19 -23.39
C VAL D 416 -24.56 23.13 -22.33
N ALA D 417 -25.71 23.74 -22.63
CA ALA D 417 -26.37 24.64 -21.67
C ALA D 417 -26.84 23.88 -20.43
N LYS D 418 -27.36 22.66 -20.63
CA LYS D 418 -27.82 21.88 -19.50
C LYS D 418 -26.65 21.45 -18.62
N ALA D 419 -25.50 21.16 -19.24
CA ALA D 419 -24.32 20.78 -18.50
C ALA D 419 -23.75 21.98 -17.72
N SER D 420 -23.84 23.18 -18.29
CA SER D 420 -23.41 24.37 -17.56
C SER D 420 -24.16 24.47 -16.25
N ILE D 421 -25.47 24.20 -16.31
CA ILE D 421 -26.27 24.22 -15.09
C ILE D 421 -25.85 23.08 -14.17
N ASP D 422 -25.83 21.86 -14.68
CA ASP D 422 -25.55 20.70 -13.84
C ASP D 422 -24.14 20.74 -13.24
N GLN D 423 -23.18 21.19 -14.02
CA GLN D 423 -21.82 21.21 -13.52
C GLN D 423 -21.54 22.37 -12.57
N SER D 424 -22.20 23.50 -12.76
CA SER D 424 -22.16 24.59 -11.78
C SER D 424 -22.60 24.08 -10.42
N ARG D 425 -23.63 23.24 -10.42
CA ARG D 425 -24.16 22.68 -9.19
C ARG D 425 -23.22 21.65 -8.62
N GLU D 426 -22.68 20.81 -9.48
CA GLU D 426 -21.78 19.75 -9.07
C GLU D 426 -20.52 20.34 -8.40
N MET D 427 -20.07 21.49 -8.91
CA MET D 427 -18.95 22.21 -8.35
C MET D 427 -19.33 23.06 -7.12
N LYS D 428 -20.59 22.94 -6.70
CA LYS D 428 -21.12 23.64 -5.51
C LYS D 428 -20.96 25.16 -5.59
N TYR D 429 -21.33 25.77 -6.71
CA TYR D 429 -21.31 27.23 -6.82
C TYR D 429 -22.23 27.87 -5.81
N GLN D 430 -21.80 28.98 -5.23
CA GLN D 430 -22.72 29.79 -4.45
C GLN D 430 -23.70 30.48 -5.39
N SER D 431 -24.67 31.16 -4.78
CA SER D 431 -25.80 31.75 -5.48
C SER D 431 -25.44 32.99 -6.27
N LEU D 432 -26.32 33.35 -7.19
CA LEU D 432 -26.21 34.59 -7.95
C LEU D 432 -25.95 35.81 -7.07
N ASN D 433 -26.71 35.98 -6.00
CA ASN D 433 -26.59 37.20 -5.21
C ASN D 433 -25.31 37.21 -4.40
N GLU D 434 -24.79 36.03 -4.09
CA GLU D 434 -23.50 35.94 -3.41
C GLU D 434 -22.39 36.43 -4.33
N TYR D 435 -22.44 36.03 -5.58
CA TYR D 435 -21.46 36.50 -6.55
C TYR D 435 -21.63 38.00 -6.84
N ARG D 436 -22.86 38.52 -6.78
CA ARG D 436 -23.06 39.95 -6.96
C ARG D 436 -22.39 40.71 -5.79
N LYS D 437 -22.62 40.27 -4.55
CA LYS D 437 -21.96 40.90 -3.40
C LYS D 437 -20.44 40.77 -3.46
N ARG D 438 -19.97 39.62 -3.92
CA ARG D 438 -18.55 39.36 -4.06
C ARG D 438 -17.89 40.37 -5.02
N PHE D 439 -18.63 40.84 -6.01
CA PHE D 439 -18.06 41.79 -6.97
C PHE D 439 -18.61 43.20 -6.81
N SER D 440 -19.00 43.53 -5.58
CA SER D 440 -19.47 44.88 -5.20
C SER D 440 -20.78 45.28 -5.88
N LEU D 441 -21.66 44.33 -6.17
CA LEU D 441 -22.98 44.66 -6.75
C LEU D 441 -24.10 44.43 -5.75
N LYS D 442 -25.13 45.27 -5.84
CA LYS D 442 -26.28 45.11 -4.96
C LYS D 442 -27.09 43.87 -5.35
N PRO D 443 -27.42 43.03 -4.36
CA PRO D 443 -28.23 41.84 -4.63
C PRO D 443 -29.60 42.18 -5.21
N TYR D 444 -30.07 41.36 -6.15
CA TYR D 444 -31.40 41.47 -6.69
C TYR D 444 -32.39 41.09 -5.61
N THR D 445 -33.56 41.75 -5.60
CA THR D 445 -34.57 41.53 -4.56
C THR D 445 -35.84 40.82 -5.07
N SER D 446 -35.88 40.54 -6.37
CA SER D 446 -36.98 39.80 -6.99
C SER D 446 -36.54 39.33 -8.35
N PHE D 447 -37.33 38.43 -8.95
CA PHE D 447 -36.93 37.92 -10.26
C PHE D 447 -37.19 38.93 -11.37
N GLU D 448 -38.17 39.80 -11.15
CA GLU D 448 -38.52 40.85 -12.10
C GLU D 448 -37.44 41.93 -12.18
N GLU D 449 -36.80 42.20 -11.04
CA GLU D 449 -35.68 43.13 -11.02
C GLU D 449 -34.51 42.54 -11.79
N LEU D 450 -34.30 41.23 -11.64
CA LEU D 450 -33.27 40.53 -12.40
C LEU D 450 -33.52 40.56 -13.91
N THR D 451 -34.73 40.21 -14.35
CA THR D 451 -34.97 40.12 -15.80
C THR D 451 -35.43 41.43 -16.41
N GLY D 452 -36.11 42.28 -15.63
CA GLY D 452 -36.63 43.52 -16.18
C GLY D 452 -37.92 43.32 -16.96
N GLU D 453 -38.45 42.10 -16.91
CA GLU D 453 -39.66 41.71 -17.61
C GLU D 453 -40.57 40.92 -16.66
N LYS D 454 -41.69 40.39 -17.15
CA LYS D 454 -42.59 39.70 -16.25
C LYS D 454 -42.81 38.21 -16.52
N GLU D 455 -42.74 37.76 -17.77
CA GLU D 455 -43.00 36.34 -18.08
C GLU D 455 -41.87 35.41 -17.57
N MET D 456 -40.64 35.62 -18.03
CA MET D 456 -39.54 34.78 -17.58
C MET D 456 -39.35 34.89 -16.07
N ALA D 457 -39.56 36.09 -15.51
CA ALA D 457 -39.43 36.29 -14.06
C ALA D 457 -40.39 35.40 -13.28
N ALA D 458 -41.63 35.32 -13.76
CA ALA D 458 -42.67 34.51 -13.14
C ALA D 458 -42.37 33.02 -13.22
N GLU D 459 -41.85 32.59 -14.36
CA GLU D 459 -41.47 31.19 -14.51
C GLU D 459 -40.29 30.87 -13.62
N LEU D 460 -39.38 31.81 -13.46
CA LEU D 460 -38.25 31.61 -12.54
C LEU D 460 -38.74 31.57 -11.10
N LYS D 461 -39.77 32.35 -10.78
CA LYS D 461 -40.23 32.39 -9.40
C LYS D 461 -40.91 31.05 -9.02
N ALA D 462 -41.60 30.43 -9.96
CA ALA D 462 -42.24 29.14 -9.69
C ALA D 462 -41.20 28.03 -9.50
N LEU D 463 -40.06 28.16 -10.18
CA LEU D 463 -39.00 27.17 -10.08
C LEU D 463 -38.15 27.34 -8.82
N TYR D 464 -37.73 28.57 -8.52
CA TYR D 464 -36.76 28.83 -7.45
C TYR D 464 -37.34 29.35 -6.11
N SER D 465 -38.54 29.91 -6.15
CA SER D 465 -39.21 30.55 -5.00
C SER D 465 -38.48 31.80 -4.48
N ASP D 466 -37.21 31.66 -4.08
CA ASP D 466 -36.45 32.78 -3.51
C ASP D 466 -35.38 33.30 -4.45
N ILE D 467 -35.37 34.62 -4.65
CA ILE D 467 -34.37 35.25 -5.50
C ILE D 467 -32.93 35.00 -4.98
N ASP D 468 -32.78 34.82 -3.67
CA ASP D 468 -31.47 34.54 -3.07
C ASP D 468 -30.96 33.14 -3.35
N VAL D 469 -31.78 32.34 -4.03
CA VAL D 469 -31.47 30.96 -4.37
C VAL D 469 -31.21 30.86 -5.87
N MET D 470 -31.46 31.95 -6.59
CA MET D 470 -31.17 31.99 -8.02
C MET D 470 -29.69 31.64 -8.32
N GLU D 471 -29.46 30.85 -9.38
CA GLU D 471 -28.11 30.41 -9.72
C GLU D 471 -27.43 31.35 -10.70
N LEU D 472 -26.10 31.35 -10.70
CA LEU D 472 -25.29 32.29 -11.46
C LEU D 472 -25.43 32.14 -12.99
N TYR D 473 -25.21 30.94 -13.50
CA TYR D 473 -25.19 30.73 -14.93
C TYR D 473 -26.54 31.09 -15.61
N PRO D 474 -27.66 30.51 -15.14
CA PRO D 474 -28.92 30.87 -15.83
C PRO D 474 -29.22 32.37 -15.71
N ALA D 475 -28.86 32.97 -14.57
CA ALA D 475 -29.09 34.38 -14.33
C ALA D 475 -28.38 35.28 -15.33
N LEU D 476 -27.17 34.88 -15.72
CA LEU D 476 -26.41 35.66 -16.69
C LEU D 476 -27.13 35.73 -18.04
N LEU D 477 -27.79 34.64 -18.41
CA LEU D 477 -28.41 34.55 -19.72
C LEU D 477 -29.81 35.13 -19.73
N VAL D 478 -30.45 35.30 -18.57
CA VAL D 478 -31.78 35.90 -18.55
C VAL D 478 -31.77 37.32 -18.01
N GLU D 479 -30.60 37.78 -17.55
CA GLU D 479 -30.51 39.11 -16.94
C GLU D 479 -30.98 40.20 -17.89
N LYS D 480 -31.63 41.23 -17.34
CA LYS D 480 -31.93 42.42 -18.12
C LYS D 480 -30.66 42.97 -18.74
N PRO D 481 -30.64 43.05 -20.07
CA PRO D 481 -29.42 43.62 -20.67
C PRO D 481 -29.37 45.14 -20.43
N ARG D 482 -28.18 45.72 -20.51
CA ARG D 482 -28.04 47.18 -20.63
C ARG D 482 -28.77 47.63 -21.93
N PRO D 483 -29.18 48.91 -22.02
CA PRO D 483 -29.93 49.42 -23.17
C PRO D 483 -29.26 49.14 -24.53
N ASP D 484 -29.91 48.33 -25.36
CA ASP D 484 -29.36 47.92 -26.67
C ASP D 484 -27.94 47.34 -26.56
N ALA D 485 -27.67 46.70 -25.43
CA ALA D 485 -26.38 46.08 -25.20
C ALA D 485 -26.52 44.58 -25.27
N ILE D 486 -25.40 43.89 -25.46
CA ILE D 486 -25.40 42.44 -25.58
C ILE D 486 -25.49 41.75 -24.20
N PHE D 487 -25.03 42.44 -23.16
CA PHE D 487 -24.89 41.87 -21.82
C PHE D 487 -25.63 42.66 -20.75
N GLY D 488 -25.99 42.00 -19.66
CA GLY D 488 -26.45 42.68 -18.46
C GLY D 488 -25.30 43.05 -17.53
N GLU D 489 -25.63 43.69 -16.41
CA GLU D 489 -24.64 44.18 -15.45
C GLU D 489 -23.69 43.13 -14.89
N THR D 490 -24.25 41.99 -14.46
CA THR D 490 -23.46 40.95 -13.81
C THR D 490 -22.36 40.37 -14.72
N MET D 491 -22.71 40.14 -15.98
CA MET D 491 -21.74 39.63 -16.93
C MET D 491 -20.50 40.53 -17.04
N VAL D 492 -20.75 41.83 -17.18
CA VAL D 492 -19.69 42.80 -17.38
C VAL D 492 -18.81 42.94 -16.15
N GLU D 493 -19.45 43.06 -14.99
CA GLU D 493 -18.76 43.35 -13.75
C GLU D 493 -18.01 42.15 -13.18
N LEU D 494 -18.42 40.94 -13.55
CA LEU D 494 -17.65 39.76 -13.17
C LEU D 494 -16.55 39.51 -14.18
N GLY D 495 -16.85 39.73 -15.45
CA GLY D 495 -15.93 39.44 -16.53
C GLY D 495 -14.72 40.35 -16.64
N ALA D 496 -14.93 41.63 -16.38
CA ALA D 496 -13.87 42.61 -16.57
C ALA D 496 -12.66 42.32 -15.68
N PRO D 497 -12.85 42.11 -14.35
CA PRO D 497 -11.65 41.85 -13.53
C PRO D 497 -10.91 40.55 -13.91
N PHE D 498 -11.63 39.47 -14.22
CA PHE D 498 -11.01 38.21 -14.64
C PHE D 498 -10.21 38.45 -15.91
N SER D 499 -10.81 39.21 -16.81
CA SER D 499 -10.21 39.49 -18.10
C SER D 499 -8.93 40.33 -18.00
N LEU D 500 -8.99 41.36 -17.17
CA LEU D 500 -7.84 42.23 -16.91
C LEU D 500 -6.59 41.43 -16.53
N LYS D 501 -6.75 40.53 -15.57
CA LYS D 501 -5.64 39.74 -15.07
C LYS D 501 -5.10 38.81 -16.15
N GLY D 502 -6.01 38.26 -16.95
CA GLY D 502 -5.61 37.39 -18.04
C GLY D 502 -4.77 38.13 -19.06
N LEU D 503 -5.08 39.41 -19.26
CA LEU D 503 -4.41 40.18 -20.30
C LEU D 503 -3.20 40.93 -19.76
N MET D 504 -3.37 41.73 -18.71
CA MET D 504 -2.23 42.50 -18.23
C MET D 504 -1.30 41.68 -17.33
N GLY D 505 -1.81 40.57 -16.78
CA GLY D 505 -1.02 39.72 -15.91
C GLY D 505 0.04 38.92 -16.65
N ASN D 506 -0.05 38.87 -17.97
CA ASN D 506 0.94 38.15 -18.79
C ASN D 506 2.38 38.70 -18.59
N PRO D 507 3.38 37.81 -18.53
CA PRO D 507 4.77 38.28 -18.30
C PRO D 507 5.27 39.29 -19.32
N ILE D 508 4.80 39.28 -20.56
CA ILE D 508 5.32 40.24 -21.55
C ILE D 508 4.90 41.68 -21.24
N CYS D 509 3.97 41.85 -20.31
CA CYS D 509 3.57 43.19 -19.90
C CYS D 509 4.39 43.73 -18.74
N SER D 510 5.20 42.87 -18.14
CA SER D 510 6.00 43.26 -17.00
C SER D 510 7.20 44.10 -17.49
N PRO D 511 7.73 44.95 -16.60
CA PRO D 511 8.82 45.87 -16.98
C PRO D 511 10.03 45.19 -17.65
N GLN D 512 10.43 44.02 -17.19
CA GLN D 512 11.61 43.41 -17.72
C GLN D 512 11.38 42.85 -19.12
N TYR D 513 10.15 42.56 -19.46
CA TYR D 513 9.81 42.08 -20.79
C TYR D 513 9.37 43.18 -21.77
N TRP D 514 8.75 44.24 -21.29
CA TRP D 514 8.11 45.18 -22.21
C TRP D 514 9.12 46.17 -22.75
N LYS D 515 9.95 45.71 -23.67
CA LYS D 515 10.98 46.54 -24.28
C LYS D 515 11.33 45.94 -25.65
N PRO D 516 11.82 46.77 -26.57
CA PRO D 516 12.01 46.32 -27.96
C PRO D 516 12.88 45.08 -28.14
N SER D 517 13.90 44.88 -27.32
CA SER D 517 14.79 43.73 -27.50
C SER D 517 14.12 42.39 -27.23
N THR D 518 13.08 42.38 -26.39
CA THR D 518 12.28 41.16 -26.18
C THR D 518 11.71 40.64 -27.49
N PHE D 519 11.40 41.57 -28.38
CA PHE D 519 10.66 41.24 -29.59
C PHE D 519 11.51 41.39 -30.85
N GLY D 520 12.83 41.31 -30.69
CA GLY D 520 13.75 41.35 -31.83
C GLY D 520 14.08 42.74 -32.31
N GLY D 521 13.77 43.74 -31.49
CA GLY D 521 14.00 45.12 -31.87
C GLY D 521 12.75 45.90 -32.20
N GLU D 522 12.92 47.14 -32.64
CA GLU D 522 11.81 48.06 -32.83
C GLU D 522 10.80 47.61 -33.88
N VAL D 523 11.27 46.81 -34.84
CA VAL D 523 10.37 46.29 -35.87
C VAL D 523 9.40 45.28 -35.25
N GLY D 524 9.92 44.40 -34.40
CA GLY D 524 9.05 43.46 -33.70
C GLY D 524 8.08 44.14 -32.77
N PHE D 525 8.57 45.15 -32.04
CA PHE D 525 7.76 45.92 -31.09
C PHE D 525 6.57 46.61 -31.79
N LYS D 526 6.84 47.15 -32.97
CA LYS D 526 5.86 47.91 -33.70
C LYS D 526 4.71 47.02 -34.19
N ILE D 527 5.02 45.77 -34.54
CA ILE D 527 3.99 44.81 -34.93
C ILE D 527 2.97 44.65 -33.81
N ILE D 528 3.44 44.52 -32.56
CA ILE D 528 2.53 44.48 -31.42
C ILE D 528 1.76 45.77 -31.29
N ASN D 529 2.48 46.88 -31.30
CA ASN D 529 1.83 48.13 -30.96
C ASN D 529 0.96 48.71 -32.07
N THR D 530 1.01 48.11 -33.25
CA THR D 530 0.10 48.55 -34.33
C THR D 530 -0.89 47.47 -34.76
N ALA D 531 -0.95 46.37 -34.01
CA ALA D 531 -1.84 45.26 -34.34
C ALA D 531 -3.31 45.65 -34.21
N SER D 532 -4.15 45.03 -35.03
CA SER D 532 -5.58 45.22 -34.99
C SER D 532 -6.24 44.03 -35.68
N ILE D 533 -7.53 43.83 -35.44
CA ILE D 533 -8.23 42.75 -36.12
C ILE D 533 -8.23 43.00 -37.63
N GLN D 534 -8.23 44.27 -38.04
CA GLN D 534 -8.22 44.56 -39.46
C GLN D 534 -6.87 44.23 -40.12
N SER D 535 -5.78 44.59 -39.46
CA SER D 535 -4.46 44.35 -40.04
C SER D 535 -4.14 42.84 -40.00
N LEU D 536 -4.62 42.14 -38.98
CA LEU D 536 -4.50 40.69 -38.91
C LEU D 536 -5.06 40.03 -40.17
N ILE D 537 -6.28 40.43 -40.54
CA ILE D 537 -6.93 39.87 -41.71
C ILE D 537 -6.23 40.35 -42.98
N CYS D 538 -5.92 41.64 -43.01
CA CYS D 538 -5.36 42.25 -44.20
C CYS D 538 -4.00 41.67 -44.61
N ASN D 539 -3.11 41.43 -43.64
CA ASN D 539 -1.81 40.84 -43.96
C ASN D 539 -1.87 39.35 -44.36
N ASN D 540 -2.94 38.67 -43.95
CA ASN D 540 -2.96 37.21 -44.03
C ASN D 540 -4.06 36.59 -44.86
N VAL D 541 -4.98 37.41 -45.33
CA VAL D 541 -6.10 36.93 -46.12
C VAL D 541 -6.03 37.57 -47.50
N LYS D 542 -6.07 36.77 -48.54
CA LYS D 542 -6.00 37.27 -49.93
C LYS D 542 -7.07 38.31 -50.23
N GLY D 543 -6.65 39.40 -50.89
CA GLY D 543 -7.56 40.48 -51.27
C GLY D 543 -7.70 41.57 -50.22
N CYS D 544 -7.18 41.30 -49.03
CA CYS D 544 -7.34 42.20 -47.88
C CYS D 544 -8.80 42.64 -47.70
N PRO D 545 -9.69 41.68 -47.40
CA PRO D 545 -11.08 42.11 -47.24
C PRO D 545 -11.24 42.92 -45.96
N PHE D 546 -12.10 43.92 -46.00
CA PHE D 546 -12.49 44.66 -44.81
C PHE D 546 -13.06 43.70 -43.76
N THR D 547 -12.72 43.93 -42.49
CA THR D 547 -13.35 43.15 -41.43
C THR D 547 -13.55 44.00 -40.19
N SER D 548 -14.33 43.47 -39.26
CA SER D 548 -14.75 44.20 -38.08
C SER D 548 -15.46 43.23 -37.16
N PHE D 549 -15.65 43.61 -35.90
CA PHE D 549 -16.39 42.74 -35.00
C PHE D 549 -17.88 43.08 -34.97
N ASN D 550 -18.29 44.08 -35.73
CA ASN D 550 -19.71 44.37 -35.80
C ASN D 550 -20.22 44.59 -37.22
N VAL D 551 -21.47 44.22 -37.44
CA VAL D 551 -22.15 44.44 -38.71
C VAL D 551 -22.49 45.92 -38.84
N GLN D 552 -22.66 46.39 -40.08
CA GLN D 552 -23.14 47.74 -40.31
C GLN D 552 -23.52 47.94 -41.77
#